data_4PJS
# 
_entry.id   4PJS 
# 
_audit_conform.dict_name       mmcif_pdbx.dic 
_audit_conform.dict_version    5.397 
_audit_conform.dict_location   http://mmcif.pdb.org/dictionaries/ascii/mmcif_pdbx.dic 
# 
loop_
_database_2.database_id 
_database_2.database_code 
_database_2.pdbx_database_accession 
_database_2.pdbx_DOI 
PDB   4PJS         pdb_00004pjs 10.2210/pdb4pjs/pdb 
WWPDB D_1000201540 ?            ?                   
# 
loop_
_pdbx_audit_revision_history.ordinal 
_pdbx_audit_revision_history.data_content_type 
_pdbx_audit_revision_history.major_revision 
_pdbx_audit_revision_history.minor_revision 
_pdbx_audit_revision_history.revision_date 
1 'Structure model' 1 0 2014-12-24 
2 'Structure model' 1 1 2014-12-31 
3 'Structure model' 1 2 2017-09-13 
4 'Structure model' 1 3 2017-11-22 
5 'Structure model' 1 4 2020-01-01 
6 'Structure model' 1 5 2023-12-27 
7 'Structure model' 1 6 2024-10-16 
# 
_pdbx_audit_revision_details.ordinal             1 
_pdbx_audit_revision_details.revision_ordinal    1 
_pdbx_audit_revision_details.data_content_type   'Structure model' 
_pdbx_audit_revision_details.provider            repository 
_pdbx_audit_revision_details.type                'Initial release' 
_pdbx_audit_revision_details.description         ? 
_pdbx_audit_revision_details.details             ? 
# 
loop_
_pdbx_audit_revision_group.ordinal 
_pdbx_audit_revision_group.revision_ordinal 
_pdbx_audit_revision_group.data_content_type 
_pdbx_audit_revision_group.group 
1  2 'Structure model' 'Database references'        
2  3 'Structure model' 'Author supporting evidence' 
3  3 'Structure model' 'Derived calculations'       
4  3 'Structure model' Other                        
5  3 'Structure model' 'Source and taxonomy'        
6  3 'Structure model' 'Structure summary'          
7  4 'Structure model' 'Refinement description'     
8  5 'Structure model' 'Author supporting evidence' 
9  6 'Structure model' 'Data collection'            
10 6 'Structure model' 'Database references'        
11 6 'Structure model' 'Derived calculations'       
12 6 'Structure model' 'Refinement description'     
13 7 'Structure model' 'Structure summary'          
# 
loop_
_pdbx_audit_revision_category.ordinal 
_pdbx_audit_revision_category.revision_ordinal 
_pdbx_audit_revision_category.data_content_type 
_pdbx_audit_revision_category.category 
1  3 'Structure model' pdbx_audit_support        
2  3 'Structure model' pdbx_database_status      
3  3 'Structure model' pdbx_entity_src_syn       
4  3 'Structure model' pdbx_struct_assembly      
5  3 'Structure model' pdbx_struct_assembly_prop 
6  3 'Structure model' pdbx_struct_conn_angle    
7  3 'Structure model' pdbx_struct_oper_list     
8  3 'Structure model' struct_keywords           
9  4 'Structure model' software                  
10 5 'Structure model' pdbx_audit_support        
11 6 'Structure model' chem_comp_atom            
12 6 'Structure model' chem_comp_bond            
13 6 'Structure model' database_2                
14 6 'Structure model' pdbx_struct_conn_angle    
15 6 'Structure model' refine_hist               
16 6 'Structure model' struct_conn               
17 7 'Structure model' pdbx_entry_details        
18 7 'Structure model' pdbx_modification_feature 
# 
loop_
_pdbx_audit_revision_item.ordinal 
_pdbx_audit_revision_item.revision_ordinal 
_pdbx_audit_revision_item.data_content_type 
_pdbx_audit_revision_item.item 
1  3 'Structure model' '_pdbx_audit_support.funding_organization'    
2  3 'Structure model' '_pdbx_database_status.pdb_format_compatible' 
3  3 'Structure model' '_pdbx_entity_src_syn.pdbx_alt_source_flag'   
4  3 'Structure model' '_pdbx_struct_assembly.oligomeric_details'    
5  3 'Structure model' '_pdbx_struct_assembly_prop.type'             
6  3 'Structure model' '_pdbx_struct_assembly_prop.value'            
7  3 'Structure model' '_pdbx_struct_oper_list.symmetry_operation'   
8  3 'Structure model' '_struct_keywords.text'                       
9  4 'Structure model' '_software.classification'                    
10 5 'Structure model' '_pdbx_audit_support.funding_organization'    
11 6 'Structure model' '_database_2.pdbx_DOI'                        
12 6 'Structure model' '_database_2.pdbx_database_accession'         
13 6 'Structure model' '_pdbx_struct_conn_angle.ptnr1_auth_seq_id'   
14 6 'Structure model' '_pdbx_struct_conn_angle.ptnr1_symmetry'      
15 6 'Structure model' '_pdbx_struct_conn_angle.ptnr3_auth_seq_id'   
16 6 'Structure model' '_pdbx_struct_conn_angle.ptnr3_symmetry'      
17 6 'Structure model' '_pdbx_struct_conn_angle.value'               
18 6 'Structure model' '_struct_conn.conn_type_id'                   
19 6 'Structure model' '_struct_conn.id'                             
20 6 'Structure model' '_struct_conn.pdbx_dist_value'                
21 6 'Structure model' '_struct_conn.pdbx_leaving_atom_flag'         
22 6 'Structure model' '_struct_conn.pdbx_ptnr1_label_alt_id'        
23 6 'Structure model' '_struct_conn.ptnr1_auth_comp_id'             
24 6 'Structure model' '_struct_conn.ptnr1_auth_seq_id'              
25 6 'Structure model' '_struct_conn.ptnr1_label_atom_id'            
26 6 'Structure model' '_struct_conn.ptnr1_label_comp_id'            
27 6 'Structure model' '_struct_conn.ptnr1_label_seq_id'             
28 6 'Structure model' '_struct_conn.ptnr2_auth_comp_id'             
29 6 'Structure model' '_struct_conn.ptnr2_auth_seq_id'              
30 6 'Structure model' '_struct_conn.ptnr2_label_asym_id'            
31 6 'Structure model' '_struct_conn.ptnr2_label_atom_id'            
32 6 'Structure model' '_struct_conn.ptnr2_label_comp_id'            
33 6 'Structure model' '_struct_conn.ptnr2_label_seq_id'             
34 6 'Structure model' '_struct_conn.ptnr2_symmetry'                 
# 
_pdbx_database_status.status_code                     REL 
_pdbx_database_status.status_code_sf                  REL 
_pdbx_database_status.status_code_mr                  . 
_pdbx_database_status.entry_id                        4PJS 
_pdbx_database_status.recvd_initial_deposition_date   2014-05-12 
_pdbx_database_status.SG_entry                        N 
_pdbx_database_status.deposit_site                    RCSB 
_pdbx_database_status.process_site                    RCSB 
_pdbx_database_status.status_code_cs                  . 
_pdbx_database_status.methods_development_category    . 
_pdbx_database_status.pdb_format_compatible           Y 
_pdbx_database_status.status_code_nmr_data            ? 
# 
loop_
_pdbx_database_related.content_type 
_pdbx_database_related.db_id 
_pdbx_database_related.db_name 
_pdbx_database_related.details 
unspecified 4PJQ PDB . 
unspecified 4PJR PDB . 
# 
loop_
_audit_author.name 
_audit_author.pdbx_ordinal 
'Coquille, S.C.' 1 
'Filipovska, A.' 2 
'Chia, T.S.'     3 
'Rajappa, L.'    4 
'Lingford, J.P.' 5 
'Razif, M.F.M.'  6 
'Thore, S.'      7 
'Rackham, O.'    8 
# 
_citation.abstract                  . 
_citation.abstract_id_CAS           . 
_citation.book_id_ISBN              . 
_citation.book_publisher            ? 
_citation.book_publisher_city       . 
_citation.book_title                . 
_citation.coordinate_linkage        . 
_citation.country                   UK 
_citation.database_id_Medline       . 
_citation.details                   . 
_citation.id                        primary 
_citation.journal_abbrev            'Nat Commun' 
_citation.journal_id_ASTM           ? 
_citation.journal_id_CSD            ? 
_citation.journal_id_ISSN           2041-1723 
_citation.journal_full              . 
_citation.journal_issue             . 
_citation.journal_volume            5 
_citation.language                  . 
_citation.page_first                5729 
_citation.page_last                 5729 
_citation.title                     'An artificial PPR scaffold for programmable RNA recognition.' 
_citation.year                      2014 
_citation.database_id_CSD           . 
_citation.pdbx_database_id_DOI      10.1038/ncomms6729 
_citation.pdbx_database_id_PubMed   25517350 
_citation.unpublished_flag          . 
# 
loop_
_citation_author.citation_id 
_citation_author.name 
_citation_author.ordinal 
_citation_author.identifier_ORCID 
primary 'Coquille, S.'   1 ? 
primary 'Filipovska, A.' 2 ? 
primary 'Chia, T.'       3 ? 
primary 'Rajappa, L.'    4 ? 
primary 'Lingford, J.P.' 5 ? 
primary 'Razif, M.F.'    6 ? 
primary 'Thore, S.'      7 ? 
primary 'Rackham, O.'    8 ? 
# 
loop_
_entity.id 
_entity.type 
_entity.src_method 
_entity.pdbx_description 
_entity.formula_weight 
_entity.pdbx_number_of_molecules 
_entity.pdbx_ec 
_entity.pdbx_mutation 
_entity.pdbx_fragment 
_entity.details 
1 polymer     syn 'Pentatricopeptide repeat protein' 33295.066 1  ? ? ? ? 
2 non-polymer syn 'CALCIUM ION'                      40.078    1  ? ? ? ? 
3 water       nat water                              18.015    73 ? ? ? ? 
# 
_entity_poly.entity_id                      1 
_entity_poly.type                           'polypeptide(L)' 
_entity_poly.nstd_linkage                   no 
_entity_poly.nstd_monomer                   yes 
_entity_poly.pdbx_seq_one_letter_code       
;GNSVTYNTLISGLGKAGRLEEALELFEE(MSE)KEKGIVPDVVTYTTLISGLGKAGRLEEALELFEE(MSE)KEKGIVPD
VVTYNTLISGLGKAGRLEEALELFEE(MSE)KEKGIVPDVVTYTTLISGLGKAGRLEEALELFEE(MSE)KEKGIVPNVV
TYNTLISGLGKAGRLEEALELFEE(MSE)KEKGIVPDVVTYTTLISGLGKAGRLEEALELFEE(MSE)KEKGIVPNVVTY
NTLISGLGKAGRLEEALELFEE(MSE)KEKGIVPDVVTYTTLISGLGKAGRLEEALELFEE(MSE)KEKGIVPNVVTYNT
LISGLGKAGCGRALE
;
_entity_poly.pdbx_seq_one_letter_code_can   
;GNSVTYNTLISGLGKAGRLEEALELFEEMKEKGIVPDVVTYTTLISGLGKAGRLEEALELFEEMKEKGIVPDVVTYNTLI
SGLGKAGRLEEALELFEEMKEKGIVPDVVTYTTLISGLGKAGRLEEALELFEEMKEKGIVPNVVTYNTLISGLGKAGRLE
EALELFEEMKEKGIVPDVVTYTTLISGLGKAGRLEEALELFEEMKEKGIVPNVVTYNTLISGLGKAGRLEEALELFEEMK
EKGIVPDVVTYTTLISGLGKAGRLEEALELFEEMKEKGIVPNVVTYNTLISGLGKAGCGRALE
;
_entity_poly.pdbx_strand_id                 A 
_entity_poly.pdbx_target_identifier         ? 
# 
loop_
_pdbx_entity_nonpoly.entity_id 
_pdbx_entity_nonpoly.name 
_pdbx_entity_nonpoly.comp_id 
2 'CALCIUM ION' CA  
3 water         HOH 
# 
loop_
_entity_poly_seq.entity_id 
_entity_poly_seq.num 
_entity_poly_seq.mon_id 
_entity_poly_seq.hetero 
1 1   GLY n 
1 2   ASN n 
1 3   SER n 
1 4   VAL n 
1 5   THR n 
1 6   TYR n 
1 7   ASN n 
1 8   THR n 
1 9   LEU n 
1 10  ILE n 
1 11  SER n 
1 12  GLY n 
1 13  LEU n 
1 14  GLY n 
1 15  LYS n 
1 16  ALA n 
1 17  GLY n 
1 18  ARG n 
1 19  LEU n 
1 20  GLU n 
1 21  GLU n 
1 22  ALA n 
1 23  LEU n 
1 24  GLU n 
1 25  LEU n 
1 26  PHE n 
1 27  GLU n 
1 28  GLU n 
1 29  MSE n 
1 30  LYS n 
1 31  GLU n 
1 32  LYS n 
1 33  GLY n 
1 34  ILE n 
1 35  VAL n 
1 36  PRO n 
1 37  ASP n 
1 38  VAL n 
1 39  VAL n 
1 40  THR n 
1 41  TYR n 
1 42  THR n 
1 43  THR n 
1 44  LEU n 
1 45  ILE n 
1 46  SER n 
1 47  GLY n 
1 48  LEU n 
1 49  GLY n 
1 50  LYS n 
1 51  ALA n 
1 52  GLY n 
1 53  ARG n 
1 54  LEU n 
1 55  GLU n 
1 56  GLU n 
1 57  ALA n 
1 58  LEU n 
1 59  GLU n 
1 60  LEU n 
1 61  PHE n 
1 62  GLU n 
1 63  GLU n 
1 64  MSE n 
1 65  LYS n 
1 66  GLU n 
1 67  LYS n 
1 68  GLY n 
1 69  ILE n 
1 70  VAL n 
1 71  PRO n 
1 72  ASP n 
1 73  VAL n 
1 74  VAL n 
1 75  THR n 
1 76  TYR n 
1 77  ASN n 
1 78  THR n 
1 79  LEU n 
1 80  ILE n 
1 81  SER n 
1 82  GLY n 
1 83  LEU n 
1 84  GLY n 
1 85  LYS n 
1 86  ALA n 
1 87  GLY n 
1 88  ARG n 
1 89  LEU n 
1 90  GLU n 
1 91  GLU n 
1 92  ALA n 
1 93  LEU n 
1 94  GLU n 
1 95  LEU n 
1 96  PHE n 
1 97  GLU n 
1 98  GLU n 
1 99  MSE n 
1 100 LYS n 
1 101 GLU n 
1 102 LYS n 
1 103 GLY n 
1 104 ILE n 
1 105 VAL n 
1 106 PRO n 
1 107 ASP n 
1 108 VAL n 
1 109 VAL n 
1 110 THR n 
1 111 TYR n 
1 112 THR n 
1 113 THR n 
1 114 LEU n 
1 115 ILE n 
1 116 SER n 
1 117 GLY n 
1 118 LEU n 
1 119 GLY n 
1 120 LYS n 
1 121 ALA n 
1 122 GLY n 
1 123 ARG n 
1 124 LEU n 
1 125 GLU n 
1 126 GLU n 
1 127 ALA n 
1 128 LEU n 
1 129 GLU n 
1 130 LEU n 
1 131 PHE n 
1 132 GLU n 
1 133 GLU n 
1 134 MSE n 
1 135 LYS n 
1 136 GLU n 
1 137 LYS n 
1 138 GLY n 
1 139 ILE n 
1 140 VAL n 
1 141 PRO n 
1 142 ASN n 
1 143 VAL n 
1 144 VAL n 
1 145 THR n 
1 146 TYR n 
1 147 ASN n 
1 148 THR n 
1 149 LEU n 
1 150 ILE n 
1 151 SER n 
1 152 GLY n 
1 153 LEU n 
1 154 GLY n 
1 155 LYS n 
1 156 ALA n 
1 157 GLY n 
1 158 ARG n 
1 159 LEU n 
1 160 GLU n 
1 161 GLU n 
1 162 ALA n 
1 163 LEU n 
1 164 GLU n 
1 165 LEU n 
1 166 PHE n 
1 167 GLU n 
1 168 GLU n 
1 169 MSE n 
1 170 LYS n 
1 171 GLU n 
1 172 LYS n 
1 173 GLY n 
1 174 ILE n 
1 175 VAL n 
1 176 PRO n 
1 177 ASP n 
1 178 VAL n 
1 179 VAL n 
1 180 THR n 
1 181 TYR n 
1 182 THR n 
1 183 THR n 
1 184 LEU n 
1 185 ILE n 
1 186 SER n 
1 187 GLY n 
1 188 LEU n 
1 189 GLY n 
1 190 LYS n 
1 191 ALA n 
1 192 GLY n 
1 193 ARG n 
1 194 LEU n 
1 195 GLU n 
1 196 GLU n 
1 197 ALA n 
1 198 LEU n 
1 199 GLU n 
1 200 LEU n 
1 201 PHE n 
1 202 GLU n 
1 203 GLU n 
1 204 MSE n 
1 205 LYS n 
1 206 GLU n 
1 207 LYS n 
1 208 GLY n 
1 209 ILE n 
1 210 VAL n 
1 211 PRO n 
1 212 ASN n 
1 213 VAL n 
1 214 VAL n 
1 215 THR n 
1 216 TYR n 
1 217 ASN n 
1 218 THR n 
1 219 LEU n 
1 220 ILE n 
1 221 SER n 
1 222 GLY n 
1 223 LEU n 
1 224 GLY n 
1 225 LYS n 
1 226 ALA n 
1 227 GLY n 
1 228 ARG n 
1 229 LEU n 
1 230 GLU n 
1 231 GLU n 
1 232 ALA n 
1 233 LEU n 
1 234 GLU n 
1 235 LEU n 
1 236 PHE n 
1 237 GLU n 
1 238 GLU n 
1 239 MSE n 
1 240 LYS n 
1 241 GLU n 
1 242 LYS n 
1 243 GLY n 
1 244 ILE n 
1 245 VAL n 
1 246 PRO n 
1 247 ASP n 
1 248 VAL n 
1 249 VAL n 
1 250 THR n 
1 251 TYR n 
1 252 THR n 
1 253 THR n 
1 254 LEU n 
1 255 ILE n 
1 256 SER n 
1 257 GLY n 
1 258 LEU n 
1 259 GLY n 
1 260 LYS n 
1 261 ALA n 
1 262 GLY n 
1 263 ARG n 
1 264 LEU n 
1 265 GLU n 
1 266 GLU n 
1 267 ALA n 
1 268 LEU n 
1 269 GLU n 
1 270 LEU n 
1 271 PHE n 
1 272 GLU n 
1 273 GLU n 
1 274 MSE n 
1 275 LYS n 
1 276 GLU n 
1 277 LYS n 
1 278 GLY n 
1 279 ILE n 
1 280 VAL n 
1 281 PRO n 
1 282 ASN n 
1 283 VAL n 
1 284 VAL n 
1 285 THR n 
1 286 TYR n 
1 287 ASN n 
1 288 THR n 
1 289 LEU n 
1 290 ILE n 
1 291 SER n 
1 292 GLY n 
1 293 LEU n 
1 294 GLY n 
1 295 LYS n 
1 296 ALA n 
1 297 GLY n 
1 298 CYS n 
1 299 GLY n 
1 300 ARG n 
1 301 ALA n 
1 302 LEU n 
1 303 GLU n 
# 
_pdbx_entity_src_syn.entity_id              1 
_pdbx_entity_src_syn.pdbx_src_id            1 
_pdbx_entity_src_syn.pdbx_alt_source_flag   sample 
_pdbx_entity_src_syn.pdbx_beg_seq_num       1 
_pdbx_entity_src_syn.pdbx_end_seq_num       303 
_pdbx_entity_src_syn.organism_scientific    unidentified 
_pdbx_entity_src_syn.organism_common_name   ? 
_pdbx_entity_src_syn.ncbi_taxonomy_id       32644 
_pdbx_entity_src_syn.details                ? 
# 
loop_
_chem_comp.id 
_chem_comp.type 
_chem_comp.mon_nstd_flag 
_chem_comp.name 
_chem_comp.pdbx_synonyms 
_chem_comp.formula 
_chem_comp.formula_weight 
ALA 'L-peptide linking' y ALANINE          ? 'C3 H7 N O2'     89.093  
ARG 'L-peptide linking' y ARGININE         ? 'C6 H15 N4 O2 1' 175.209 
ASN 'L-peptide linking' y ASPARAGINE       ? 'C4 H8 N2 O3'    132.118 
ASP 'L-peptide linking' y 'ASPARTIC ACID'  ? 'C4 H7 N O4'     133.103 
CA  non-polymer         . 'CALCIUM ION'    ? 'Ca 2'           40.078  
CYS 'L-peptide linking' y CYSTEINE         ? 'C3 H7 N O2 S'   121.158 
GLU 'L-peptide linking' y 'GLUTAMIC ACID'  ? 'C5 H9 N O4'     147.129 
GLY 'peptide linking'   y GLYCINE          ? 'C2 H5 N O2'     75.067  
HOH non-polymer         . WATER            ? 'H2 O'           18.015  
ILE 'L-peptide linking' y ISOLEUCINE       ? 'C6 H13 N O2'    131.173 
LEU 'L-peptide linking' y LEUCINE          ? 'C6 H13 N O2'    131.173 
LYS 'L-peptide linking' y LYSINE           ? 'C6 H15 N2 O2 1' 147.195 
MSE 'L-peptide linking' n SELENOMETHIONINE ? 'C5 H11 N O2 Se' 196.106 
PHE 'L-peptide linking' y PHENYLALANINE    ? 'C9 H11 N O2'    165.189 
PRO 'L-peptide linking' y PROLINE          ? 'C5 H9 N O2'     115.130 
SER 'L-peptide linking' y SERINE           ? 'C3 H7 N O3'     105.093 
THR 'L-peptide linking' y THREONINE        ? 'C4 H9 N O3'     119.119 
TYR 'L-peptide linking' y TYROSINE         ? 'C9 H11 N O3'    181.189 
VAL 'L-peptide linking' y VALINE           ? 'C5 H11 N O2'    117.146 
# 
loop_
_pdbx_poly_seq_scheme.asym_id 
_pdbx_poly_seq_scheme.entity_id 
_pdbx_poly_seq_scheme.seq_id 
_pdbx_poly_seq_scheme.mon_id 
_pdbx_poly_seq_scheme.ndb_seq_num 
_pdbx_poly_seq_scheme.pdb_seq_num 
_pdbx_poly_seq_scheme.auth_seq_num 
_pdbx_poly_seq_scheme.pdb_mon_id 
_pdbx_poly_seq_scheme.auth_mon_id 
_pdbx_poly_seq_scheme.pdb_strand_id 
_pdbx_poly_seq_scheme.pdb_ins_code 
_pdbx_poly_seq_scheme.hetero 
A 1 1   GLY 1   1   ?   ?   ?   A . n 
A 1 2   ASN 2   2   ?   ?   ?   A . n 
A 1 3   SER 3   3   ?   ?   ?   A . n 
A 1 4   VAL 4   4   ?   ?   ?   A . n 
A 1 5   THR 5   5   ?   ?   ?   A . n 
A 1 6   TYR 6   6   ?   ?   ?   A . n 
A 1 7   ASN 7   7   ?   ?   ?   A . n 
A 1 8   THR 8   8   ?   ?   ?   A . n 
A 1 9   LEU 9   9   ?   ?   ?   A . n 
A 1 10  ILE 10  10  ?   ?   ?   A . n 
A 1 11  SER 11  11  ?   ?   ?   A . n 
A 1 12  GLY 12  12  ?   ?   ?   A . n 
A 1 13  LEU 13  13  ?   ?   ?   A . n 
A 1 14  GLY 14  14  ?   ?   ?   A . n 
A 1 15  LYS 15  15  ?   ?   ?   A . n 
A 1 16  ALA 16  16  ?   ?   ?   A . n 
A 1 17  GLY 17  17  ?   ?   ?   A . n 
A 1 18  ARG 18  18  ?   ?   ?   A . n 
A 1 19  LEU 19  19  ?   ?   ?   A . n 
A 1 20  GLU 20  20  ?   ?   ?   A . n 
A 1 21  GLU 21  21  ?   ?   ?   A . n 
A 1 22  ALA 22  22  ?   ?   ?   A . n 
A 1 23  LEU 23  23  ?   ?   ?   A . n 
A 1 24  GLU 24  24  ?   ?   ?   A . n 
A 1 25  LEU 25  25  ?   ?   ?   A . n 
A 1 26  PHE 26  26  ?   ?   ?   A . n 
A 1 27  GLU 27  27  ?   ?   ?   A . n 
A 1 28  GLU 28  28  ?   ?   ?   A . n 
A 1 29  MSE 29  29  ?   ?   ?   A . n 
A 1 30  LYS 30  30  ?   ?   ?   A . n 
A 1 31  GLU 31  31  ?   ?   ?   A . n 
A 1 32  LYS 32  32  ?   ?   ?   A . n 
A 1 33  GLY 33  33  ?   ?   ?   A . n 
A 1 34  ILE 34  34  ?   ?   ?   A . n 
A 1 35  VAL 35  35  ?   ?   ?   A . n 
A 1 36  PRO 36  36  ?   ?   ?   A . n 
A 1 37  ASP 37  37  ?   ?   ?   A . n 
A 1 38  VAL 38  38  ?   ?   ?   A . n 
A 1 39  VAL 39  39  ?   ?   ?   A . n 
A 1 40  THR 40  40  ?   ?   ?   A . n 
A 1 41  TYR 41  41  ?   ?   ?   A . n 
A 1 42  THR 42  42  ?   ?   ?   A . n 
A 1 43  THR 43  43  ?   ?   ?   A . n 
A 1 44  LEU 44  44  ?   ?   ?   A . n 
A 1 45  ILE 45  45  ?   ?   ?   A . n 
A 1 46  SER 46  46  ?   ?   ?   A . n 
A 1 47  GLY 47  47  ?   ?   ?   A . n 
A 1 48  LEU 48  48  ?   ?   ?   A . n 
A 1 49  GLY 49  49  ?   ?   ?   A . n 
A 1 50  LYS 50  50  ?   ?   ?   A . n 
A 1 51  ALA 51  51  ?   ?   ?   A . n 
A 1 52  GLY 52  52  ?   ?   ?   A . n 
A 1 53  ARG 53  53  ?   ?   ?   A . n 
A 1 54  LEU 54  54  ?   ?   ?   A . n 
A 1 55  GLU 55  55  ?   ?   ?   A . n 
A 1 56  GLU 56  56  ?   ?   ?   A . n 
A 1 57  ALA 57  57  ?   ?   ?   A . n 
A 1 58  LEU 58  58  ?   ?   ?   A . n 
A 1 59  GLU 59  59  ?   ?   ?   A . n 
A 1 60  LEU 60  60  ?   ?   ?   A . n 
A 1 61  PHE 61  61  ?   ?   ?   A . n 
A 1 62  GLU 62  62  ?   ?   ?   A . n 
A 1 63  GLU 63  63  ?   ?   ?   A . n 
A 1 64  MSE 64  64  ?   ?   ?   A . n 
A 1 65  LYS 65  65  ?   ?   ?   A . n 
A 1 66  GLU 66  66  ?   ?   ?   A . n 
A 1 67  LYS 67  67  ?   ?   ?   A . n 
A 1 68  GLY 68  68  ?   ?   ?   A . n 
A 1 69  ILE 69  69  ?   ?   ?   A . n 
A 1 70  VAL 70  70  ?   ?   ?   A . n 
A 1 71  PRO 71  71  ?   ?   ?   A . n 
A 1 72  ASP 72  72  ?   ?   ?   A . n 
A 1 73  VAL 73  73  ?   ?   ?   A . n 
A 1 74  VAL 74  74  ?   ?   ?   A . n 
A 1 75  THR 75  75  ?   ?   ?   A . n 
A 1 76  TYR 76  76  ?   ?   ?   A . n 
A 1 77  ASN 77  77  ?   ?   ?   A . n 
A 1 78  THR 78  78  ?   ?   ?   A . n 
A 1 79  LEU 79  79  ?   ?   ?   A . n 
A 1 80  ILE 80  80  ?   ?   ?   A . n 
A 1 81  SER 81  81  ?   ?   ?   A . n 
A 1 82  GLY 82  82  ?   ?   ?   A . n 
A 1 83  LEU 83  83  ?   ?   ?   A . n 
A 1 84  GLY 84  84  ?   ?   ?   A . n 
A 1 85  LYS 85  85  ?   ?   ?   A . n 
A 1 86  ALA 86  86  ?   ?   ?   A . n 
A 1 87  GLY 87  87  87  GLY GLY A . n 
A 1 88  ARG 88  88  88  ARG ARG A . n 
A 1 89  LEU 89  89  89  LEU LEU A . n 
A 1 90  GLU 90  90  90  GLU GLU A . n 
A 1 91  GLU 91  91  91  GLU GLU A . n 
A 1 92  ALA 92  92  92  ALA ALA A . n 
A 1 93  LEU 93  93  93  LEU LEU A . n 
A 1 94  GLU 94  94  94  GLU GLU A . n 
A 1 95  LEU 95  95  95  LEU LEU A . n 
A 1 96  PHE 96  96  96  PHE PHE A . n 
A 1 97  GLU 97  97  97  GLU GLU A . n 
A 1 98  GLU 98  98  98  GLU GLU A . n 
A 1 99  MSE 99  99  99  MSE MSE A . n 
A 1 100 LYS 100 100 100 LYS LYS A . n 
A 1 101 GLU 101 101 101 GLU GLU A . n 
A 1 102 LYS 102 102 102 LYS LYS A . n 
A 1 103 GLY 103 103 103 GLY GLY A . n 
A 1 104 ILE 104 104 104 ILE ILE A . n 
A 1 105 VAL 105 105 105 VAL VAL A . n 
A 1 106 PRO 106 106 106 PRO PRO A . n 
A 1 107 ASP 107 107 107 ASP ASP A . n 
A 1 108 VAL 108 108 108 VAL VAL A . n 
A 1 109 VAL 109 109 109 VAL VAL A . n 
A 1 110 THR 110 110 110 THR THR A . n 
A 1 111 TYR 111 111 111 TYR TYR A . n 
A 1 112 THR 112 112 112 THR THR A . n 
A 1 113 THR 113 113 113 THR THR A . n 
A 1 114 LEU 114 114 114 LEU LEU A . n 
A 1 115 ILE 115 115 115 ILE ILE A . n 
A 1 116 SER 116 116 116 SER SER A . n 
A 1 117 GLY 117 117 117 GLY GLY A . n 
A 1 118 LEU 118 118 118 LEU LEU A . n 
A 1 119 GLY 119 119 119 GLY GLY A . n 
A 1 120 LYS 120 120 120 LYS LYS A . n 
A 1 121 ALA 121 121 121 ALA ALA A . n 
A 1 122 GLY 122 122 122 GLY GLY A . n 
A 1 123 ARG 123 123 123 ARG ARG A . n 
A 1 124 LEU 124 124 124 LEU LEU A . n 
A 1 125 GLU 125 125 125 GLU GLU A . n 
A 1 126 GLU 126 126 126 GLU GLU A . n 
A 1 127 ALA 127 127 127 ALA ALA A . n 
A 1 128 LEU 128 128 128 LEU LEU A . n 
A 1 129 GLU 129 129 129 GLU GLU A . n 
A 1 130 LEU 130 130 130 LEU LEU A . n 
A 1 131 PHE 131 131 131 PHE PHE A . n 
A 1 132 GLU 132 132 132 GLU GLU A . n 
A 1 133 GLU 133 133 133 GLU GLU A . n 
A 1 134 MSE 134 134 134 MSE MSE A . n 
A 1 135 LYS 135 135 135 LYS LYS A . n 
A 1 136 GLU 136 136 136 GLU GLU A . n 
A 1 137 LYS 137 137 137 LYS LYS A . n 
A 1 138 GLY 138 138 138 GLY GLY A . n 
A 1 139 ILE 139 139 139 ILE ILE A . n 
A 1 140 VAL 140 140 140 VAL VAL A . n 
A 1 141 PRO 141 141 141 PRO PRO A . n 
A 1 142 ASN 142 142 142 ASN ASN A . n 
A 1 143 VAL 143 143 143 VAL VAL A . n 
A 1 144 VAL 144 144 144 VAL VAL A . n 
A 1 145 THR 145 145 145 THR THR A . n 
A 1 146 TYR 146 146 146 TYR TYR A . n 
A 1 147 ASN 147 147 147 ASN ASN A . n 
A 1 148 THR 148 148 148 THR THR A . n 
A 1 149 LEU 149 149 149 LEU LEU A . n 
A 1 150 ILE 150 150 150 ILE ILE A . n 
A 1 151 SER 151 151 151 SER SER A . n 
A 1 152 GLY 152 152 152 GLY GLY A . n 
A 1 153 LEU 153 153 153 LEU LEU A . n 
A 1 154 GLY 154 154 154 GLY GLY A . n 
A 1 155 LYS 155 155 155 LYS LYS A . n 
A 1 156 ALA 156 156 156 ALA ALA A . n 
A 1 157 GLY 157 157 157 GLY GLY A . n 
A 1 158 ARG 158 158 158 ARG ARG A . n 
A 1 159 LEU 159 159 159 LEU LEU A . n 
A 1 160 GLU 160 160 160 GLU GLU A . n 
A 1 161 GLU 161 161 161 GLU GLU A . n 
A 1 162 ALA 162 162 162 ALA ALA A . n 
A 1 163 LEU 163 163 163 LEU LEU A . n 
A 1 164 GLU 164 164 164 GLU GLU A . n 
A 1 165 LEU 165 165 165 LEU LEU A . n 
A 1 166 PHE 166 166 166 PHE PHE A . n 
A 1 167 GLU 167 167 167 GLU GLU A . n 
A 1 168 GLU 168 168 168 GLU GLU A . n 
A 1 169 MSE 169 169 169 MSE MSE A . n 
A 1 170 LYS 170 170 170 LYS LYS A . n 
A 1 171 GLU 171 171 171 GLU GLU A . n 
A 1 172 LYS 172 172 172 LYS LYS A . n 
A 1 173 GLY 173 173 173 GLY GLY A . n 
A 1 174 ILE 174 174 174 ILE ILE A . n 
A 1 175 VAL 175 175 175 VAL VAL A . n 
A 1 176 PRO 176 176 176 PRO PRO A . n 
A 1 177 ASP 177 177 177 ASP ASP A . n 
A 1 178 VAL 178 178 178 VAL VAL A . n 
A 1 179 VAL 179 179 179 VAL VAL A . n 
A 1 180 THR 180 180 180 THR THR A . n 
A 1 181 TYR 181 181 181 TYR TYR A . n 
A 1 182 THR 182 182 182 THR THR A . n 
A 1 183 THR 183 183 183 THR THR A . n 
A 1 184 LEU 184 184 184 LEU LEU A . n 
A 1 185 ILE 185 185 185 ILE ILE A . n 
A 1 186 SER 186 186 186 SER SER A . n 
A 1 187 GLY 187 187 187 GLY GLY A . n 
A 1 188 LEU 188 188 188 LEU LEU A . n 
A 1 189 GLY 189 189 189 GLY GLY A . n 
A 1 190 LYS 190 190 190 LYS LYS A . n 
A 1 191 ALA 191 191 191 ALA ALA A . n 
A 1 192 GLY 192 192 192 GLY GLY A . n 
A 1 193 ARG 193 193 193 ARG ARG A . n 
A 1 194 LEU 194 194 194 LEU LEU A . n 
A 1 195 GLU 195 195 195 GLU GLU A . n 
A 1 196 GLU 196 196 196 GLU GLU A . n 
A 1 197 ALA 197 197 197 ALA ALA A . n 
A 1 198 LEU 198 198 198 LEU LEU A . n 
A 1 199 GLU 199 199 199 GLU GLU A . n 
A 1 200 LEU 200 200 200 LEU LEU A . n 
A 1 201 PHE 201 201 201 PHE PHE A . n 
A 1 202 GLU 202 202 202 GLU GLU A . n 
A 1 203 GLU 203 203 203 GLU GLU A . n 
A 1 204 MSE 204 204 204 MSE MSE A . n 
A 1 205 LYS 205 205 205 LYS LYS A . n 
A 1 206 GLU 206 206 206 GLU GLU A . n 
A 1 207 LYS 207 207 207 LYS LYS A . n 
A 1 208 GLY 208 208 208 GLY GLY A . n 
A 1 209 ILE 209 209 209 ILE ILE A . n 
A 1 210 VAL 210 210 210 VAL VAL A . n 
A 1 211 PRO 211 211 211 PRO PRO A . n 
A 1 212 ASN 212 212 212 ASN ASN A . n 
A 1 213 VAL 213 213 213 VAL VAL A . n 
A 1 214 VAL 214 214 214 VAL VAL A . n 
A 1 215 THR 215 215 215 THR THR A . n 
A 1 216 TYR 216 216 216 TYR TYR A . n 
A 1 217 ASN 217 217 217 ASN ASN A . n 
A 1 218 THR 218 218 218 THR THR A . n 
A 1 219 LEU 219 219 219 LEU LEU A . n 
A 1 220 ILE 220 220 220 ILE ILE A . n 
A 1 221 SER 221 221 221 SER SER A . n 
A 1 222 GLY 222 222 222 GLY GLY A . n 
A 1 223 LEU 223 223 223 LEU LEU A . n 
A 1 224 GLY 224 224 224 GLY GLY A . n 
A 1 225 LYS 225 225 225 LYS LYS A . n 
A 1 226 ALA 226 226 226 ALA ALA A . n 
A 1 227 GLY 227 227 227 GLY GLY A . n 
A 1 228 ARG 228 228 228 ARG ARG A . n 
A 1 229 LEU 229 229 229 LEU LEU A . n 
A 1 230 GLU 230 230 230 GLU GLU A . n 
A 1 231 GLU 231 231 231 GLU GLU A . n 
A 1 232 ALA 232 232 232 ALA ALA A . n 
A 1 233 LEU 233 233 233 LEU LEU A . n 
A 1 234 GLU 234 234 234 GLU GLU A . n 
A 1 235 LEU 235 235 235 LEU LEU A . n 
A 1 236 PHE 236 236 236 PHE PHE A . n 
A 1 237 GLU 237 237 237 GLU GLU A . n 
A 1 238 GLU 238 238 238 GLU GLU A . n 
A 1 239 MSE 239 239 239 MSE MSE A . n 
A 1 240 LYS 240 240 240 LYS LYS A . n 
A 1 241 GLU 241 241 241 GLU GLU A . n 
A 1 242 LYS 242 242 242 LYS LYS A . n 
A 1 243 GLY 243 243 243 GLY GLY A . n 
A 1 244 ILE 244 244 244 ILE ILE A . n 
A 1 245 VAL 245 245 245 VAL VAL A . n 
A 1 246 PRO 246 246 246 PRO PRO A . n 
A 1 247 ASP 247 247 247 ASP ASP A . n 
A 1 248 VAL 248 248 248 VAL VAL A . n 
A 1 249 VAL 249 249 249 VAL VAL A . n 
A 1 250 THR 250 250 250 THR THR A . n 
A 1 251 TYR 251 251 251 TYR TYR A . n 
A 1 252 THR 252 252 252 THR THR A . n 
A 1 253 THR 253 253 253 THR THR A . n 
A 1 254 LEU 254 254 254 LEU LEU A . n 
A 1 255 ILE 255 255 255 ILE ILE A . n 
A 1 256 SER 256 256 256 SER SER A . n 
A 1 257 GLY 257 257 257 GLY GLY A . n 
A 1 258 LEU 258 258 258 LEU LEU A . n 
A 1 259 GLY 259 259 259 GLY GLY A . n 
A 1 260 LYS 260 260 260 LYS LYS A . n 
A 1 261 ALA 261 261 261 ALA ALA A . n 
A 1 262 GLY 262 262 ?   ?   ?   A . n 
A 1 263 ARG 263 263 ?   ?   ?   A . n 
A 1 264 LEU 264 264 ?   ?   ?   A . n 
A 1 265 GLU 265 265 ?   ?   ?   A . n 
A 1 266 GLU 266 266 ?   ?   ?   A . n 
A 1 267 ALA 267 267 ?   ?   ?   A . n 
A 1 268 LEU 268 268 ?   ?   ?   A . n 
A 1 269 GLU 269 269 ?   ?   ?   A . n 
A 1 270 LEU 270 270 ?   ?   ?   A . n 
A 1 271 PHE 271 271 ?   ?   ?   A . n 
A 1 272 GLU 272 272 ?   ?   ?   A . n 
A 1 273 GLU 273 273 ?   ?   ?   A . n 
A 1 274 MSE 274 274 ?   ?   ?   A . n 
A 1 275 LYS 275 275 ?   ?   ?   A . n 
A 1 276 GLU 276 276 ?   ?   ?   A . n 
A 1 277 LYS 277 277 ?   ?   ?   A . n 
A 1 278 GLY 278 278 ?   ?   ?   A . n 
A 1 279 ILE 279 279 ?   ?   ?   A . n 
A 1 280 VAL 280 280 ?   ?   ?   A . n 
A 1 281 PRO 281 281 ?   ?   ?   A . n 
A 1 282 ASN 282 282 ?   ?   ?   A . n 
A 1 283 VAL 283 283 ?   ?   ?   A . n 
A 1 284 VAL 284 284 ?   ?   ?   A . n 
A 1 285 THR 285 285 ?   ?   ?   A . n 
A 1 286 TYR 286 286 ?   ?   ?   A . n 
A 1 287 ASN 287 287 ?   ?   ?   A . n 
A 1 288 THR 288 288 ?   ?   ?   A . n 
A 1 289 LEU 289 289 ?   ?   ?   A . n 
A 1 290 ILE 290 290 ?   ?   ?   A . n 
A 1 291 SER 291 291 ?   ?   ?   A . n 
A 1 292 GLY 292 292 ?   ?   ?   A . n 
A 1 293 LEU 293 293 ?   ?   ?   A . n 
A 1 294 GLY 294 294 ?   ?   ?   A . n 
A 1 295 LYS 295 295 ?   ?   ?   A . n 
A 1 296 ALA 296 296 ?   ?   ?   A . n 
A 1 297 GLY 297 297 ?   ?   ?   A . n 
A 1 298 CYS 298 298 ?   ?   ?   A . n 
A 1 299 GLY 299 299 ?   ?   ?   A . n 
A 1 300 ARG 300 300 ?   ?   ?   A . n 
A 1 301 ALA 301 301 ?   ?   ?   A . n 
A 1 302 LEU 302 302 ?   ?   ?   A . n 
A 1 303 GLU 303 303 ?   ?   ?   A . n 
# 
loop_
_pdbx_nonpoly_scheme.asym_id 
_pdbx_nonpoly_scheme.entity_id 
_pdbx_nonpoly_scheme.mon_id 
_pdbx_nonpoly_scheme.ndb_seq_num 
_pdbx_nonpoly_scheme.pdb_seq_num 
_pdbx_nonpoly_scheme.auth_seq_num 
_pdbx_nonpoly_scheme.pdb_mon_id 
_pdbx_nonpoly_scheme.auth_mon_id 
_pdbx_nonpoly_scheme.pdb_strand_id 
_pdbx_nonpoly_scheme.pdb_ins_code 
B 2 CA  1  401 1  CA  CA  A . 
C 3 HOH 1  501 72 HOH HOH A . 
C 3 HOH 2  502 1  HOH HOH A . 
C 3 HOH 3  503 29 HOH HOH A . 
C 3 HOH 4  504 2  HOH HOH A . 
C 3 HOH 5  505 52 HOH HOH A . 
C 3 HOH 6  506 67 HOH HOH A . 
C 3 HOH 7  507 55 HOH HOH A . 
C 3 HOH 8  508 25 HOH HOH A . 
C 3 HOH 9  509 48 HOH HOH A . 
C 3 HOH 10 510 3  HOH HOH A . 
C 3 HOH 11 511 14 HOH HOH A . 
C 3 HOH 12 512 76 HOH HOH A . 
C 3 HOH 13 513 63 HOH HOH A . 
C 3 HOH 14 514 33 HOH HOH A . 
C 3 HOH 15 515 54 HOH HOH A . 
C 3 HOH 16 516 62 HOH HOH A . 
C 3 HOH 17 517 53 HOH HOH A . 
C 3 HOH 18 518 57 HOH HOH A . 
C 3 HOH 19 519 34 HOH HOH A . 
C 3 HOH 20 520 59 HOH HOH A . 
C 3 HOH 21 521 27 HOH HOH A . 
C 3 HOH 22 522 51 HOH HOH A . 
C 3 HOH 23 523 60 HOH HOH A . 
C 3 HOH 24 524 50 HOH HOH A . 
C 3 HOH 25 525 74 HOH HOH A . 
C 3 HOH 26 526 61 HOH HOH A . 
C 3 HOH 27 527 11 HOH HOH A . 
C 3 HOH 28 528 28 HOH HOH A . 
C 3 HOH 29 529 49 HOH HOH A . 
C 3 HOH 30 530 12 HOH HOH A . 
C 3 HOH 31 531 4  HOH HOH A . 
C 3 HOH 32 532 5  HOH HOH A . 
C 3 HOH 33 533 6  HOH HOH A . 
C 3 HOH 34 534 7  HOH HOH A . 
C 3 HOH 35 535 8  HOH HOH A . 
C 3 HOH 36 536 9  HOH HOH A . 
C 3 HOH 37 537 10 HOH HOH A . 
C 3 HOH 38 538 13 HOH HOH A . 
C 3 HOH 39 539 15 HOH HOH A . 
C 3 HOH 40 540 16 HOH HOH A . 
C 3 HOH 41 541 17 HOH HOH A . 
C 3 HOH 42 542 18 HOH HOH A . 
C 3 HOH 43 543 19 HOH HOH A . 
C 3 HOH 44 544 20 HOH HOH A . 
C 3 HOH 45 545 21 HOH HOH A . 
C 3 HOH 46 546 22 HOH HOH A . 
C 3 HOH 47 547 23 HOH HOH A . 
C 3 HOH 48 548 24 HOH HOH A . 
C 3 HOH 49 549 26 HOH HOH A . 
C 3 HOH 50 550 30 HOH HOH A . 
C 3 HOH 51 551 31 HOH HOH A . 
C 3 HOH 52 552 32 HOH HOH A . 
C 3 HOH 53 553 35 HOH HOH A . 
C 3 HOH 54 554 36 HOH HOH A . 
C 3 HOH 55 555 37 HOH HOH A . 
C 3 HOH 56 556 38 HOH HOH A . 
C 3 HOH 57 557 39 HOH HOH A . 
C 3 HOH 58 558 40 HOH HOH A . 
C 3 HOH 59 559 41 HOH HOH A . 
C 3 HOH 60 560 42 HOH HOH A . 
C 3 HOH 61 561 43 HOH HOH A . 
C 3 HOH 62 562 44 HOH HOH A . 
C 3 HOH 63 563 45 HOH HOH A . 
C 3 HOH 64 564 46 HOH HOH A . 
C 3 HOH 65 565 47 HOH HOH A . 
C 3 HOH 66 566 58 HOH HOH A . 
C 3 HOH 67 567 64 HOH HOH A . 
C 3 HOH 68 568 65 HOH HOH A . 
C 3 HOH 69 569 66 HOH HOH A . 
C 3 HOH 70 570 69 HOH HOH A . 
C 3 HOH 71 571 70 HOH HOH A . 
C 3 HOH 72 572 71 HOH HOH A . 
C 3 HOH 73 573 75 HOH HOH A . 
# 
loop_
_software.citation_id 
_software.classification 
_software.compiler_name 
_software.compiler_version 
_software.contact_author 
_software.contact_author_email 
_software.date 
_software.description 
_software.dependencies 
_software.hardware 
_software.language 
_software.location 
_software.mods 
_software.name 
_software.os 
_software.os_version 
_software.type 
_software.version 
_software.pdbx_ordinal 
? 'data scaling'   . . . . . . . . . . . XDS     . . . .                             1 
? 'data scaling'   . . . . . . . . . . . XSCALE  . . . .                             2 
? phasing          . . . . . . . . . . . SHELXDE . . . .                             3 
? 'model building' . . . . . . . . . . . Coot    . . . .                             4 
? refinement       . . . . . . . . . . . PHENIX  . . . '(phenix.refine: 1.8.1_1168)' 5 
# 
_cell.entry_id           4PJS 
_cell.length_a           54.880 
_cell.length_b           75.530 
_cell.length_c           86.920 
_cell.angle_alpha        90.00 
_cell.angle_beta         90.00 
_cell.angle_gamma        90.00 
_cell.Z_PDB              4 
_cell.pdbx_unique_axis   ? 
# 
_symmetry.entry_id                         4PJS 
_symmetry.cell_setting                     . 
_symmetry.Int_Tables_number                19 
_symmetry.space_group_name_Hall            . 
_symmetry.space_group_name_H-M             'P 21 21 21' 
_symmetry.pdbx_full_space_group_name_H-M   . 
# 
_exptl.absorpt_coefficient_mu     . 
_exptl.absorpt_correction_T_max   . 
_exptl.absorpt_correction_T_min   . 
_exptl.absorpt_correction_type    . 
_exptl.absorpt_process_details    . 
_exptl.entry_id                   4PJS 
_exptl.crystals_number            . 
_exptl.details                    . 
_exptl.method                     'X-RAY DIFFRACTION' 
_exptl.method_details             . 
# 
_exptl_crystal.colour                      . 
_exptl_crystal.density_diffrn              . 
_exptl_crystal.density_Matthews            2.71 
_exptl_crystal.density_method              . 
_exptl_crystal.density_percent_sol         54.53 
_exptl_crystal.description                 . 
_exptl_crystal.F_000                       . 
_exptl_crystal.id                          1 
_exptl_crystal.preparation                 . 
_exptl_crystal.size_max                    . 
_exptl_crystal.size_mid                    . 
_exptl_crystal.size_min                    . 
_exptl_crystal.size_rad                    . 
_exptl_crystal.colour_lustre               . 
_exptl_crystal.colour_modifier             . 
_exptl_crystal.colour_primary              . 
_exptl_crystal.density_meas                . 
_exptl_crystal.density_meas_esd            . 
_exptl_crystal.density_meas_gt             . 
_exptl_crystal.density_meas_lt             . 
_exptl_crystal.density_meas_temp           . 
_exptl_crystal.density_meas_temp_esd       . 
_exptl_crystal.density_meas_temp_gt        . 
_exptl_crystal.density_meas_temp_lt        . 
_exptl_crystal.pdbx_crystal_image_url      . 
_exptl_crystal.pdbx_crystal_image_format   . 
_exptl_crystal.pdbx_mosaicity              . 
_exptl_crystal.pdbx_mosaicity_esd          . 
# 
_exptl_crystal_grow.apparatus       . 
_exptl_crystal_grow.atmosphere      . 
_exptl_crystal_grow.crystal_id      1 
_exptl_crystal_grow.details         . 
_exptl_crystal_grow.method          'VAPOR DIFFUSION, SITTING DROP' 
_exptl_crystal_grow.method_ref      . 
_exptl_crystal_grow.pH              6.3 
_exptl_crystal_grow.pressure        . 
_exptl_crystal_grow.pressure_esd    . 
_exptl_crystal_grow.seeding         . 
_exptl_crystal_grow.seeding_ref     . 
_exptl_crystal_grow.temp            291.15 
_exptl_crystal_grow.temp_details    . 
_exptl_crystal_grow.temp_esd        . 
_exptl_crystal_grow.time            . 
_exptl_crystal_grow.pdbx_details    '0.1M BisTris pH 6.3, 0.2M calcium chloride, 4% MPD' 
_exptl_crystal_grow.pdbx_pH_range   . 
# 
_diffrn.ambient_environment    . 
_diffrn.ambient_temp           100 
_diffrn.ambient_temp_details   . 
_diffrn.ambient_temp_esd       . 
_diffrn.crystal_id             1 
_diffrn.crystal_support        . 
_diffrn.crystal_treatment      . 
_diffrn.details                . 
_diffrn.id                     1 
_diffrn.ambient_pressure       . 
_diffrn.ambient_pressure_esd   . 
_diffrn.ambient_pressure_gt    . 
_diffrn.ambient_pressure_lt    . 
_diffrn.ambient_temp_gt        . 
_diffrn.ambient_temp_lt        . 
# 
_diffrn_detector.details                      . 
_diffrn_detector.detector                     PIXEL 
_diffrn_detector.diffrn_id                    1 
_diffrn_detector.type                         'DECTRIS PILATUS 6M' 
_diffrn_detector.area_resol_mean              . 
_diffrn_detector.dtime                        . 
_diffrn_detector.pdbx_frames_total            . 
_diffrn_detector.pdbx_collection_time_total   . 
_diffrn_detector.pdbx_collection_date         2013-12-08 
# 
_diffrn_radiation.collimation                      . 
_diffrn_radiation.diffrn_id                        1 
_diffrn_radiation.filter_edge                      . 
_diffrn_radiation.inhomogeneity                    . 
_diffrn_radiation.monochromator                    . 
_diffrn_radiation.polarisn_norm                    . 
_diffrn_radiation.polarisn_ratio                   . 
_diffrn_radiation.probe                            . 
_diffrn_radiation.type                             . 
_diffrn_radiation.xray_symbol                      . 
_diffrn_radiation.wavelength_id                    1 
_diffrn_radiation.pdbx_monochromatic_or_laue_m_l   M 
_diffrn_radiation.pdbx_wavelength_list             . 
_diffrn_radiation.pdbx_wavelength                  . 
_diffrn_radiation.pdbx_diffrn_protocol             'SINGLE WAVELENGTH' 
_diffrn_radiation.pdbx_analyzer                    . 
_diffrn_radiation.pdbx_scattering_type             x-ray 
# 
_diffrn_radiation_wavelength.id           1 
_diffrn_radiation_wavelength.wavelength   0.97957 
_diffrn_radiation_wavelength.wt           1.0 
# 
_diffrn_source.current                     . 
_diffrn_source.details                     . 
_diffrn_source.diffrn_id                   1 
_diffrn_source.power                       . 
_diffrn_source.size                        . 
_diffrn_source.source                      SYNCHROTRON 
_diffrn_source.target                      . 
_diffrn_source.type                        'SLS BEAMLINE X06SA' 
_diffrn_source.voltage                     . 
_diffrn_source.take-off_angle              . 
_diffrn_source.pdbx_wavelength_list        0.97957 
_diffrn_source.pdbx_wavelength             . 
_diffrn_source.pdbx_synchrotron_beamline   X06SA 
_diffrn_source.pdbx_synchrotron_site       SLS 
# 
_reflns.B_iso_Wilson_estimate            . 
_reflns.entry_id                         4PJS 
_reflns.data_reduction_details           . 
_reflns.data_reduction_method            . 
_reflns.d_resolution_high                2.6 
_reflns.d_resolution_low                 50 
_reflns.details                          . 
_reflns.limit_h_max                      . 
_reflns.limit_h_min                      . 
_reflns.limit_k_max                      . 
_reflns.limit_k_min                      . 
_reflns.limit_l_max                      . 
_reflns.limit_l_min                      . 
_reflns.number_all                       . 
_reflns.number_obs                       20876 
_reflns.observed_criterion               . 
_reflns.observed_criterion_F_max         . 
_reflns.observed_criterion_F_min         . 
_reflns.observed_criterion_I_max         . 
_reflns.observed_criterion_I_min         . 
_reflns.observed_criterion_sigma_F       . 
_reflns.observed_criterion_sigma_I       . 
_reflns.percent_possible_obs             97.4 
_reflns.R_free_details                   . 
_reflns.Rmerge_F_all                     . 
_reflns.Rmerge_F_obs                     . 
_reflns.Friedel_coverage                 . 
_reflns.number_gt                        . 
_reflns.threshold_expression             . 
_reflns.pdbx_redundancy                  6.6 
_reflns.pdbx_Rmerge_I_obs                0.093 
_reflns.pdbx_Rmerge_I_all                . 
_reflns.pdbx_Rsym_value                  . 
_reflns.pdbx_netI_over_av_sigmaI         . 
_reflns.pdbx_netI_over_sigmaI            15.2 
_reflns.pdbx_res_netI_over_av_sigmaI_2   . 
_reflns.pdbx_res_netI_over_sigmaI_2      . 
_reflns.pdbx_chi_squared                 . 
_reflns.pdbx_scaling_rejects             . 
_reflns.pdbx_d_res_high_opt              . 
_reflns.pdbx_d_res_low_opt               . 
_reflns.pdbx_d_res_opt_method            . 
_reflns.phase_calculation_details        . 
_reflns.pdbx_Rrim_I_all                  . 
_reflns.pdbx_Rpim_I_all                  . 
_reflns.pdbx_d_opt                       . 
_reflns.pdbx_number_measured_all         . 
_reflns.pdbx_diffrn_id                   1 
_reflns.pdbx_ordinal                     1 
# 
_reflns_shell.d_res_high                  2.6 
_reflns_shell.d_res_low                   2.67 
_reflns_shell.meanI_over_sigI_all         . 
_reflns_shell.meanI_over_sigI_obs         1.7 
_reflns_shell.number_measured_all         . 
_reflns_shell.number_measured_obs         . 
_reflns_shell.number_possible             . 
_reflns_shell.number_unique_all           . 
_reflns_shell.number_unique_obs           . 
_reflns_shell.percent_possible_all        82.2 
_reflns_shell.percent_possible_obs        . 
_reflns_shell.Rmerge_F_all                . 
_reflns_shell.Rmerge_F_obs                . 
_reflns_shell.Rmerge_I_all                . 
_reflns_shell.Rmerge_I_obs                0.897 
_reflns_shell.meanI_over_sigI_gt          . 
_reflns_shell.meanI_over_uI_all           . 
_reflns_shell.meanI_over_uI_gt            . 
_reflns_shell.number_measured_gt          . 
_reflns_shell.number_unique_gt            . 
_reflns_shell.percent_possible_gt         . 
_reflns_shell.Rmerge_F_gt                 . 
_reflns_shell.Rmerge_I_gt                 . 
_reflns_shell.pdbx_redundancy             3.2 
_reflns_shell.pdbx_Rsym_value             . 
_reflns_shell.pdbx_chi_squared            . 
_reflns_shell.pdbx_netI_over_sigmaI_all   . 
_reflns_shell.pdbx_netI_over_sigmaI_obs   . 
_reflns_shell.pdbx_Rrim_I_all             . 
_reflns_shell.pdbx_Rpim_I_all             . 
_reflns_shell.pdbx_rejects                . 
_reflns_shell.pdbx_ordinal                1 
_reflns_shell.pdbx_diffrn_id              1 
# 
_refine.aniso_B[1][1]                            . 
_refine.aniso_B[1][2]                            . 
_refine.aniso_B[1][3]                            . 
_refine.aniso_B[2][2]                            . 
_refine.aniso_B[2][3]                            . 
_refine.aniso_B[3][3]                            . 
_refine.B_iso_max                                . 
_refine.B_iso_mean                               . 
_refine.B_iso_min                                . 
_refine.correlation_coeff_Fo_to_Fc               . 
_refine.correlation_coeff_Fo_to_Fc_free          . 
_refine.details                                  . 
_refine.diff_density_max                         . 
_refine.diff_density_max_esd                     . 
_refine.diff_density_min                         . 
_refine.diff_density_min_esd                     . 
_refine.diff_density_rms                         . 
_refine.diff_density_rms_esd                     . 
_refine.entry_id                                 4PJS 
_refine.pdbx_refine_id                           'X-RAY DIFFRACTION' 
_refine.ls_abs_structure_details                 . 
_refine.ls_abs_structure_Flack                   . 
_refine.ls_abs_structure_Flack_esd               . 
_refine.ls_abs_structure_Rogers                  . 
_refine.ls_abs_structure_Rogers_esd              . 
_refine.ls_d_res_high                            2.600 
_refine.ls_d_res_low                             44.398 
_refine.ls_extinction_coef                       . 
_refine.ls_extinction_coef_esd                   . 
_refine.ls_extinction_expression                 . 
_refine.ls_extinction_method                     . 
_refine.ls_goodness_of_fit_all                   . 
_refine.ls_goodness_of_fit_all_esd               . 
_refine.ls_goodness_of_fit_obs                   . 
_refine.ls_goodness_of_fit_obs_esd               . 
_refine.ls_hydrogen_treatment                    . 
_refine.ls_matrix_type                           . 
_refine.ls_number_constraints                    . 
_refine.ls_number_parameters                     . 
_refine.ls_number_reflns_all                     . 
_refine.ls_number_reflns_obs                     20876 
_refine.ls_number_reflns_R_free                  2089 
_refine.ls_number_reflns_R_work                  . 
_refine.ls_number_restraints                     . 
_refine.ls_percent_reflns_obs                    97.30 
_refine.ls_percent_reflns_R_free                 10.01 
_refine.ls_R_factor_all                          . 
_refine.ls_R_factor_obs                          0.1884 
_refine.ls_R_factor_R_free                       0.2348 
_refine.ls_R_factor_R_free_error                 . 
_refine.ls_R_factor_R_free_error_details         . 
_refine.ls_R_factor_R_work                       0.1835 
_refine.ls_R_Fsqd_factor_obs                     . 
_refine.ls_R_I_factor_obs                        . 
_refine.ls_redundancy_reflns_all                 . 
_refine.ls_redundancy_reflns_obs                 . 
_refine.ls_restrained_S_all                      . 
_refine.ls_restrained_S_obs                      . 
_refine.ls_shift_over_esd_max                    . 
_refine.ls_shift_over_esd_mean                   . 
_refine.ls_structure_factor_coef                 . 
_refine.ls_weighting_details                     . 
_refine.ls_weighting_scheme                      . 
_refine.ls_wR_factor_all                         . 
_refine.ls_wR_factor_obs                         . 
_refine.ls_wR_factor_R_free                      . 
_refine.ls_wR_factor_R_work                      . 
_refine.occupancy_max                            . 
_refine.occupancy_min                            . 
_refine.overall_SU_B                             . 
_refine.overall_SU_ML                            0.32 
_refine.overall_SU_R_Cruickshank_DPI             . 
_refine.overall_SU_R_free                        . 
_refine.overall_FOM_free_R_set                   . 
_refine.overall_FOM_work_R_set                   . 
_refine.solvent_model_details                    'FLAT BULK SOLVENT MODEL' 
_refine.solvent_model_param_bsol                 . 
_refine.solvent_model_param_ksol                 . 
_refine.ls_R_factor_gt                           . 
_refine.ls_goodness_of_fit_gt                    . 
_refine.ls_goodness_of_fit_ref                   . 
_refine.ls_shift_over_su_max                     . 
_refine.ls_shift_over_su_max_lt                  . 
_refine.ls_shift_over_su_mean                    . 
_refine.ls_shift_over_su_mean_lt                 . 
_refine.pdbx_ls_sigma_I                          . 
_refine.pdbx_ls_sigma_F                          1.38 
_refine.pdbx_ls_sigma_Fsqd                       . 
_refine.pdbx_data_cutoff_high_absF               . 
_refine.pdbx_data_cutoff_high_rms_absF           . 
_refine.pdbx_data_cutoff_low_absF                . 
_refine.pdbx_isotropic_thermal_model             . 
_refine.pdbx_ls_cross_valid_method               'FREE R-VALUE' 
_refine.pdbx_method_to_determine_struct          SAD 
_refine.pdbx_starting_model                      . 
_refine.pdbx_stereochemistry_target_values       ML 
_refine.pdbx_R_Free_selection_details            'Random selection' 
_refine.pdbx_stereochem_target_val_spec_case     . 
_refine.pdbx_overall_ESU_R                       . 
_refine.pdbx_overall_ESU_R_Free                  . 
_refine.pdbx_solvent_vdw_probe_radii             1.11 
_refine.pdbx_solvent_ion_probe_radii             . 
_refine.pdbx_solvent_shrinkage_radii             0.90 
_refine.pdbx_real_space_R                        . 
_refine.pdbx_density_correlation                 . 
_refine.pdbx_pd_number_of_powder_patterns        . 
_refine.pdbx_pd_number_of_points                 . 
_refine.pdbx_pd_meas_number_of_points            . 
_refine.pdbx_pd_proc_ls_prof_R_factor            . 
_refine.pdbx_pd_proc_ls_prof_wR_factor           . 
_refine.pdbx_pd_Marquardt_correlation_coeff      . 
_refine.pdbx_pd_Fsqrd_R_factor                   . 
_refine.pdbx_pd_ls_matrix_band_width             . 
_refine.pdbx_overall_phase_error                 25.39 
_refine.pdbx_overall_SU_R_free_Cruickshank_DPI   . 
_refine.pdbx_overall_SU_R_free_Blow_DPI          . 
_refine.pdbx_overall_SU_R_Blow_DPI               . 
_refine.pdbx_TLS_residual_ADP_flag               . 
_refine.pdbx_diffrn_id                           1 
# 
_refine_hist.pdbx_refine_id                   'X-RAY DIFFRACTION' 
_refine_hist.cycle_id                         LAST 
_refine_hist.pdbx_number_atoms_protein        1342 
_refine_hist.pdbx_number_atoms_nucleic_acid   0 
_refine_hist.pdbx_number_atoms_ligand         1 
_refine_hist.number_atoms_solvent             73 
_refine_hist.number_atoms_total               1416 
_refine_hist.d_res_high                       2.600 
_refine_hist.d_res_low                        44.398 
# 
loop_
_refine_ls_restr.pdbx_refine_id 
_refine_ls_restr.criterion 
_refine_ls_restr.dev_ideal 
_refine_ls_restr.dev_ideal_target 
_refine_ls_restr.number 
_refine_ls_restr.rejects 
_refine_ls_restr.type 
_refine_ls_restr.weight 
_refine_ls_restr.pdbx_restraint_function 
'X-RAY DIFFRACTION' . 0.010  . 1456 . f_bond_d           . . 
'X-RAY DIFFRACTION' . 1.148  . 1974 . f_angle_d          . . 
'X-RAY DIFFRACTION' . 17.936 . 571  . f_dihedral_angle_d . . 
'X-RAY DIFFRACTION' . 0.072  . 228  . f_chiral_restr     . . 
'X-RAY DIFFRACTION' . 0.004  . 261  . f_plane_restr      . . 
# 
loop_
_refine_ls_shell.pdbx_refine_id 
_refine_ls_shell.d_res_high 
_refine_ls_shell.d_res_low 
_refine_ls_shell.number_reflns_all 
_refine_ls_shell.number_reflns_obs 
_refine_ls_shell.number_reflns_R_free 
_refine_ls_shell.number_reflns_R_work 
_refine_ls_shell.percent_reflns_obs 
_refine_ls_shell.percent_reflns_R_free 
_refine_ls_shell.R_factor_all 
_refine_ls_shell.R_factor_obs 
_refine_ls_shell.R_factor_R_free 
_refine_ls_shell.R_factor_R_free_error 
_refine_ls_shell.R_factor_R_work 
_refine_ls_shell.redundancy_reflns_all 
_refine_ls_shell.redundancy_reflns_obs 
_refine_ls_shell.wR_factor_all 
_refine_ls_shell.wR_factor_obs 
_refine_ls_shell.wR_factor_R_free 
_refine_ls_shell.wR_factor_R_work 
_refine_ls_shell.pdbx_total_number_of_bins_used 
_refine_ls_shell.pdbx_phase_error 
'X-RAY DIFFRACTION' 2.6001 2.6606  . . 117 1046 81.00  . . . 0.3254 . 0.2870 . . . . . . . . 
'X-RAY DIFFRACTION' 2.6606 2.7271  . . 125 1137 89.00  . . . 0.3620 . 0.2769 . . . . . . . . 
'X-RAY DIFFRACTION' 2.7271 2.8009  . . 134 1193 93.00  . . . 0.2679 . 0.2792 . . . . . . . . 
'X-RAY DIFFRACTION' 2.8009 2.8833  . . 139 1281 98.00  . . . 0.2542 . 0.2446 . . . . . . . . 
'X-RAY DIFFRACTION' 2.8833 2.9763  . . 142 1253 100.00 . . . 0.2821 . 0.2204 . . . . . . . . 
'X-RAY DIFFRACTION' 2.9763 3.0827  . . 141 1292 100.00 . . . 0.2732 . 0.2171 . . . . . . . . 
'X-RAY DIFFRACTION' 3.0827 3.2061  . . 147 1304 100.00 . . . 0.2832 . 0.2216 . . . . . . . . 
'X-RAY DIFFRACTION' 3.2061 3.3519  . . 144 1271 100.00 . . . 0.2421 . 0.2005 . . . . . . . . 
'X-RAY DIFFRACTION' 3.3519 3.5286  . . 144 1290 100.00 . . . 0.2501 . 0.1641 . . . . . . . . 
'X-RAY DIFFRACTION' 3.5286 3.7495  . . 141 1287 100.00 . . . 0.1947 . 0.1691 . . . . . . . . 
'X-RAY DIFFRACTION' 3.7495 4.0389  . . 139 1289 100.00 . . . 0.1998 . 0.1460 . . . . . . . . 
'X-RAY DIFFRACTION' 4.0389 4.4450  . . 145 1309 100.00 . . . 0.2204 . 0.1472 . . . . . . . . 
'X-RAY DIFFRACTION' 4.4450 5.0874  . . 146 1267 100.00 . . . 0.1702 . 0.1398 . . . . . . . . 
'X-RAY DIFFRACTION' 5.0874 6.4065  . . 144 1285 100.00 . . . 0.2542 . 0.1944 . . . . . . . . 
'X-RAY DIFFRACTION' 6.4065 44.4041 . . 141 1283 99.00  . . . 0.2382 . 0.1843 . . . . . . . . 
# 
_struct.entry_id                     4PJS 
_struct.title                        'Crystal structure of designed (SeMet)-cPPR-NRE protein' 
_struct.pdbx_model_details           . 
_struct.pdbx_formula_weight          . 
_struct.pdbx_formula_weight_method   . 
_struct.pdbx_model_type_details      . 
_struct.pdbx_CASP_flag               . 
# 
_struct_keywords.entry_id        4PJS 
_struct_keywords.text            
;designer RNA-binding proteins; pentatricopeptide repeat; synthetic biology; RNA-protein interactions, RNA BINDING PROTEIN, DE NOVO PROTEIN
;
_struct_keywords.pdbx_keywords   'DE NOVO PROTEIN, RNA BINDING PROTEIN' 
# 
loop_
_struct_asym.id 
_struct_asym.pdbx_blank_PDB_chainid_flag 
_struct_asym.pdbx_modified 
_struct_asym.entity_id 
_struct_asym.details 
A N N 1 ? 
B N N 2 ? 
C N N 3 ? 
# 
_struct_ref.id                         1 
_struct_ref.db_name                    PDB 
_struct_ref.db_code                    4PJS 
_struct_ref.pdbx_db_accession          4PJS 
_struct_ref.entity_id                  1 
_struct_ref.pdbx_seq_one_letter_code   ? 
_struct_ref.pdbx_align_begin           1 
_struct_ref.pdbx_db_isoform            ? 
# 
_struct_ref_seq.align_id                      1 
_struct_ref_seq.ref_id                        1 
_struct_ref_seq.pdbx_PDB_id_code              4PJS 
_struct_ref_seq.pdbx_strand_id                A 
_struct_ref_seq.seq_align_beg                 1 
_struct_ref_seq.pdbx_seq_align_beg_ins_code   ? 
_struct_ref_seq.seq_align_end                 303 
_struct_ref_seq.pdbx_seq_align_end_ins_code   ? 
_struct_ref_seq.pdbx_db_accession             4PJS 
_struct_ref_seq.db_align_beg                  1 
_struct_ref_seq.pdbx_db_align_beg_ins_code    ? 
_struct_ref_seq.db_align_end                  303 
_struct_ref_seq.pdbx_db_align_end_ins_code    ? 
_struct_ref_seq.pdbx_auth_seq_align_beg       1 
_struct_ref_seq.pdbx_auth_seq_align_end       303 
# 
_pdbx_struct_assembly.id                   1 
_pdbx_struct_assembly.details              author_and_software_defined_assembly 
_pdbx_struct_assembly.method_details       PISA 
_pdbx_struct_assembly.oligomeric_details   monomeric 
_pdbx_struct_assembly.oligomeric_count     1 
# 
loop_
_pdbx_struct_assembly_prop.biol_id 
_pdbx_struct_assembly_prop.type 
_pdbx_struct_assembly_prop.value 
_pdbx_struct_assembly_prop.details 
1 'ABSA (A^2)' 50   ? 
1 MORE         -4   ? 
1 'SSA (A^2)'  9650 ? 
# 
_pdbx_struct_assembly_gen.assembly_id       1 
_pdbx_struct_assembly_gen.oper_expression   1 
_pdbx_struct_assembly_gen.asym_id_list      A,B,C 
# 
_pdbx_struct_oper_list.id                   1 
_pdbx_struct_oper_list.type                 'identity operation' 
_pdbx_struct_oper_list.name                 1_555 
_pdbx_struct_oper_list.symmetry_operation   x,y,z 
_pdbx_struct_oper_list.matrix[1][1]         1.0000000000 
_pdbx_struct_oper_list.matrix[1][2]         0.0000000000 
_pdbx_struct_oper_list.matrix[1][3]         0.0000000000 
_pdbx_struct_oper_list.vector[1]            0.0000000000 
_pdbx_struct_oper_list.matrix[2][1]         0.0000000000 
_pdbx_struct_oper_list.matrix[2][2]         1.0000000000 
_pdbx_struct_oper_list.matrix[2][3]         0.0000000000 
_pdbx_struct_oper_list.vector[2]            0.0000000000 
_pdbx_struct_oper_list.matrix[3][1]         0.0000000000 
_pdbx_struct_oper_list.matrix[3][2]         0.0000000000 
_pdbx_struct_oper_list.matrix[3][3]         1.0000000000 
_pdbx_struct_oper_list.vector[3]            0.0000000000 
# 
loop_
_struct_conf.conf_type_id 
_struct_conf.id 
_struct_conf.pdbx_PDB_helix_id 
_struct_conf.beg_label_comp_id 
_struct_conf.beg_label_asym_id 
_struct_conf.beg_label_seq_id 
_struct_conf.pdbx_beg_PDB_ins_code 
_struct_conf.end_label_comp_id 
_struct_conf.end_label_asym_id 
_struct_conf.end_label_seq_id 
_struct_conf.pdbx_end_PDB_ins_code 
_struct_conf.beg_auth_comp_id 
_struct_conf.beg_auth_asym_id 
_struct_conf.beg_auth_seq_id 
_struct_conf.end_auth_comp_id 
_struct_conf.end_auth_asym_id 
_struct_conf.end_auth_seq_id 
_struct_conf.pdbx_PDB_helix_class 
_struct_conf.details 
_struct_conf.pdbx_PDB_helix_length 
HELX_P HELX_P1  AA1 ARG A 88  ? LYS A 102 ? ARG A 88  LYS A 102 1 ? 15 
HELX_P HELX_P2  AA2 ASP A 107 ? ALA A 121 ? ASP A 107 ALA A 121 1 ? 15 
HELX_P HELX_P3  AA3 ARG A 123 ? LYS A 137 ? ARG A 123 LYS A 137 1 ? 15 
HELX_P HELX_P4  AA4 ASN A 142 ? ALA A 156 ? ASN A 142 ALA A 156 1 ? 15 
HELX_P HELX_P5  AA5 ARG A 158 ? LYS A 172 ? ARG A 158 LYS A 172 1 ? 15 
HELX_P HELX_P6  AA6 ASP A 177 ? ALA A 191 ? ASP A 177 ALA A 191 1 ? 15 
HELX_P HELX_P7  AA7 ARG A 193 ? LYS A 207 ? ARG A 193 LYS A 207 1 ? 15 
HELX_P HELX_P8  AA8 ASN A 212 ? ALA A 226 ? ASN A 212 ALA A 226 1 ? 15 
HELX_P HELX_P9  AA9 ARG A 228 ? LYS A 242 ? ARG A 228 LYS A 242 1 ? 15 
HELX_P HELX_P10 AB1 ASP A 247 ? LYS A 260 ? ASP A 247 LYS A 260 1 ? 14 
# 
_struct_conf_type.id          HELX_P 
_struct_conf_type.criteria    ? 
_struct_conf_type.reference   ? 
# 
loop_
_struct_conn.id 
_struct_conn.conn_type_id 
_struct_conn.pdbx_leaving_atom_flag 
_struct_conn.pdbx_PDB_id 
_struct_conn.ptnr1_label_asym_id 
_struct_conn.ptnr1_label_comp_id 
_struct_conn.ptnr1_label_seq_id 
_struct_conn.ptnr1_label_atom_id 
_struct_conn.pdbx_ptnr1_label_alt_id 
_struct_conn.pdbx_ptnr1_PDB_ins_code 
_struct_conn.pdbx_ptnr1_standard_comp_id 
_struct_conn.ptnr1_symmetry 
_struct_conn.ptnr2_label_asym_id 
_struct_conn.ptnr2_label_comp_id 
_struct_conn.ptnr2_label_seq_id 
_struct_conn.ptnr2_label_atom_id 
_struct_conn.pdbx_ptnr2_label_alt_id 
_struct_conn.pdbx_ptnr2_PDB_ins_code 
_struct_conn.ptnr1_auth_asym_id 
_struct_conn.ptnr1_auth_comp_id 
_struct_conn.ptnr1_auth_seq_id 
_struct_conn.ptnr2_auth_asym_id 
_struct_conn.ptnr2_auth_comp_id 
_struct_conn.ptnr2_auth_seq_id 
_struct_conn.ptnr2_symmetry 
_struct_conn.pdbx_ptnr3_label_atom_id 
_struct_conn.pdbx_ptnr3_label_seq_id 
_struct_conn.pdbx_ptnr3_label_comp_id 
_struct_conn.pdbx_ptnr3_label_asym_id 
_struct_conn.pdbx_ptnr3_label_alt_id 
_struct_conn.pdbx_ptnr3_PDB_ins_code 
_struct_conn.details 
_struct_conn.pdbx_dist_value 
_struct_conn.pdbx_value_order 
_struct_conn.pdbx_role 
covale1  covale both ? A GLU 98  C   ? ? ? 1_555 A MSE 99  N  ? ? A GLU 98  A MSE 99  1_555 ? ? ? ? ? ? ? 1.331 ? ? 
covale2  covale both ? A MSE 99  C   ? ? ? 1_555 A LYS 100 N  ? ? A MSE 99  A LYS 100 1_555 ? ? ? ? ? ? ? 1.331 ? ? 
covale3  covale both ? A GLU 133 C   ? ? ? 1_555 A MSE 134 N  ? ? A GLU 133 A MSE 134 1_555 ? ? ? ? ? ? ? 1.322 ? ? 
covale4  covale both ? A MSE 134 C   ? ? ? 1_555 A LYS 135 N  ? ? A MSE 134 A LYS 135 1_555 ? ? ? ? ? ? ? 1.333 ? ? 
covale5  covale both ? A GLU 168 C   ? ? ? 1_555 A MSE 169 N  ? ? A GLU 168 A MSE 169 1_555 ? ? ? ? ? ? ? 1.329 ? ? 
covale6  covale both ? A MSE 169 C   ? ? ? 1_555 A LYS 170 N  ? ? A MSE 169 A LYS 170 1_555 ? ? ? ? ? ? ? 1.329 ? ? 
covale7  covale both ? A GLU 203 C   ? ? ? 1_555 A MSE 204 N  ? ? A GLU 203 A MSE 204 1_555 ? ? ? ? ? ? ? 1.330 ? ? 
covale8  covale both ? A MSE 204 C   ? ? ? 1_555 A LYS 205 N  ? ? A MSE 204 A LYS 205 1_555 ? ? ? ? ? ? ? 1.329 ? ? 
covale9  covale both ? A GLU 238 C   ? ? ? 1_555 A MSE 239 N  ? ? A GLU 238 A MSE 239 1_555 ? ? ? ? ? ? ? 1.329 ? ? 
covale10 covale both ? A MSE 239 C   ? ? ? 1_555 A LYS 240 N  ? ? A MSE 239 A LYS 240 1_555 ? ? ? ? ? ? ? 1.331 ? ? 
metalc1  metalc ?    ? A GLU 164 OE2 B ? ? 1_555 B CA  .   CA ? ? A GLU 164 A CA  401 1_555 ? ? ? ? ? ? ? 2.379 ? ? 
metalc2  metalc ?    ? B CA  .   CA  ? ? ? 1_555 C HOH .   O  ? ? A CA  401 A HOH 505 4_445 ? ? ? ? ? ? ? 3.020 ? ? 
metalc3  metalc ?    ? B CA  .   CA  ? ? ? 1_555 C HOH .   O  ? ? A CA  401 A HOH 507 4_445 ? ? ? ? ? ? ? 2.345 ? ? 
metalc4  metalc ?    ? B CA  .   CA  ? ? ? 1_555 C HOH .   O  ? ? A CA  401 A HOH 515 1_555 ? ? ? ? ? ? ? 2.331 ? ? 
metalc5  metalc ?    ? B CA  .   CA  ? ? ? 1_555 C HOH .   O  ? ? A CA  401 A HOH 517 4_445 ? ? ? ? ? ? ? 2.928 ? ? 
# 
loop_
_struct_conn_type.id 
_struct_conn_type.criteria 
_struct_conn_type.reference 
covale ? ? 
metalc ? ? 
# 
loop_
_pdbx_struct_conn_angle.id 
_pdbx_struct_conn_angle.ptnr1_label_atom_id 
_pdbx_struct_conn_angle.ptnr1_label_alt_id 
_pdbx_struct_conn_angle.ptnr1_label_asym_id 
_pdbx_struct_conn_angle.ptnr1_label_comp_id 
_pdbx_struct_conn_angle.ptnr1_label_seq_id 
_pdbx_struct_conn_angle.ptnr1_auth_atom_id 
_pdbx_struct_conn_angle.ptnr1_auth_asym_id 
_pdbx_struct_conn_angle.ptnr1_auth_comp_id 
_pdbx_struct_conn_angle.ptnr1_auth_seq_id 
_pdbx_struct_conn_angle.ptnr1_PDB_ins_code 
_pdbx_struct_conn_angle.ptnr1_symmetry 
_pdbx_struct_conn_angle.ptnr2_label_atom_id 
_pdbx_struct_conn_angle.ptnr2_label_alt_id 
_pdbx_struct_conn_angle.ptnr2_label_asym_id 
_pdbx_struct_conn_angle.ptnr2_label_comp_id 
_pdbx_struct_conn_angle.ptnr2_label_seq_id 
_pdbx_struct_conn_angle.ptnr2_auth_atom_id 
_pdbx_struct_conn_angle.ptnr2_auth_asym_id 
_pdbx_struct_conn_angle.ptnr2_auth_comp_id 
_pdbx_struct_conn_angle.ptnr2_auth_seq_id 
_pdbx_struct_conn_angle.ptnr2_PDB_ins_code 
_pdbx_struct_conn_angle.ptnr2_symmetry 
_pdbx_struct_conn_angle.ptnr3_label_atom_id 
_pdbx_struct_conn_angle.ptnr3_label_alt_id 
_pdbx_struct_conn_angle.ptnr3_label_asym_id 
_pdbx_struct_conn_angle.ptnr3_label_comp_id 
_pdbx_struct_conn_angle.ptnr3_label_seq_id 
_pdbx_struct_conn_angle.ptnr3_auth_atom_id 
_pdbx_struct_conn_angle.ptnr3_auth_asym_id 
_pdbx_struct_conn_angle.ptnr3_auth_comp_id 
_pdbx_struct_conn_angle.ptnr3_auth_seq_id 
_pdbx_struct_conn_angle.ptnr3_PDB_ins_code 
_pdbx_struct_conn_angle.ptnr3_symmetry 
_pdbx_struct_conn_angle.value 
_pdbx_struct_conn_angle.value_esd 
1  OE2 B A GLU 164 ? A GLU 164 ? 1_555 CA ? B CA . ? A CA 401 ? 1_555 O ? C HOH . ? A HOH 505 ? 4_445 148.2 ? 
2  OE2 B A GLU 164 ? A GLU 164 ? 1_555 CA ? B CA . ? A CA 401 ? 1_555 O ? C HOH . ? A HOH 507 ? 4_445 89.2  ? 
3  O   ? C HOH .   ? A HOH 505 ? 4_445 CA ? B CA . ? A CA 401 ? 1_555 O ? C HOH . ? A HOH 507 ? 4_445 103.5 ? 
4  OE2 B A GLU 164 ? A GLU 164 ? 1_555 CA ? B CA . ? A CA 401 ? 1_555 O ? C HOH . ? A HOH 515 ? 1_555 83.9  ? 
5  O   ? C HOH .   ? A HOH 505 ? 4_445 CA ? B CA . ? A CA 401 ? 1_555 O ? C HOH . ? A HOH 515 ? 1_555 89.3  ? 
6  O   ? C HOH .   ? A HOH 507 ? 4_445 CA ? B CA . ? A CA 401 ? 1_555 O ? C HOH . ? A HOH 515 ? 1_555 164.8 ? 
7  OE2 B A GLU 164 ? A GLU 164 ? 1_555 CA ? B CA . ? A CA 401 ? 1_555 O ? C HOH . ? A HOH 517 ? 4_445 76.2  ? 
8  O   ? C HOH .   ? A HOH 505 ? 4_445 CA ? B CA . ? A CA 401 ? 1_555 O ? C HOH . ? A HOH 517 ? 4_445 135.0 ? 
9  O   ? C HOH .   ? A HOH 507 ? 4_445 CA ? B CA . ? A CA 401 ? 1_555 O ? C HOH . ? A HOH 517 ? 4_445 75.6  ? 
10 O   ? C HOH .   ? A HOH 515 ? 1_555 CA ? B CA . ? A CA 401 ? 1_555 O ? C HOH . ? A HOH 517 ? 4_445 89.6  ? 
# 
loop_
_pdbx_modification_feature.ordinal 
_pdbx_modification_feature.label_comp_id 
_pdbx_modification_feature.label_asym_id 
_pdbx_modification_feature.label_seq_id 
_pdbx_modification_feature.label_alt_id 
_pdbx_modification_feature.modified_residue_label_comp_id 
_pdbx_modification_feature.modified_residue_label_asym_id 
_pdbx_modification_feature.modified_residue_label_seq_id 
_pdbx_modification_feature.modified_residue_label_alt_id 
_pdbx_modification_feature.auth_comp_id 
_pdbx_modification_feature.auth_asym_id 
_pdbx_modification_feature.auth_seq_id 
_pdbx_modification_feature.PDB_ins_code 
_pdbx_modification_feature.symmetry 
_pdbx_modification_feature.modified_residue_auth_comp_id 
_pdbx_modification_feature.modified_residue_auth_asym_id 
_pdbx_modification_feature.modified_residue_auth_seq_id 
_pdbx_modification_feature.modified_residue_PDB_ins_code 
_pdbx_modification_feature.modified_residue_symmetry 
_pdbx_modification_feature.comp_id_linking_atom 
_pdbx_modification_feature.modified_residue_id_linking_atom 
_pdbx_modification_feature.modified_residue_id 
_pdbx_modification_feature.ref_pcm_id 
_pdbx_modification_feature.ref_comp_id 
_pdbx_modification_feature.type 
_pdbx_modification_feature.category 
1 MSE A 99  ? . . . . MSE A 99  ? 1_555 . . . . . . . MET 1 MSE Selenomethionine 'Named protein modification' 
2 MSE A 134 ? . . . . MSE A 134 ? 1_555 . . . . . . . MET 1 MSE Selenomethionine 'Named protein modification' 
3 MSE A 169 ? . . . . MSE A 169 ? 1_555 . . . . . . . MET 1 MSE Selenomethionine 'Named protein modification' 
4 MSE A 204 ? . . . . MSE A 204 ? 1_555 . . . . . . . MET 1 MSE Selenomethionine 'Named protein modification' 
5 MSE A 239 ? . . . . MSE A 239 ? 1_555 . . . . . . . MET 1 MSE Selenomethionine 'Named protein modification' 
# 
_struct_site.id                   AC1 
_struct_site.pdbx_evidence_code   Software 
_struct_site.pdbx_auth_asym_id    A 
_struct_site.pdbx_auth_comp_id    CA 
_struct_site.pdbx_auth_seq_id     401 
_struct_site.pdbx_auth_ins_code   ? 
_struct_site.pdbx_num_residues    5 
_struct_site.details              'binding site for residue CA A 401' 
# 
loop_
_struct_site_gen.id 
_struct_site_gen.site_id 
_struct_site_gen.pdbx_num_res 
_struct_site_gen.label_comp_id 
_struct_site_gen.label_asym_id 
_struct_site_gen.label_seq_id 
_struct_site_gen.pdbx_auth_ins_code 
_struct_site_gen.auth_comp_id 
_struct_site_gen.auth_asym_id 
_struct_site_gen.auth_seq_id 
_struct_site_gen.label_atom_id 
_struct_site_gen.label_alt_id 
_struct_site_gen.symmetry 
_struct_site_gen.details 
1 AC1 5 GLU A 164 ? GLU A 164 . ? 1_555 ? 
2 AC1 5 HOH C .   ? HOH A 505 . ? 4_445 ? 
3 AC1 5 HOH C .   ? HOH A 507 . ? 4_445 ? 
4 AC1 5 HOH C .   ? HOH A 515 . ? 1_555 ? 
5 AC1 5 HOH C .   ? HOH A 517 . ? 4_445 ? 
# 
_pdbx_entry_details.entry_id                   4PJS 
_pdbx_entry_details.compound_details           ? 
_pdbx_entry_details.source_details             ? 
_pdbx_entry_details.nonpolymer_details         ? 
_pdbx_entry_details.sequence_details           ? 
_pdbx_entry_details.has_ligand_of_interest     ? 
_pdbx_entry_details.has_protein_modification   Y 
# 
loop_
_pdbx_validate_close_contact.id 
_pdbx_validate_close_contact.PDB_model_num 
_pdbx_validate_close_contact.auth_atom_id_1 
_pdbx_validate_close_contact.auth_asym_id_1 
_pdbx_validate_close_contact.auth_comp_id_1 
_pdbx_validate_close_contact.auth_seq_id_1 
_pdbx_validate_close_contact.PDB_ins_code_1 
_pdbx_validate_close_contact.label_alt_id_1 
_pdbx_validate_close_contact.auth_atom_id_2 
_pdbx_validate_close_contact.auth_asym_id_2 
_pdbx_validate_close_contact.auth_comp_id_2 
_pdbx_validate_close_contact.auth_seq_id_2 
_pdbx_validate_close_contact.PDB_ins_code_2 
_pdbx_validate_close_contact.label_alt_id_2 
_pdbx_validate_close_contact.dist 
1 1 OE2 A GLU 230 ? B O A HOH 501 ? ? 2.11 
2 1 O   A HOH 514 ? ? O A HOH 524 ? ? 2.15 
# 
_pdbx_validate_symm_contact.id                1 
_pdbx_validate_symm_contact.PDB_model_num     1 
_pdbx_validate_symm_contact.auth_atom_id_1    N 
_pdbx_validate_symm_contact.auth_asym_id_1    A 
_pdbx_validate_symm_contact.auth_comp_id_1    GLY 
_pdbx_validate_symm_contact.auth_seq_id_1     87 
_pdbx_validate_symm_contact.PDB_ins_code_1    ? 
_pdbx_validate_symm_contact.label_alt_id_1    ? 
_pdbx_validate_symm_contact.site_symmetry_1   1_555 
_pdbx_validate_symm_contact.auth_atom_id_2    O 
_pdbx_validate_symm_contact.auth_asym_id_2    A 
_pdbx_validate_symm_contact.auth_comp_id_2    ALA 
_pdbx_validate_symm_contact.auth_seq_id_2     261 
_pdbx_validate_symm_contact.PDB_ins_code_2    ? 
_pdbx_validate_symm_contact.label_alt_id_2    ? 
_pdbx_validate_symm_contact.site_symmetry_2   2_554 
_pdbx_validate_symm_contact.dist              2.12 
# 
_pdbx_validate_torsion.id              1 
_pdbx_validate_torsion.PDB_model_num   1 
_pdbx_validate_torsion.auth_comp_id    LYS 
_pdbx_validate_torsion.auth_asym_id    A 
_pdbx_validate_torsion.auth_seq_id     260 
_pdbx_validate_torsion.PDB_ins_code    ? 
_pdbx_validate_torsion.label_alt_id    ? 
_pdbx_validate_torsion.phi             -103.74 
_pdbx_validate_torsion.psi             57.16 
# 
loop_
_pdbx_unobs_or_zero_occ_residues.id 
_pdbx_unobs_or_zero_occ_residues.PDB_model_num 
_pdbx_unobs_or_zero_occ_residues.polymer_flag 
_pdbx_unobs_or_zero_occ_residues.occupancy_flag 
_pdbx_unobs_or_zero_occ_residues.auth_asym_id 
_pdbx_unobs_or_zero_occ_residues.auth_comp_id 
_pdbx_unobs_or_zero_occ_residues.auth_seq_id 
_pdbx_unobs_or_zero_occ_residues.PDB_ins_code 
_pdbx_unobs_or_zero_occ_residues.label_asym_id 
_pdbx_unobs_or_zero_occ_residues.label_comp_id 
_pdbx_unobs_or_zero_occ_residues.label_seq_id 
1   1 Y 1 A GLY 1   ? A GLY 1   
2   1 Y 1 A ASN 2   ? A ASN 2   
3   1 Y 1 A SER 3   ? A SER 3   
4   1 Y 1 A VAL 4   ? A VAL 4   
5   1 Y 1 A THR 5   ? A THR 5   
6   1 Y 1 A TYR 6   ? A TYR 6   
7   1 Y 1 A ASN 7   ? A ASN 7   
8   1 Y 1 A THR 8   ? A THR 8   
9   1 Y 1 A LEU 9   ? A LEU 9   
10  1 Y 1 A ILE 10  ? A ILE 10  
11  1 Y 1 A SER 11  ? A SER 11  
12  1 Y 1 A GLY 12  ? A GLY 12  
13  1 Y 1 A LEU 13  ? A LEU 13  
14  1 Y 1 A GLY 14  ? A GLY 14  
15  1 Y 1 A LYS 15  ? A LYS 15  
16  1 Y 1 A ALA 16  ? A ALA 16  
17  1 Y 1 A GLY 17  ? A GLY 17  
18  1 Y 1 A ARG 18  ? A ARG 18  
19  1 Y 1 A LEU 19  ? A LEU 19  
20  1 Y 1 A GLU 20  ? A GLU 20  
21  1 Y 1 A GLU 21  ? A GLU 21  
22  1 Y 1 A ALA 22  ? A ALA 22  
23  1 Y 1 A LEU 23  ? A LEU 23  
24  1 Y 1 A GLU 24  ? A GLU 24  
25  1 Y 1 A LEU 25  ? A LEU 25  
26  1 Y 1 A PHE 26  ? A PHE 26  
27  1 Y 1 A GLU 27  ? A GLU 27  
28  1 Y 1 A GLU 28  ? A GLU 28  
29  1 Y 1 A MSE 29  ? A MSE 29  
30  1 Y 1 A LYS 30  ? A LYS 30  
31  1 Y 1 A GLU 31  ? A GLU 31  
32  1 Y 1 A LYS 32  ? A LYS 32  
33  1 Y 1 A GLY 33  ? A GLY 33  
34  1 Y 1 A ILE 34  ? A ILE 34  
35  1 Y 1 A VAL 35  ? A VAL 35  
36  1 Y 1 A PRO 36  ? A PRO 36  
37  1 Y 1 A ASP 37  ? A ASP 37  
38  1 Y 1 A VAL 38  ? A VAL 38  
39  1 Y 1 A VAL 39  ? A VAL 39  
40  1 Y 1 A THR 40  ? A THR 40  
41  1 Y 1 A TYR 41  ? A TYR 41  
42  1 Y 1 A THR 42  ? A THR 42  
43  1 Y 1 A THR 43  ? A THR 43  
44  1 Y 1 A LEU 44  ? A LEU 44  
45  1 Y 1 A ILE 45  ? A ILE 45  
46  1 Y 1 A SER 46  ? A SER 46  
47  1 Y 1 A GLY 47  ? A GLY 47  
48  1 Y 1 A LEU 48  ? A LEU 48  
49  1 Y 1 A GLY 49  ? A GLY 49  
50  1 Y 1 A LYS 50  ? A LYS 50  
51  1 Y 1 A ALA 51  ? A ALA 51  
52  1 Y 1 A GLY 52  ? A GLY 52  
53  1 Y 1 A ARG 53  ? A ARG 53  
54  1 Y 1 A LEU 54  ? A LEU 54  
55  1 Y 1 A GLU 55  ? A GLU 55  
56  1 Y 1 A GLU 56  ? A GLU 56  
57  1 Y 1 A ALA 57  ? A ALA 57  
58  1 Y 1 A LEU 58  ? A LEU 58  
59  1 Y 1 A GLU 59  ? A GLU 59  
60  1 Y 1 A LEU 60  ? A LEU 60  
61  1 Y 1 A PHE 61  ? A PHE 61  
62  1 Y 1 A GLU 62  ? A GLU 62  
63  1 Y 1 A GLU 63  ? A GLU 63  
64  1 Y 1 A MSE 64  ? A MSE 64  
65  1 Y 1 A LYS 65  ? A LYS 65  
66  1 Y 1 A GLU 66  ? A GLU 66  
67  1 Y 1 A LYS 67  ? A LYS 67  
68  1 Y 1 A GLY 68  ? A GLY 68  
69  1 Y 1 A ILE 69  ? A ILE 69  
70  1 Y 1 A VAL 70  ? A VAL 70  
71  1 Y 1 A PRO 71  ? A PRO 71  
72  1 Y 1 A ASP 72  ? A ASP 72  
73  1 Y 1 A VAL 73  ? A VAL 73  
74  1 Y 1 A VAL 74  ? A VAL 74  
75  1 Y 1 A THR 75  ? A THR 75  
76  1 Y 1 A TYR 76  ? A TYR 76  
77  1 Y 1 A ASN 77  ? A ASN 77  
78  1 Y 1 A THR 78  ? A THR 78  
79  1 Y 1 A LEU 79  ? A LEU 79  
80  1 Y 1 A ILE 80  ? A ILE 80  
81  1 Y 1 A SER 81  ? A SER 81  
82  1 Y 1 A GLY 82  ? A GLY 82  
83  1 Y 1 A LEU 83  ? A LEU 83  
84  1 Y 1 A GLY 84  ? A GLY 84  
85  1 Y 1 A LYS 85  ? A LYS 85  
86  1 Y 1 A ALA 86  ? A ALA 86  
87  1 Y 1 A GLY 262 ? A GLY 262 
88  1 Y 1 A ARG 263 ? A ARG 263 
89  1 Y 1 A LEU 264 ? A LEU 264 
90  1 Y 1 A GLU 265 ? A GLU 265 
91  1 Y 1 A GLU 266 ? A GLU 266 
92  1 Y 1 A ALA 267 ? A ALA 267 
93  1 Y 1 A LEU 268 ? A LEU 268 
94  1 Y 1 A GLU 269 ? A GLU 269 
95  1 Y 1 A LEU 270 ? A LEU 270 
96  1 Y 1 A PHE 271 ? A PHE 271 
97  1 Y 1 A GLU 272 ? A GLU 272 
98  1 Y 1 A GLU 273 ? A GLU 273 
99  1 Y 1 A MSE 274 ? A MSE 274 
100 1 Y 1 A LYS 275 ? A LYS 275 
101 1 Y 1 A GLU 276 ? A GLU 276 
102 1 Y 1 A LYS 277 ? A LYS 277 
103 1 Y 1 A GLY 278 ? A GLY 278 
104 1 Y 1 A ILE 279 ? A ILE 279 
105 1 Y 1 A VAL 280 ? A VAL 280 
106 1 Y 1 A PRO 281 ? A PRO 281 
107 1 Y 1 A ASN 282 ? A ASN 282 
108 1 Y 1 A VAL 283 ? A VAL 283 
109 1 Y 1 A VAL 284 ? A VAL 284 
110 1 Y 1 A THR 285 ? A THR 285 
111 1 Y 1 A TYR 286 ? A TYR 286 
112 1 Y 1 A ASN 287 ? A ASN 287 
113 1 Y 1 A THR 288 ? A THR 288 
114 1 Y 1 A LEU 289 ? A LEU 289 
115 1 Y 1 A ILE 290 ? A ILE 290 
116 1 Y 1 A SER 291 ? A SER 291 
117 1 Y 1 A GLY 292 ? A GLY 292 
118 1 Y 1 A LEU 293 ? A LEU 293 
119 1 Y 1 A GLY 294 ? A GLY 294 
120 1 Y 1 A LYS 295 ? A LYS 295 
121 1 Y 1 A ALA 296 ? A ALA 296 
122 1 Y 1 A GLY 297 ? A GLY 297 
123 1 Y 1 A CYS 298 ? A CYS 298 
124 1 Y 1 A GLY 299 ? A GLY 299 
125 1 Y 1 A ARG 300 ? A ARG 300 
126 1 Y 1 A ALA 301 ? A ALA 301 
127 1 Y 1 A LEU 302 ? A LEU 302 
128 1 Y 1 A GLU 303 ? A GLU 303 
# 
loop_
_chem_comp_atom.comp_id 
_chem_comp_atom.atom_id 
_chem_comp_atom.type_symbol 
_chem_comp_atom.pdbx_aromatic_flag 
_chem_comp_atom.pdbx_stereo_config 
_chem_comp_atom.pdbx_ordinal 
ALA N    N  N N 1   
ALA CA   C  N S 2   
ALA C    C  N N 3   
ALA O    O  N N 4   
ALA CB   C  N N 5   
ALA OXT  O  N N 6   
ALA H    H  N N 7   
ALA H2   H  N N 8   
ALA HA   H  N N 9   
ALA HB1  H  N N 10  
ALA HB2  H  N N 11  
ALA HB3  H  N N 12  
ALA HXT  H  N N 13  
ARG N    N  N N 14  
ARG CA   C  N S 15  
ARG C    C  N N 16  
ARG O    O  N N 17  
ARG CB   C  N N 18  
ARG CG   C  N N 19  
ARG CD   C  N N 20  
ARG NE   N  N N 21  
ARG CZ   C  N N 22  
ARG NH1  N  N N 23  
ARG NH2  N  N N 24  
ARG OXT  O  N N 25  
ARG H    H  N N 26  
ARG H2   H  N N 27  
ARG HA   H  N N 28  
ARG HB2  H  N N 29  
ARG HB3  H  N N 30  
ARG HG2  H  N N 31  
ARG HG3  H  N N 32  
ARG HD2  H  N N 33  
ARG HD3  H  N N 34  
ARG HE   H  N N 35  
ARG HH11 H  N N 36  
ARG HH12 H  N N 37  
ARG HH21 H  N N 38  
ARG HH22 H  N N 39  
ARG HXT  H  N N 40  
ASN N    N  N N 41  
ASN CA   C  N S 42  
ASN C    C  N N 43  
ASN O    O  N N 44  
ASN CB   C  N N 45  
ASN CG   C  N N 46  
ASN OD1  O  N N 47  
ASN ND2  N  N N 48  
ASN OXT  O  N N 49  
ASN H    H  N N 50  
ASN H2   H  N N 51  
ASN HA   H  N N 52  
ASN HB2  H  N N 53  
ASN HB3  H  N N 54  
ASN HD21 H  N N 55  
ASN HD22 H  N N 56  
ASN HXT  H  N N 57  
ASP N    N  N N 58  
ASP CA   C  N S 59  
ASP C    C  N N 60  
ASP O    O  N N 61  
ASP CB   C  N N 62  
ASP CG   C  N N 63  
ASP OD1  O  N N 64  
ASP OD2  O  N N 65  
ASP OXT  O  N N 66  
ASP H    H  N N 67  
ASP H2   H  N N 68  
ASP HA   H  N N 69  
ASP HB2  H  N N 70  
ASP HB3  H  N N 71  
ASP HD2  H  N N 72  
ASP HXT  H  N N 73  
CA  CA   CA N N 74  
CYS N    N  N N 75  
CYS CA   C  N R 76  
CYS C    C  N N 77  
CYS O    O  N N 78  
CYS CB   C  N N 79  
CYS SG   S  N N 80  
CYS OXT  O  N N 81  
CYS H    H  N N 82  
CYS H2   H  N N 83  
CYS HA   H  N N 84  
CYS HB2  H  N N 85  
CYS HB3  H  N N 86  
CYS HG   H  N N 87  
CYS HXT  H  N N 88  
GLU N    N  N N 89  
GLU CA   C  N S 90  
GLU C    C  N N 91  
GLU O    O  N N 92  
GLU CB   C  N N 93  
GLU CG   C  N N 94  
GLU CD   C  N N 95  
GLU OE1  O  N N 96  
GLU OE2  O  N N 97  
GLU OXT  O  N N 98  
GLU H    H  N N 99  
GLU H2   H  N N 100 
GLU HA   H  N N 101 
GLU HB2  H  N N 102 
GLU HB3  H  N N 103 
GLU HG2  H  N N 104 
GLU HG3  H  N N 105 
GLU HE2  H  N N 106 
GLU HXT  H  N N 107 
GLY N    N  N N 108 
GLY CA   C  N N 109 
GLY C    C  N N 110 
GLY O    O  N N 111 
GLY OXT  O  N N 112 
GLY H    H  N N 113 
GLY H2   H  N N 114 
GLY HA2  H  N N 115 
GLY HA3  H  N N 116 
GLY HXT  H  N N 117 
HOH O    O  N N 118 
HOH H1   H  N N 119 
HOH H2   H  N N 120 
ILE N    N  N N 121 
ILE CA   C  N S 122 
ILE C    C  N N 123 
ILE O    O  N N 124 
ILE CB   C  N S 125 
ILE CG1  C  N N 126 
ILE CG2  C  N N 127 
ILE CD1  C  N N 128 
ILE OXT  O  N N 129 
ILE H    H  N N 130 
ILE H2   H  N N 131 
ILE HA   H  N N 132 
ILE HB   H  N N 133 
ILE HG12 H  N N 134 
ILE HG13 H  N N 135 
ILE HG21 H  N N 136 
ILE HG22 H  N N 137 
ILE HG23 H  N N 138 
ILE HD11 H  N N 139 
ILE HD12 H  N N 140 
ILE HD13 H  N N 141 
ILE HXT  H  N N 142 
LEU N    N  N N 143 
LEU CA   C  N S 144 
LEU C    C  N N 145 
LEU O    O  N N 146 
LEU CB   C  N N 147 
LEU CG   C  N N 148 
LEU CD1  C  N N 149 
LEU CD2  C  N N 150 
LEU OXT  O  N N 151 
LEU H    H  N N 152 
LEU H2   H  N N 153 
LEU HA   H  N N 154 
LEU HB2  H  N N 155 
LEU HB3  H  N N 156 
LEU HG   H  N N 157 
LEU HD11 H  N N 158 
LEU HD12 H  N N 159 
LEU HD13 H  N N 160 
LEU HD21 H  N N 161 
LEU HD22 H  N N 162 
LEU HD23 H  N N 163 
LEU HXT  H  N N 164 
LYS N    N  N N 165 
LYS CA   C  N S 166 
LYS C    C  N N 167 
LYS O    O  N N 168 
LYS CB   C  N N 169 
LYS CG   C  N N 170 
LYS CD   C  N N 171 
LYS CE   C  N N 172 
LYS NZ   N  N N 173 
LYS OXT  O  N N 174 
LYS H    H  N N 175 
LYS H2   H  N N 176 
LYS HA   H  N N 177 
LYS HB2  H  N N 178 
LYS HB3  H  N N 179 
LYS HG2  H  N N 180 
LYS HG3  H  N N 181 
LYS HD2  H  N N 182 
LYS HD3  H  N N 183 
LYS HE2  H  N N 184 
LYS HE3  H  N N 185 
LYS HZ1  H  N N 186 
LYS HZ2  H  N N 187 
LYS HZ3  H  N N 188 
LYS HXT  H  N N 189 
MSE N    N  N N 190 
MSE CA   C  N S 191 
MSE C    C  N N 192 
MSE O    O  N N 193 
MSE OXT  O  N N 194 
MSE CB   C  N N 195 
MSE CG   C  N N 196 
MSE SE   SE N N 197 
MSE CE   C  N N 198 
MSE H    H  N N 199 
MSE H2   H  N N 200 
MSE HA   H  N N 201 
MSE HXT  H  N N 202 
MSE HB2  H  N N 203 
MSE HB3  H  N N 204 
MSE HG2  H  N N 205 
MSE HG3  H  N N 206 
MSE HE1  H  N N 207 
MSE HE2  H  N N 208 
MSE HE3  H  N N 209 
PHE N    N  N N 210 
PHE CA   C  N S 211 
PHE C    C  N N 212 
PHE O    O  N N 213 
PHE CB   C  N N 214 
PHE CG   C  Y N 215 
PHE CD1  C  Y N 216 
PHE CD2  C  Y N 217 
PHE CE1  C  Y N 218 
PHE CE2  C  Y N 219 
PHE CZ   C  Y N 220 
PHE OXT  O  N N 221 
PHE H    H  N N 222 
PHE H2   H  N N 223 
PHE HA   H  N N 224 
PHE HB2  H  N N 225 
PHE HB3  H  N N 226 
PHE HD1  H  N N 227 
PHE HD2  H  N N 228 
PHE HE1  H  N N 229 
PHE HE2  H  N N 230 
PHE HZ   H  N N 231 
PHE HXT  H  N N 232 
PRO N    N  N N 233 
PRO CA   C  N S 234 
PRO C    C  N N 235 
PRO O    O  N N 236 
PRO CB   C  N N 237 
PRO CG   C  N N 238 
PRO CD   C  N N 239 
PRO OXT  O  N N 240 
PRO H    H  N N 241 
PRO HA   H  N N 242 
PRO HB2  H  N N 243 
PRO HB3  H  N N 244 
PRO HG2  H  N N 245 
PRO HG3  H  N N 246 
PRO HD2  H  N N 247 
PRO HD3  H  N N 248 
PRO HXT  H  N N 249 
SER N    N  N N 250 
SER CA   C  N S 251 
SER C    C  N N 252 
SER O    O  N N 253 
SER CB   C  N N 254 
SER OG   O  N N 255 
SER OXT  O  N N 256 
SER H    H  N N 257 
SER H2   H  N N 258 
SER HA   H  N N 259 
SER HB2  H  N N 260 
SER HB3  H  N N 261 
SER HG   H  N N 262 
SER HXT  H  N N 263 
THR N    N  N N 264 
THR CA   C  N S 265 
THR C    C  N N 266 
THR O    O  N N 267 
THR CB   C  N R 268 
THR OG1  O  N N 269 
THR CG2  C  N N 270 
THR OXT  O  N N 271 
THR H    H  N N 272 
THR H2   H  N N 273 
THR HA   H  N N 274 
THR HB   H  N N 275 
THR HG1  H  N N 276 
THR HG21 H  N N 277 
THR HG22 H  N N 278 
THR HG23 H  N N 279 
THR HXT  H  N N 280 
TYR N    N  N N 281 
TYR CA   C  N S 282 
TYR C    C  N N 283 
TYR O    O  N N 284 
TYR CB   C  N N 285 
TYR CG   C  Y N 286 
TYR CD1  C  Y N 287 
TYR CD2  C  Y N 288 
TYR CE1  C  Y N 289 
TYR CE2  C  Y N 290 
TYR CZ   C  Y N 291 
TYR OH   O  N N 292 
TYR OXT  O  N N 293 
TYR H    H  N N 294 
TYR H2   H  N N 295 
TYR HA   H  N N 296 
TYR HB2  H  N N 297 
TYR HB3  H  N N 298 
TYR HD1  H  N N 299 
TYR HD2  H  N N 300 
TYR HE1  H  N N 301 
TYR HE2  H  N N 302 
TYR HH   H  N N 303 
TYR HXT  H  N N 304 
VAL N    N  N N 305 
VAL CA   C  N S 306 
VAL C    C  N N 307 
VAL O    O  N N 308 
VAL CB   C  N N 309 
VAL CG1  C  N N 310 
VAL CG2  C  N N 311 
VAL OXT  O  N N 312 
VAL H    H  N N 313 
VAL H2   H  N N 314 
VAL HA   H  N N 315 
VAL HB   H  N N 316 
VAL HG11 H  N N 317 
VAL HG12 H  N N 318 
VAL HG13 H  N N 319 
VAL HG21 H  N N 320 
VAL HG22 H  N N 321 
VAL HG23 H  N N 322 
VAL HXT  H  N N 323 
# 
loop_
_chem_comp_bond.comp_id 
_chem_comp_bond.atom_id_1 
_chem_comp_bond.atom_id_2 
_chem_comp_bond.value_order 
_chem_comp_bond.pdbx_aromatic_flag 
_chem_comp_bond.pdbx_stereo_config 
_chem_comp_bond.pdbx_ordinal 
ALA N   CA   sing N N 1   
ALA N   H    sing N N 2   
ALA N   H2   sing N N 3   
ALA CA  C    sing N N 4   
ALA CA  CB   sing N N 5   
ALA CA  HA   sing N N 6   
ALA C   O    doub N N 7   
ALA C   OXT  sing N N 8   
ALA CB  HB1  sing N N 9   
ALA CB  HB2  sing N N 10  
ALA CB  HB3  sing N N 11  
ALA OXT HXT  sing N N 12  
ARG N   CA   sing N N 13  
ARG N   H    sing N N 14  
ARG N   H2   sing N N 15  
ARG CA  C    sing N N 16  
ARG CA  CB   sing N N 17  
ARG CA  HA   sing N N 18  
ARG C   O    doub N N 19  
ARG C   OXT  sing N N 20  
ARG CB  CG   sing N N 21  
ARG CB  HB2  sing N N 22  
ARG CB  HB3  sing N N 23  
ARG CG  CD   sing N N 24  
ARG CG  HG2  sing N N 25  
ARG CG  HG3  sing N N 26  
ARG CD  NE   sing N N 27  
ARG CD  HD2  sing N N 28  
ARG CD  HD3  sing N N 29  
ARG NE  CZ   sing N N 30  
ARG NE  HE   sing N N 31  
ARG CZ  NH1  sing N N 32  
ARG CZ  NH2  doub N N 33  
ARG NH1 HH11 sing N N 34  
ARG NH1 HH12 sing N N 35  
ARG NH2 HH21 sing N N 36  
ARG NH2 HH22 sing N N 37  
ARG OXT HXT  sing N N 38  
ASN N   CA   sing N N 39  
ASN N   H    sing N N 40  
ASN N   H2   sing N N 41  
ASN CA  C    sing N N 42  
ASN CA  CB   sing N N 43  
ASN CA  HA   sing N N 44  
ASN C   O    doub N N 45  
ASN C   OXT  sing N N 46  
ASN CB  CG   sing N N 47  
ASN CB  HB2  sing N N 48  
ASN CB  HB3  sing N N 49  
ASN CG  OD1  doub N N 50  
ASN CG  ND2  sing N N 51  
ASN ND2 HD21 sing N N 52  
ASN ND2 HD22 sing N N 53  
ASN OXT HXT  sing N N 54  
ASP N   CA   sing N N 55  
ASP N   H    sing N N 56  
ASP N   H2   sing N N 57  
ASP CA  C    sing N N 58  
ASP CA  CB   sing N N 59  
ASP CA  HA   sing N N 60  
ASP C   O    doub N N 61  
ASP C   OXT  sing N N 62  
ASP CB  CG   sing N N 63  
ASP CB  HB2  sing N N 64  
ASP CB  HB3  sing N N 65  
ASP CG  OD1  doub N N 66  
ASP CG  OD2  sing N N 67  
ASP OD2 HD2  sing N N 68  
ASP OXT HXT  sing N N 69  
CYS N   CA   sing N N 70  
CYS N   H    sing N N 71  
CYS N   H2   sing N N 72  
CYS CA  C    sing N N 73  
CYS CA  CB   sing N N 74  
CYS CA  HA   sing N N 75  
CYS C   O    doub N N 76  
CYS C   OXT  sing N N 77  
CYS CB  SG   sing N N 78  
CYS CB  HB2  sing N N 79  
CYS CB  HB3  sing N N 80  
CYS SG  HG   sing N N 81  
CYS OXT HXT  sing N N 82  
GLU N   CA   sing N N 83  
GLU N   H    sing N N 84  
GLU N   H2   sing N N 85  
GLU CA  C    sing N N 86  
GLU CA  CB   sing N N 87  
GLU CA  HA   sing N N 88  
GLU C   O    doub N N 89  
GLU C   OXT  sing N N 90  
GLU CB  CG   sing N N 91  
GLU CB  HB2  sing N N 92  
GLU CB  HB3  sing N N 93  
GLU CG  CD   sing N N 94  
GLU CG  HG2  sing N N 95  
GLU CG  HG3  sing N N 96  
GLU CD  OE1  doub N N 97  
GLU CD  OE2  sing N N 98  
GLU OE2 HE2  sing N N 99  
GLU OXT HXT  sing N N 100 
GLY N   CA   sing N N 101 
GLY N   H    sing N N 102 
GLY N   H2   sing N N 103 
GLY CA  C    sing N N 104 
GLY CA  HA2  sing N N 105 
GLY CA  HA3  sing N N 106 
GLY C   O    doub N N 107 
GLY C   OXT  sing N N 108 
GLY OXT HXT  sing N N 109 
HOH O   H1   sing N N 110 
HOH O   H2   sing N N 111 
ILE N   CA   sing N N 112 
ILE N   H    sing N N 113 
ILE N   H2   sing N N 114 
ILE CA  C    sing N N 115 
ILE CA  CB   sing N N 116 
ILE CA  HA   sing N N 117 
ILE C   O    doub N N 118 
ILE C   OXT  sing N N 119 
ILE CB  CG1  sing N N 120 
ILE CB  CG2  sing N N 121 
ILE CB  HB   sing N N 122 
ILE CG1 CD1  sing N N 123 
ILE CG1 HG12 sing N N 124 
ILE CG1 HG13 sing N N 125 
ILE CG2 HG21 sing N N 126 
ILE CG2 HG22 sing N N 127 
ILE CG2 HG23 sing N N 128 
ILE CD1 HD11 sing N N 129 
ILE CD1 HD12 sing N N 130 
ILE CD1 HD13 sing N N 131 
ILE OXT HXT  sing N N 132 
LEU N   CA   sing N N 133 
LEU N   H    sing N N 134 
LEU N   H2   sing N N 135 
LEU CA  C    sing N N 136 
LEU CA  CB   sing N N 137 
LEU CA  HA   sing N N 138 
LEU C   O    doub N N 139 
LEU C   OXT  sing N N 140 
LEU CB  CG   sing N N 141 
LEU CB  HB2  sing N N 142 
LEU CB  HB3  sing N N 143 
LEU CG  CD1  sing N N 144 
LEU CG  CD2  sing N N 145 
LEU CG  HG   sing N N 146 
LEU CD1 HD11 sing N N 147 
LEU CD1 HD12 sing N N 148 
LEU CD1 HD13 sing N N 149 
LEU CD2 HD21 sing N N 150 
LEU CD2 HD22 sing N N 151 
LEU CD2 HD23 sing N N 152 
LEU OXT HXT  sing N N 153 
LYS N   CA   sing N N 154 
LYS N   H    sing N N 155 
LYS N   H2   sing N N 156 
LYS CA  C    sing N N 157 
LYS CA  CB   sing N N 158 
LYS CA  HA   sing N N 159 
LYS C   O    doub N N 160 
LYS C   OXT  sing N N 161 
LYS CB  CG   sing N N 162 
LYS CB  HB2  sing N N 163 
LYS CB  HB3  sing N N 164 
LYS CG  CD   sing N N 165 
LYS CG  HG2  sing N N 166 
LYS CG  HG3  sing N N 167 
LYS CD  CE   sing N N 168 
LYS CD  HD2  sing N N 169 
LYS CD  HD3  sing N N 170 
LYS CE  NZ   sing N N 171 
LYS CE  HE2  sing N N 172 
LYS CE  HE3  sing N N 173 
LYS NZ  HZ1  sing N N 174 
LYS NZ  HZ2  sing N N 175 
LYS NZ  HZ3  sing N N 176 
LYS OXT HXT  sing N N 177 
MSE N   CA   sing N N 178 
MSE N   H    sing N N 179 
MSE N   H2   sing N N 180 
MSE CA  C    sing N N 181 
MSE CA  CB   sing N N 182 
MSE CA  HA   sing N N 183 
MSE C   O    doub N N 184 
MSE C   OXT  sing N N 185 
MSE OXT HXT  sing N N 186 
MSE CB  CG   sing N N 187 
MSE CB  HB2  sing N N 188 
MSE CB  HB3  sing N N 189 
MSE CG  SE   sing N N 190 
MSE CG  HG2  sing N N 191 
MSE CG  HG3  sing N N 192 
MSE SE  CE   sing N N 193 
MSE CE  HE1  sing N N 194 
MSE CE  HE2  sing N N 195 
MSE CE  HE3  sing N N 196 
PHE N   CA   sing N N 197 
PHE N   H    sing N N 198 
PHE N   H2   sing N N 199 
PHE CA  C    sing N N 200 
PHE CA  CB   sing N N 201 
PHE CA  HA   sing N N 202 
PHE C   O    doub N N 203 
PHE C   OXT  sing N N 204 
PHE CB  CG   sing N N 205 
PHE CB  HB2  sing N N 206 
PHE CB  HB3  sing N N 207 
PHE CG  CD1  doub Y N 208 
PHE CG  CD2  sing Y N 209 
PHE CD1 CE1  sing Y N 210 
PHE CD1 HD1  sing N N 211 
PHE CD2 CE2  doub Y N 212 
PHE CD2 HD2  sing N N 213 
PHE CE1 CZ   doub Y N 214 
PHE CE1 HE1  sing N N 215 
PHE CE2 CZ   sing Y N 216 
PHE CE2 HE2  sing N N 217 
PHE CZ  HZ   sing N N 218 
PHE OXT HXT  sing N N 219 
PRO N   CA   sing N N 220 
PRO N   CD   sing N N 221 
PRO N   H    sing N N 222 
PRO CA  C    sing N N 223 
PRO CA  CB   sing N N 224 
PRO CA  HA   sing N N 225 
PRO C   O    doub N N 226 
PRO C   OXT  sing N N 227 
PRO CB  CG   sing N N 228 
PRO CB  HB2  sing N N 229 
PRO CB  HB3  sing N N 230 
PRO CG  CD   sing N N 231 
PRO CG  HG2  sing N N 232 
PRO CG  HG3  sing N N 233 
PRO CD  HD2  sing N N 234 
PRO CD  HD3  sing N N 235 
PRO OXT HXT  sing N N 236 
SER N   CA   sing N N 237 
SER N   H    sing N N 238 
SER N   H2   sing N N 239 
SER CA  C    sing N N 240 
SER CA  CB   sing N N 241 
SER CA  HA   sing N N 242 
SER C   O    doub N N 243 
SER C   OXT  sing N N 244 
SER CB  OG   sing N N 245 
SER CB  HB2  sing N N 246 
SER CB  HB3  sing N N 247 
SER OG  HG   sing N N 248 
SER OXT HXT  sing N N 249 
THR N   CA   sing N N 250 
THR N   H    sing N N 251 
THR N   H2   sing N N 252 
THR CA  C    sing N N 253 
THR CA  CB   sing N N 254 
THR CA  HA   sing N N 255 
THR C   O    doub N N 256 
THR C   OXT  sing N N 257 
THR CB  OG1  sing N N 258 
THR CB  CG2  sing N N 259 
THR CB  HB   sing N N 260 
THR OG1 HG1  sing N N 261 
THR CG2 HG21 sing N N 262 
THR CG2 HG22 sing N N 263 
THR CG2 HG23 sing N N 264 
THR OXT HXT  sing N N 265 
TYR N   CA   sing N N 266 
TYR N   H    sing N N 267 
TYR N   H2   sing N N 268 
TYR CA  C    sing N N 269 
TYR CA  CB   sing N N 270 
TYR CA  HA   sing N N 271 
TYR C   O    doub N N 272 
TYR C   OXT  sing N N 273 
TYR CB  CG   sing N N 274 
TYR CB  HB2  sing N N 275 
TYR CB  HB3  sing N N 276 
TYR CG  CD1  doub Y N 277 
TYR CG  CD2  sing Y N 278 
TYR CD1 CE1  sing Y N 279 
TYR CD1 HD1  sing N N 280 
TYR CD2 CE2  doub Y N 281 
TYR CD2 HD2  sing N N 282 
TYR CE1 CZ   doub Y N 283 
TYR CE1 HE1  sing N N 284 
TYR CE2 CZ   sing Y N 285 
TYR CE2 HE2  sing N N 286 
TYR CZ  OH   sing N N 287 
TYR OH  HH   sing N N 288 
TYR OXT HXT  sing N N 289 
VAL N   CA   sing N N 290 
VAL N   H    sing N N 291 
VAL N   H2   sing N N 292 
VAL CA  C    sing N N 293 
VAL CA  CB   sing N N 294 
VAL CA  HA   sing N N 295 
VAL C   O    doub N N 296 
VAL C   OXT  sing N N 297 
VAL CB  CG1  sing N N 298 
VAL CB  CG2  sing N N 299 
VAL CB  HB   sing N N 300 
VAL CG1 HG11 sing N N 301 
VAL CG1 HG12 sing N N 302 
VAL CG1 HG13 sing N N 303 
VAL CG2 HG21 sing N N 304 
VAL CG2 HG22 sing N N 305 
VAL CG2 HG23 sing N N 306 
VAL OXT HXT  sing N N 307 
# 
loop_
_pdbx_audit_support.funding_organization 
_pdbx_audit_support.country 
_pdbx_audit_support.grant_number 
_pdbx_audit_support.ordinal 
'Swiss National Science Foundation'                               Switzerland 316030-128787 1 
'Swiss National Science Foundation'                               Switzerland 31003A_140924 2 
'Swiss National Science Foundation'                               Switzerland 31003A_124909 3 
'Novartis  Foundation for medical-biological research'            Switzerland 09A07         4 
'Australian Research Council (ARC)'                               Australia   FT0991008     5 
'Australian Research Council (ARC)'                               Australia   FT0991113     6 
'Australian Research Council (ARC)'                               Australia   DP140104111   7 
'National Health and Medical Research Council (NHMRC, Australia)' Australia   APP1058442    8 
'National Health and Medical Research Council (NHMRC, Australia)' Australia   APP1045677    9 
# 
_atom_sites.entry_id                    4PJS 
_atom_sites.fract_transf_matrix[1][1]   0.00475076 
_atom_sites.fract_transf_matrix[1][2]   -0.00164001 
_atom_sites.fract_transf_matrix[1][3]   0.01751519 
_atom_sites.fract_transf_matrix[2][1]   -0.01241283 
_atom_sites.fract_transf_matrix[2][2]   -0.00345821 
_atom_sites.fract_transf_matrix[2][3]   0.00304301 
_atom_sites.fract_transf_matrix[3][1]   0.00265049 
_atom_sites.fract_transf_matrix[3][2]   -0.01105724 
_atom_sites.fract_transf_matrix[3][3]   -0.00175424 
_atom_sites.fract_transf_vector[1]      0.242726 
_atom_sites.fract_transf_vector[2]      -0.128365 
_atom_sites.fract_transf_vector[3]      -0.039558 
# 
loop_
_atom_type.symbol 
C  
CA 
N  
O  
SE 
# 
loop_
_atom_site.group_PDB 
_atom_site.id 
_atom_site.type_symbol 
_atom_site.label_atom_id 
_atom_site.label_alt_id 
_atom_site.label_comp_id 
_atom_site.label_asym_id 
_atom_site.label_entity_id 
_atom_site.label_seq_id 
_atom_site.pdbx_PDB_ins_code 
_atom_site.Cartn_x 
_atom_site.Cartn_y 
_atom_site.Cartn_z 
_atom_site.occupancy 
_atom_site.B_iso_or_equiv 
_atom_site.pdbx_formal_charge 
_atom_site.auth_seq_id 
_atom_site.auth_comp_id 
_atom_site.auth_asym_id 
_atom_site.auth_atom_id 
_atom_site.pdbx_PDB_model_num 
ATOM   1    N  N   . GLY A 1 87  ? -20.056 7.744   -6.657  1.00 41.96 ? 87  GLY A N   1 
ATOM   2    C  CA  . GLY A 1 87  ? -19.705 6.933   -7.809  1.00 41.31 ? 87  GLY A CA  1 
ATOM   3    C  C   . GLY A 1 87  ? -20.062 7.635   -9.090  1.00 46.10 ? 87  GLY A C   1 
ATOM   4    O  O   . GLY A 1 87  ? -19.824 7.117   -10.177 1.00 58.30 ? 87  GLY A O   1 
ATOM   5    N  N   . ARG A 1 88  ? -20.629 8.829   -8.968  1.00 53.73 ? 88  ARG A N   1 
ATOM   6    C  CA  . ARG A 1 88  ? -20.986 9.618   -10.144 1.00 52.76 ? 88  ARG A CA  1 
ATOM   7    C  C   . ARG A 1 88  ? -19.749 10.373  -10.605 1.00 48.89 ? 88  ARG A C   1 
ATOM   8    O  O   . ARG A 1 88  ? -19.680 11.601  -10.587 1.00 45.79 ? 88  ARG A O   1 
ATOM   9    C  CB  . ARG A 1 88  ? -22.143 10.558  -9.821  1.00 51.08 ? 88  ARG A CB  1 
ATOM   10   C  CG  . ARG A 1 88  ? -23.323 9.831   -9.202  1.00 44.76 ? 88  ARG A CG  1 
ATOM   11   C  CD  . ARG A 1 88  ? -24.386 10.801  -8.707  1.00 49.31 ? 88  ARG A CD  1 
ATOM   12   N  NE  . ARG A 1 88  ? -24.867 11.683  -9.770  1.00 46.10 ? 88  ARG A NE  1 
ATOM   13   C  CZ  . ARG A 1 88  ? -25.806 12.606  -9.597  1.00 38.62 ? 88  ARG A CZ  1 
ATOM   14   N  NH1 . ARG A 1 88  ? -26.184 13.373  -10.612 1.00 34.75 ? 88  ARG A NH1 1 
ATOM   15   N  NH2 . ARG A 1 88  ? -26.365 12.763  -8.404  1.00 31.82 ? 88  ARG A NH2 1 
ATOM   16   N  N   . LEU A 1 89  ? -18.768 9.594   -11.032 1.00 46.78 ? 89  LEU A N   1 
ATOM   17   C  CA  . LEU A 1 89  ? -17.427 10.076  -11.266 1.00 40.04 ? 89  LEU A CA  1 
ATOM   18   C  C   . LEU A 1 89  ? -17.313 10.937  -12.515 1.00 42.56 ? 89  LEU A C   1 
ATOM   19   O  O   . LEU A 1 89  ? -16.543 11.900  -12.557 1.00 45.73 ? 89  LEU A O   1 
ATOM   20   C  CB  . LEU A 1 89  ? -16.508 8.874   -11.378 1.00 40.31 ? 89  LEU A CB  1 
ATOM   21   C  CG  . LEU A 1 89  ? -15.034 9.072   -11.109 1.00 41.28 ? 89  LEU A CG  1 
ATOM   22   C  CD1 . LEU A 1 89  ? -14.835 9.473   -9.650  1.00 36.14 ? 89  LEU A CD1 1 
ATOM   23   C  CD2 . LEU A 1 89  ? -14.346 7.769   -11.449 1.00 38.02 ? 89  LEU A CD2 1 
ATOM   24   N  N   A GLU A 1 90  ? -18.073 10.577  -13.554 0.48 42.43 ? 90  GLU A N   1 
ATOM   25   N  N   B GLU A 1 90  ? -18.082 10.589  -13.550 0.52 42.43 ? 90  GLU A N   1 
ATOM   26   C  CA  A GLU A 1 90  ? -18.087 11.354  -14.786 0.48 45.44 ? 90  GLU A CA  1 
ATOM   27   C  CA  B GLU A 1 90  ? -18.062 11.369  -14.777 0.52 45.44 ? 90  GLU A CA  1 
ATOM   28   C  C   A GLU A 1 90  ? -18.589 12.774  -14.536 0.48 44.75 ? 90  GLU A C   1 
ATOM   29   C  C   B GLU A 1 90  ? -18.603 12.778  -14.556 0.52 44.75 ? 90  GLU A C   1 
ATOM   30   O  O   A GLU A 1 90  ? -18.064 13.737  -15.096 0.48 44.62 ? 90  GLU A O   1 
ATOM   31   O  O   B GLU A 1 90  ? -18.114 13.736  -15.155 0.52 44.62 ? 90  GLU A O   1 
ATOM   32   C  CB  A GLU A 1 90  ? -18.938 10.659  -15.858 0.48 47.60 ? 90  GLU A CB  1 
ATOM   33   C  CB  B GLU A 1 90  ? -18.815 10.652  -15.899 0.52 47.57 ? 90  GLU A CB  1 
ATOM   34   C  CG  A GLU A 1 90  ? -19.624 11.598  -16.854 0.48 50.03 ? 90  GLU A CG  1 
ATOM   35   C  CG  B GLU A 1 90  ? -18.167 9.345   -16.318 0.52 49.31 ? 90  GLU A CG  1 
ATOM   36   C  CD  A GLU A 1 90  ? -18.703 12.098  -17.955 0.48 50.11 ? 90  GLU A CD  1 
ATOM   37   C  CD  B GLU A 1 90  ? -16.725 9.520   -16.789 0.52 48.05 ? 90  GLU A CD  1 
ATOM   38   O  OE1 A GLU A 1 90  ? -17.635 12.662  -17.639 0.48 47.71 ? 90  GLU A OE1 1 
ATOM   39   O  OE1 B GLU A 1 90  ? -16.399 10.559  -17.401 0.52 42.71 ? 90  GLU A OE1 1 
ATOM   40   O  OE2 A GLU A 1 90  ? -19.055 11.929  -19.143 0.48 54.28 ? 90  GLU A OE2 1 
ATOM   41   O  OE2 B GLU A 1 90  ? -15.912 8.610   -16.545 0.52 48.30 ? 90  GLU A OE2 1 
ATOM   42   N  N   . GLU A 1 91  ? -19.606 12.902  -13.680 1.00 39.66 ? 91  GLU A N   1 
ATOM   43   C  CA  . GLU A 1 91  ? -20.124 14.216  -13.314 1.00 39.76 ? 91  GLU A CA  1 
ATOM   44   C  C   . GLU A 1 91  ? -19.104 14.989  -12.477 1.00 36.72 ? 91  GLU A C   1 
ATOM   45   O  O   . GLU A 1 91  ? -18.858 16.173  -12.726 1.00 33.86 ? 91  GLU A O   1 
ATOM   46   C  CB  . GLU A 1 91  ? -21.475 14.107  -12.589 1.00 42.59 ? 91  GLU A CB  1 
ATOM   47   C  CG  . GLU A 1 91  ? -22.663 13.907  -13.535 1.00 50.63 ? 91  GLU A CG  1 
ATOM   48   C  CD  . GLU A 1 91  ? -23.975 13.540  -12.823 1.00 59.93 ? 91  GLU A CD  1 
ATOM   49   O  OE1 . GLU A 1 91  ? -24.017 12.510  -12.093 1.00 55.05 ? 91  GLU A OE1 1 
ATOM   50   O  OE2 . GLU A 1 91  ? -24.971 14.285  -13.010 1.00 53.00 ? 91  GLU A OE2 1 
ATOM   51   N  N   . ALA A 1 92  ? -18.496 14.314  -11.503 1.00 35.88 ? 92  ALA A N   1 
ATOM   52   C  CA  . ALA A 1 92  ? -17.441 14.919  -10.693 1.00 30.10 ? 92  ALA A CA  1 
ATOM   53   C  C   . ALA A 1 92  ? -16.343 15.522  -11.565 1.00 35.49 ? 92  ALA A C   1 
ATOM   54   O  O   . ALA A 1 92  ? -15.918 16.657  -11.334 1.00 32.99 ? 92  ALA A O   1 
ATOM   55   C  CB  . ALA A 1 92  ? -16.857 13.912  -9.723  1.00 25.37 ? 92  ALA A CB  1 
ATOM   56   N  N   . LEU A 1 93  ? -15.901 14.785  -12.581 1.00 33.68 ? 93  LEU A N   1 
ATOM   57   C  CA  . LEU A 1 93  ? -14.835 15.283  -13.442 1.00 29.13 ? 93  LEU A CA  1 
ATOM   58   C  C   . LEU A 1 93  ? -15.253 16.506  -14.259 1.00 31.51 ? 93  LEU A C   1 
ATOM   59   O  O   . LEU A 1 93  ? -14.430 17.392  -14.519 1.00 30.75 ? 93  LEU A O   1 
ATOM   60   C  CB  . LEU A 1 93  ? -14.282 14.170  -14.335 1.00 30.77 ? 93  LEU A CB  1 
ATOM   61   C  CG  . LEU A 1 93  ? -13.481 13.074  -13.616 1.00 32.59 ? 93  LEU A CG  1 
ATOM   62   C  CD1 . LEU A 1 93  ? -13.304 11.864  -14.514 1.00 36.85 ? 93  LEU A CD1 1 
ATOM   63   C  CD2 . LEU A 1 93  ? -12.127 13.575  -13.131 1.00 19.79 ? 93  LEU A CD2 1 
ATOM   64   N  N   . GLU A 1 94  ? -16.526 16.569  -14.650 1.00 36.01 ? 94  GLU A N   1 
ATOM   65   C  CA  . GLU A 1 94  ? -17.025 17.720  -15.405 1.00 33.41 ? 94  GLU A CA  1 
ATOM   66   C  C   . GLU A 1 94  ? -16.955 18.949  -14.541 1.00 27.71 ? 94  GLU A C   1 
ATOM   67   O  O   . GLU A 1 94  ? -16.561 20.017  -14.992 1.00 31.39 ? 94  GLU A O   1 
ATOM   68   C  CB  . GLU A 1 94  ? -18.469 17.521  -15.854 1.00 36.22 ? 94  GLU A CB  1 
ATOM   69   C  CG  . GLU A 1 94  ? -18.668 16.509  -16.968 1.00 47.51 ? 94  GLU A CG  1 
ATOM   70   C  CD  . GLU A 1 94  ? -20.143 16.348  -17.349 1.00 65.02 ? 94  GLU A CD  1 
ATOM   71   O  OE1 . GLU A 1 94  ? -20.841 17.384  -17.501 1.00 64.82 ? 94  GLU A OE1 1 
ATOM   72   O  OE2 . GLU A 1 94  ? -20.601 15.183  -17.482 1.00 61.60 ? 94  GLU A OE2 1 
ATOM   73   N  N   . LEU A 1 95  ? -17.339 18.791  -13.284 1.00 27.22 ? 95  LEU A N   1 
ATOM   74   C  CA  . LEU A 1 95  ? -17.324 19.903  -12.365 1.00 26.72 ? 95  LEU A CA  1 
ATOM   75   C  C   . LEU A 1 95  ? -15.888 20.358  -12.155 1.00 26.06 ? 95  LEU A C   1 
ATOM   76   O  O   . LEU A 1 95  ? -15.605 21.555  -12.178 1.00 27.73 ? 95  LEU A O   1 
ATOM   77   C  CB  . LEU A 1 95  ? -18.011 19.514  -11.055 1.00 30.78 ? 95  LEU A CB  1 
ATOM   78   C  CG  . LEU A 1 95  ? -19.312 20.269  -10.758 1.00 24.00 ? 95  LEU A CG  1 
ATOM   79   C  CD1 . LEU A 1 95  ? -20.158 20.394  -12.001 1.00 25.95 ? 95  LEU A CD1 1 
ATOM   80   C  CD2 . LEU A 1 95  ? -20.084 19.568  -9.686  1.00 24.08 ? 95  LEU A CD2 1 
ATOM   81   N  N   . PHE A 1 96  ? -14.987 19.391  -11.999 1.00 25.11 ? 96  PHE A N   1 
ATOM   82   C  CA  . PHE A 1 96  ? -13.549 19.659  -11.910 1.00 27.60 ? 96  PHE A CA  1 
ATOM   83   C  C   . PHE A 1 96  ? -13.019 20.552  -13.041 1.00 28.95 ? 96  PHE A C   1 
ATOM   84   O  O   . PHE A 1 96  ? -12.382 21.585  -12.763 1.00 27.08 ? 96  PHE A O   1 
ATOM   85   C  CB  . PHE A 1 96  ? -12.768 18.347  -11.828 1.00 32.73 ? 96  PHE A CB  1 
ATOM   86   C  CG  . PHE A 1 96  ? -11.281 18.522  -11.651 1.00 25.27 ? 96  PHE A CG  1 
ATOM   87   C  CD1 . PHE A 1 96  ? -10.766 19.169  -10.549 1.00 29.61 ? 96  PHE A CD1 1 
ATOM   88   C  CD2 . PHE A 1 96  ? -10.401 17.988  -12.571 1.00 24.02 ? 96  PHE A CD2 1 
ATOM   89   C  CE1 . PHE A 1 96  ? -9.380  19.312  -10.379 1.00 32.66 ? 96  PHE A CE1 1 
ATOM   90   C  CE2 . PHE A 1 96  ? -9.032  18.115  -12.403 1.00 30.05 ? 96  PHE A CE2 1 
ATOM   91   C  CZ  . PHE A 1 96  ? -8.517  18.781  -11.305 1.00 25.12 ? 96  PHE A CZ  1 
ATOM   92   N  N   A GLU A 1 97  ? -13.282 20.167  -14.279 0.53 28.64 ? 97  GLU A N   1 
ATOM   93   N  N   B GLU A 1 97  ? -13.262 20.205  -14.300 0.47 28.64 ? 97  GLU A N   1 
ATOM   94   C  CA  A GLU A 1 97  ? -12.901 20.987  -15.416 0.53 30.81 ? 97  GLU A CA  1 
ATOM   95   C  CA  B GLU A 1 97  ? -12.813 21.086  -15.382 0.47 30.84 ? 97  GLU A CA  1 
ATOM   96   C  C   A GLU A 1 97  ? -13.502 22.385  -15.326 0.53 32.70 ? 97  GLU A C   1 
ATOM   97   C  C   B GLU A 1 97  ? -13.493 22.448  -15.299 0.47 32.71 ? 97  GLU A C   1 
ATOM   98   O  O   A GLU A 1 97  ? -12.788 23.378  -15.467 0.53 33.90 ? 97  GLU A O   1 
ATOM   99   O  O   B GLU A 1 97  ? -12.840 23.481  -15.481 0.47 33.90 ? 97  GLU A O   1 
ATOM   100  C  CB  A GLU A 1 97  ? -13.252 20.298  -16.735 0.53 30.95 ? 97  GLU A CB  1 
ATOM   101  C  CB  B GLU A 1 97  ? -13.036 20.497  -16.779 0.47 31.11 ? 97  GLU A CB  1 
ATOM   102  C  CG  A GLU A 1 97  ? -12.242 19.233  -17.117 0.53 33.77 ? 97  GLU A CG  1 
ATOM   103  C  CG  B GLU A 1 97  ? -13.184 21.563  -17.903 0.47 33.65 ? 97  GLU A CG  1 
ATOM   104  C  CD  A GLU A 1 97  ? -10.822 19.792  -17.206 0.53 38.69 ? 97  GLU A CD  1 
ATOM   105  C  CD  B GLU A 1 97  ? -11.846 22.154  -18.370 0.47 39.08 ? 97  GLU A CD  1 
ATOM   106  O  OE1 A GLU A 1 97  ? -10.618 20.793  -17.930 0.53 39.05 ? 97  GLU A OE1 1 
ATOM   107  O  OE1 B GLU A 1 97  ? -10.913 22.281  -17.545 0.47 38.79 ? 97  GLU A OE1 1 
ATOM   108  O  OE2 A GLU A 1 97  ? -9.910  19.237  -16.552 0.53 27.93 ? 97  GLU A OE2 1 
ATOM   109  O  OE2 B GLU A 1 97  ? -11.723 22.501  -19.566 0.47 40.06 ? 97  GLU A OE2 1 
ATOM   110  N  N   . GLU A 1 98  ? -14.801 22.442  -15.036 1.00 32.28 ? 98  GLU A N   1 
ATOM   111  C  CA  . GLU A 1 98  ? -15.562 23.689  -14.979 1.00 31.10 ? 98  GLU A CA  1 
ATOM   112  C  C   . GLU A 1 98  ? -14.879 24.668  -14.061 1.00 29.80 ? 98  GLU A C   1 
ATOM   113  O  O   . GLU A 1 98  ? -14.513 25.769  -14.492 1.00 30.18 ? 98  GLU A O   1 
ATOM   114  C  CB  . GLU A 1 98  ? -17.017 23.447  -14.549 1.00 34.49 ? 98  GLU A CB  1 
ATOM   115  C  CG  . GLU A 1 98  ? -17.914 24.697  -14.507 1.00 31.67 ? 98  GLU A CG  1 
ATOM   116  C  CD  . GLU A 1 98  ? -19.349 24.391  -14.035 1.00 43.01 ? 98  GLU A CD  1 
ATOM   117  O  OE1 . GLU A 1 98  ? -19.999 23.465  -14.606 1.00 39.54 ? 98  GLU A OE1 1 
ATOM   118  O  OE2 . GLU A 1 98  ? -19.819 25.068  -13.079 1.00 36.14 ? 98  GLU A OE2 1 
HETATM 119  N  N   . MSE A 1 99  ? -14.643 24.252  -12.818 1.00 31.15 ? 99  MSE A N   1 
HETATM 120  C  CA  . MSE A 1 99  ? -14.029 25.161  -11.853 1.00 33.51 ? 99  MSE A CA  1 
HETATM 121  C  C   . MSE A 1 99  ? -12.674 25.659  -12.358 1.00 34.32 ? 99  MSE A C   1 
HETATM 122  O  O   . MSE A 1 99  ? -12.314 26.815  -12.133 1.00 35.26 ? 99  MSE A O   1 
HETATM 123  C  CB  . MSE A 1 99  ? -13.918 24.536  -10.461 1.00 25.77 ? 99  MSE A CB  1 
HETATM 124  C  CG  . MSE A 1 99  ? -12.701 23.672  -10.256 1.00 31.50 ? 99  MSE A CG  1 
HETATM 125  SE SE  . MSE A 1 99  ? -12.611 22.725  -8.535  1.00 53.16 ? 99  MSE A SE  1 
HETATM 126  C  CE  . MSE A 1 99  ? -12.289 24.189  -7.274  1.00 24.29 ? 99  MSE A CE  1 
ATOM   127  N  N   . LYS A 1 100 ? -11.947 24.797  -13.066 1.00 32.84 ? 100 LYS A N   1 
ATOM   128  C  CA  . LYS A 1 100 ? -10.686 25.209  -13.664 1.00 31.55 ? 100 LYS A CA  1 
ATOM   129  C  C   . LYS A 1 100 ? -10.877 26.258  -14.737 1.00 33.10 ? 100 LYS A C   1 
ATOM   130  O  O   . LYS A 1 100 ? -10.195 27.270  -14.718 1.00 36.11 ? 100 LYS A O   1 
ATOM   131  C  CB  . LYS A 1 100 ? -9.870  24.020  -14.164 1.00 32.55 ? 100 LYS A CB  1 
ATOM   132  C  CG  . LYS A 1 100 ? -8.841  23.562  -13.139 1.00 34.62 ? 100 LYS A CG  1 
ATOM   133  C  CD  . LYS A 1 100 ? -8.630  22.063  -13.154 1.00 29.64 ? 100 LYS A CD  1 
ATOM   134  C  CE  . LYS A 1 100 ? -8.392  21.555  -14.544 1.00 34.57 ? 100 LYS A CE  1 
ATOM   135  N  NZ  . LYS A 1 100 ? -8.157  20.089  -14.527 1.00 40.93 ? 100 LYS A NZ  1 
ATOM   136  N  N   A GLU A 1 101 ? -11.824 26.034  -15.664 0.46 36.37 ? 101 GLU A N   1 
ATOM   137  N  N   B GLU A 1 101 ? -11.813 26.029  -15.672 0.54 36.36 ? 101 GLU A N   1 
ATOM   138  C  CA  A GLU A 1 101 ? -12.121 27.022  -16.709 0.46 37.73 ? 101 GLU A CA  1 
ATOM   139  C  CA  B GLU A 1 101 ? -12.100 27.024  -16.707 0.54 37.74 ? 101 GLU A CA  1 
ATOM   140  C  C   A GLU A 1 101 ? -12.481 28.366  -16.102 0.46 37.80 ? 101 GLU A C   1 
ATOM   141  C  C   B GLU A 1 101 ? -12.473 28.369  -16.098 0.54 37.80 ? 101 GLU A C   1 
ATOM   142  O  O   A GLU A 1 101 ? -12.139 29.415  -16.635 0.46 40.14 ? 101 GLU A O   1 
ATOM   143  O  O   B GLU A 1 101 ? -12.105 29.420  -16.612 0.54 40.13 ? 101 GLU A O   1 
ATOM   144  C  CB  A GLU A 1 101 ? -13.282 26.582  -17.608 0.46 38.10 ? 101 GLU A CB  1 
ATOM   145  C  CB  B GLU A 1 101 ? -13.206 26.558  -17.660 0.54 38.10 ? 101 GLU A CB  1 
ATOM   146  C  CG  A GLU A 1 101 ? -13.463 25.090  -17.777 0.46 40.10 ? 101 GLU A CG  1 
ATOM   147  C  CG  B GLU A 1 101 ? -13.571 27.598  -18.719 0.54 43.38 ? 101 GLU A CG  1 
ATOM   148  C  CD  A GLU A 1 101 ? -13.079 24.583  -19.152 0.46 43.51 ? 101 GLU A CD  1 
ATOM   149  C  CD  B GLU A 1 101 ? -14.621 27.116  -19.706 0.54 52.03 ? 101 GLU A CD  1 
ATOM   150  O  OE1 A GLU A 1 101 ? -13.965 24.515  -20.029 0.46 46.22 ? 101 GLU A OE1 1 
ATOM   151  O  OE1 B GLU A 1 101 ? -15.186 26.018  -19.501 0.54 48.35 ? 101 GLU A OE1 1 
ATOM   152  O  OE2 A GLU A 1 101 ? -11.895 24.238  -19.350 0.46 40.49 ? 101 GLU A OE2 1 
ATOM   153  O  OE2 B GLU A 1 101 ? -14.880 27.846  -20.691 0.54 56.59 ? 101 GLU A OE2 1 
ATOM   154  N  N   . LYS A 1 102 ? -13.198 28.326  -14.970 1.00 38.73 ? 102 LYS A N   1 
ATOM   155  C  CA  . LYS A 1 102 ? -13.618 29.546  -14.295 1.00 37.17 ? 102 LYS A CA  1 
ATOM   156  C  C   . LYS A 1 102 ? -12.502 30.167  -13.478 1.00 35.65 ? 102 LYS A C   1 
ATOM   157  O  O   . LYS A 1 102 ? -12.686 31.200  -12.850 1.00 42.62 ? 102 LYS A O   1 
ATOM   158  C  CB  . LYS A 1 102 ? -14.833 29.275  -13.401 1.00 35.89 ? 102 LYS A CB  1 
ATOM   159  C  CG  . LYS A 1 102 ? -16.137 29.156  -14.181 1.00 33.91 ? 102 LYS A CG  1 
ATOM   160  C  CD  . LYS A 1 102 ? -17.285 28.721  -13.289 1.00 40.86 ? 102 LYS A CD  1 
ATOM   161  C  CE  . LYS A 1 102 ? -18.509 28.356  -14.124 1.00 48.30 ? 102 LYS A CE  1 
ATOM   162  N  NZ  . LYS A 1 102 ? -19.224 29.557  -14.634 1.00 51.04 ? 102 LYS A NZ  1 
ATOM   163  N  N   . GLY A 1 103 ? -11.340 29.532  -13.476 1.00 35.97 ? 103 GLY A N   1 
ATOM   164  C  CA  . GLY A 1 103 ? -10.228 30.037  -12.700 1.00 34.17 ? 103 GLY A CA  1 
ATOM   165  C  C   . GLY A 1 103 ? -10.473 29.981  -11.207 1.00 36.79 ? 103 GLY A C   1 
ATOM   166  O  O   . GLY A 1 103 ? -10.040 30.858  -10.467 1.00 40.75 ? 103 GLY A O   1 
ATOM   167  N  N   . ILE A 1 104 ? -11.192 28.960  -10.759 1.00 38.28 ? 104 ILE A N   1 
ATOM   168  C  CA  . ILE A 1 104 ? -11.255 28.667  -9.333  1.00 37.36 ? 104 ILE A CA  1 
ATOM   169  C  C   . ILE A 1 104 ? -10.286 27.529  -9.089  1.00 39.43 ? 104 ILE A C   1 
ATOM   170  O  O   . ILE A 1 104 ? -10.455 26.437  -9.631  1.00 41.40 ? 104 ILE A O   1 
ATOM   171  C  CB  . ILE A 1 104 ? -12.660 28.282  -8.893  1.00 35.99 ? 104 ILE A CB  1 
ATOM   172  C  CG1 . ILE A 1 104 ? -13.552 29.519  -8.926  1.00 30.67 ? 104 ILE A CG1 1 
ATOM   173  C  CG2 . ILE A 1 104 ? -12.632 27.700  -7.494  1.00 35.49 ? 104 ILE A CG2 1 
ATOM   174  C  CD1 . ILE A 1 104 ? -14.959 29.216  -9.290  1.00 45.08 ? 104 ILE A CD1 1 
ATOM   175  N  N   . VAL A 1 105 ? -9.251  27.798  -8.304  1.00 35.80 ? 105 VAL A N   1 
ATOM   176  C  CA  . VAL A 1 105 ? -8.125  26.886  -8.190  1.00 34.49 ? 105 VAL A CA  1 
ATOM   177  C  C   . VAL A 1 105 ? -8.428  25.667  -7.336  1.00 32.16 ? 105 VAL A C   1 
ATOM   178  O  O   . VAL A 1 105 ? -8.741  25.798  -6.155  1.00 32.29 ? 105 VAL A O   1 
ATOM   179  C  CB  . VAL A 1 105 ? -6.909  27.596  -7.574  1.00 40.70 ? 105 VAL A CB  1 
ATOM   180  C  CG1 . VAL A 1 105 ? -5.710  26.672  -7.593  1.00 28.52 ? 105 VAL A CG1 1 
ATOM   181  C  CG2 . VAL A 1 105 ? -6.620  28.898  -8.317  1.00 32.84 ? 105 VAL A CG2 1 
ATOM   182  N  N   . PRO A 1 106 ? -8.308  24.467  -7.920  1.00 34.00 ? 106 PRO A N   1 
ATOM   183  C  CA  . PRO A 1 106 ? -8.570  23.237  -7.162  1.00 28.26 ? 106 PRO A CA  1 
ATOM   184  C  C   . PRO A 1 106 ? -7.563  23.064  -6.040  1.00 28.58 ? 106 PRO A C   1 
ATOM   185  O  O   . PRO A 1 106 ? -6.472  23.600  -6.140  1.00 44.59 ? 106 PRO A O   1 
ATOM   186  C  CB  . PRO A 1 106 ? -8.395  22.136  -8.212  1.00 29.60 ? 106 PRO A CB  1 
ATOM   187  C  CG  . PRO A 1 106 ? -8.616  22.832  -9.534  1.00 34.41 ? 106 PRO A CG  1 
ATOM   188  C  CD  . PRO A 1 106 ? -8.032  24.202  -9.343  1.00 34.99 ? 106 PRO A CD  1 
ATOM   189  N  N   . ASP A 1 107 ? -7.913  22.348  -4.982  1.00 29.32 ? 107 ASP A N   1 
ATOM   190  C  CA  . ASP A 1 107 ? -6.960  22.089  -3.912  1.00 25.93 ? 107 ASP A CA  1 
ATOM   191  C  C   . ASP A 1 107 ? -6.861  20.600  -3.540  1.00 31.52 ? 107 ASP A C   1 
ATOM   192  O  O   . ASP A 1 107 ? -7.451  19.742  -4.199  1.00 32.11 ? 107 ASP A O   1 
ATOM   193  C  CB  . ASP A 1 107 ? -7.271  22.952  -2.691  1.00 28.06 ? 107 ASP A CB  1 
ATOM   194  C  CG  . ASP A 1 107 ? -8.604  22.613  -2.039  1.00 34.83 ? 107 ASP A CG  1 
ATOM   195  O  OD1 . ASP A 1 107 ? -9.030  21.429  -2.035  1.00 35.62 ? 107 ASP A OD1 1 
ATOM   196  O  OD2 . ASP A 1 107 ? -9.225  23.555  -1.498  1.00 39.93 ? 107 ASP A OD2 1 
ATOM   197  N  N   . VAL A 1 108 ? -6.139  20.296  -2.468  1.00 30.62 ? 108 VAL A N   1 
ATOM   198  C  CA  . VAL A 1 108 ? -5.778  18.913  -2.172  1.00 28.24 ? 108 VAL A CA  1 
ATOM   199  C  C   . VAL A 1 108 ? -6.999  18.018  -1.928  1.00 32.21 ? 108 VAL A C   1 
ATOM   200  O  O   . VAL A 1 108 ? -7.002  16.833  -2.303  1.00 27.81 ? 108 VAL A O   1 
ATOM   201  C  CB  . VAL A 1 108 ? -4.725  18.845  -1.030  1.00 32.60 ? 108 VAL A CB  1 
ATOM   202  C  CG1 . VAL A 1 108 ? -4.845  20.053  -0.138  1.00 34.33 ? 108 VAL A CG1 1 
ATOM   203  C  CG2 . VAL A 1 108 ? -4.824  17.552  -0.231  1.00 31.08 ? 108 VAL A CG2 1 
ATOM   204  N  N   . VAL A 1 109 ? -8.052  18.592  -1.345  1.00 31.09 ? 109 VAL A N   1 
ATOM   205  C  CA  . VAL A 1 109 ? -9.294  17.839  -1.134  1.00 31.14 ? 109 VAL A CA  1 
ATOM   206  C  C   . VAL A 1 109 ? -9.974  17.509  -2.475  1.00 30.38 ? 109 VAL A C   1 
ATOM   207  O  O   . VAL A 1 109 ? -10.421 16.366  -2.707  1.00 24.62 ? 109 VAL A O   1 
ATOM   208  C  CB  . VAL A 1 109 ? -10.274 18.565  -0.163  1.00 27.09 ? 109 VAL A CB  1 
ATOM   209  C  CG1 . VAL A 1 109 ? -11.629 17.910  -0.181  1.00 24.07 ? 109 VAL A CG1 1 
ATOM   210  C  CG2 . VAL A 1 109 ? -9.742  18.524  1.225   1.00 24.57 ? 109 VAL A CG2 1 
ATOM   211  N  N   . THR A 1 110 ? -10.048 18.503  -3.356  1.00 23.28 ? 110 THR A N   1 
ATOM   212  C  CA  . THR A 1 110 ? -10.494 18.250  -4.714  1.00 25.57 ? 110 THR A CA  1 
ATOM   213  C  C   . THR A 1 110 ? -9.714  17.087  -5.355  1.00 28.46 ? 110 THR A C   1 
ATOM   214  O  O   . THR A 1 110 ? -10.306 16.074  -5.736  1.00 25.83 ? 110 THR A O   1 
ATOM   215  C  CB  . THR A 1 110 ? -10.309 19.493  -5.594  1.00 35.21 ? 110 THR A CB  1 
ATOM   216  O  OG1 . THR A 1 110 ? -10.615 20.678  -4.841  1.00 34.95 ? 110 THR A OG1 1 
ATOM   217  C  CG2 . THR A 1 110 ? -11.183 19.395  -6.849  1.00 25.71 ? 110 THR A CG2 1 
ATOM   218  N  N   . TYR A 1 111 ? -8.390  17.231  -5.467  1.00 24.17 ? 111 TYR A N   1 
ATOM   219  C  CA  . TYR A 1 111 ? -7.569  16.213  -6.138  1.00 25.96 ? 111 TYR A CA  1 
ATOM   220  C  C   . TYR A 1 111 ? -7.690  14.860  -5.465  1.00 25.47 ? 111 TYR A C   1 
ATOM   221  O  O   . TYR A 1 111 ? -7.766  13.821  -6.131  1.00 27.41 ? 111 TYR A O   1 
ATOM   222  C  CB  . TYR A 1 111 ? -6.090  16.621  -6.212  1.00 21.46 ? 111 TYR A CB  1 
ATOM   223  C  CG  . TYR A 1 111 ? -5.787  17.568  -7.334  1.00 20.53 ? 111 TYR A CG  1 
ATOM   224  C  CD1 . TYR A 1 111 ? -5.719  17.120  -8.647  1.00 22.02 ? 111 TYR A CD1 1 
ATOM   225  C  CD2 . TYR A 1 111 ? -5.581  18.916  -7.088  1.00 24.59 ? 111 TYR A CD2 1 
ATOM   226  C  CE1 . TYR A 1 111 ? -5.450  17.990  -9.694  1.00 18.46 ? 111 TYR A CE1 1 
ATOM   227  C  CE2 . TYR A 1 111 ? -5.313  19.801  -8.121  1.00 25.78 ? 111 TYR A CE2 1 
ATOM   228  C  CZ  . TYR A 1 111 ? -5.248  19.328  -9.425  1.00 25.00 ? 111 TYR A CZ  1 
ATOM   229  O  OH  . TYR A 1 111 ? -4.981  20.197  -10.456 1.00 25.97 ? 111 TYR A OH  1 
ATOM   230  N  N   . THR A 1 112 ? -7.723  14.870  -4.140  1.00 24.52 ? 112 THR A N   1 
ATOM   231  C  CA  . THR A 1 112 ? -7.778  13.616  -3.413  1.00 25.50 ? 112 THR A CA  1 
ATOM   232  C  C   . THR A 1 112 ? -9.086  12.895  -3.631  1.00 24.27 ? 112 THR A C   1 
ATOM   233  O  O   . THR A 1 112 ? -9.079  11.701  -3.918  1.00 27.69 ? 112 THR A O   1 
ATOM   234  C  CB  . THR A 1 112 ? -7.528  13.794  -1.924  1.00 31.43 ? 112 THR A CB  1 
ATOM   235  O  OG1 . THR A 1 112 ? -6.222  14.362  -1.727  1.00 36.88 ? 112 THR A OG1 1 
ATOM   236  C  CG2 . THR A 1 112 ? -7.573  12.450  -1.252  1.00 31.05 ? 112 THR A CG2 1 
ATOM   237  N  N   . THR A 1 113 ? -10.200 13.621  -3.511  1.00 27.67 ? 113 THR A N   1 
ATOM   238  C  CA  . THR A 1 113 ? -11.524 13.047  -3.755  1.00 24.34 ? 113 THR A CA  1 
ATOM   239  C  C   . THR A 1 113 ? -11.577 12.375  -5.127  1.00 29.05 ? 113 THR A C   1 
ATOM   240  O  O   . THR A 1 113 ? -12.021 11.236  -5.251  1.00 28.29 ? 113 THR A O   1 
ATOM   241  C  CB  . THR A 1 113 ? -12.634 14.109  -3.664  1.00 32.46 ? 113 THR A CB  1 
ATOM   242  O  OG1 . THR A 1 113 ? -12.755 14.579  -2.311  1.00 41.21 ? 113 THR A OG1 1 
ATOM   243  C  CG2 . THR A 1 113 ? -13.964 13.534  -4.114  1.00 26.46 ? 113 THR A CG2 1 
ATOM   244  N  N   . LEU A 1 114 ? -11.080 13.065  -6.148  1.00 26.76 ? 114 LEU A N   1 
ATOM   245  C  CA  . LEU A 1 114 ? -11.096 12.527  -7.508  1.00 28.52 ? 114 LEU A CA  1 
ATOM   246  C  C   . LEU A 1 114 ? -10.152 11.334  -7.710  1.00 30.56 ? 114 LEU A C   1 
ATOM   247  O  O   . LEU A 1 114 ? -10.509 10.342  -8.361  1.00 23.37 ? 114 LEU A O   1 
ATOM   248  C  CB  . LEU A 1 114 ? -10.739 13.628  -8.503  1.00 25.13 ? 114 LEU A CB  1 
ATOM   249  C  CG  . LEU A 1 114 ? -11.778 14.729  -8.683  1.00 26.39 ? 114 LEU A CG  1 
ATOM   250  C  CD1 . LEU A 1 114 ? -11.205 15.872  -9.519  1.00 22.13 ? 114 LEU A CD1 1 
ATOM   251  C  CD2 . LEU A 1 114 ? -13.046 14.169  -9.304  1.00 17.85 ? 114 LEU A CD2 1 
ATOM   252  N  N   . ILE A 1 115 ? -8.936  11.444  -7.177  1.00 27.70 ? 115 ILE A N   1 
ATOM   253  C  CA  . ILE A 1 115 ? -7.969  10.366  -7.328  1.00 29.57 ? 115 ILE A CA  1 
ATOM   254  C  C   . ILE A 1 115 ? -8.515  9.133   -6.619  1.00 29.64 ? 115 ILE A C   1 
ATOM   255  O  O   . ILE A 1 115 ? -8.507  8.016   -7.152  1.00 29.94 ? 115 ILE A O   1 
ATOM   256  C  CB  . ILE A 1 115 ? -6.588  10.777  -6.781  1.00 24.04 ? 115 ILE A CB  1 
ATOM   257  C  CG1 . ILE A 1 115 ? -5.892  11.665  -7.805  1.00 18.56 ? 115 ILE A CG1 1 
ATOM   258  C  CG2 . ILE A 1 115 ? -5.742  9.553   -6.461  1.00 17.21 ? 115 ILE A CG2 1 
ATOM   259  C  CD1 . ILE A 1 115 ? -4.757  12.446  -7.255  1.00 20.28 ? 115 ILE A CD1 1 
ATOM   260  N  N   . SER A 1 116 ? -9.026  9.367   -5.421  1.00 27.40 ? 116 SER A N   1 
ATOM   261  C  CA  . SER A 1 116 ? -9.639  8.322   -4.625  1.00 33.51 ? 116 SER A CA  1 
ATOM   262  C  C   . SER A 1 116 ? -10.805 7.650   -5.359  1.00 32.44 ? 116 SER A C   1 
ATOM   263  O  O   . SER A 1 116 ? -10.862 6.431   -5.451  1.00 36.66 ? 116 SER A O   1 
ATOM   264  C  CB  . SER A 1 116 ? -10.100 8.907   -3.294  1.00 32.17 ? 116 SER A CB  1 
ATOM   265  O  OG  . SER A 1 116 ? -10.806 7.929   -2.570  1.00 50.90 ? 116 SER A OG  1 
ATOM   266  N  N   . GLY A 1 117 ? -11.721 8.456   -5.889  1.00 29.40 ? 117 GLY A N   1 
ATOM   267  C  CA  . GLY A 1 117 ? -12.807 7.956   -6.712  1.00 23.75 ? 117 GLY A CA  1 
ATOM   268  C  C   . GLY A 1 117 ? -12.348 7.204   -7.943  1.00 30.43 ? 117 GLY A C   1 
ATOM   269  O  O   . GLY A 1 117 ? -12.751 6.070   -8.169  1.00 36.69 ? 117 GLY A O   1 
ATOM   270  N  N   . LEU A 1 118 ? -11.499 7.828   -8.750  1.00 33.36 ? 118 LEU A N   1 
ATOM   271  C  CA  . LEU A 1 118 ? -10.953 7.150   -9.916  1.00 31.82 ? 118 LEU A CA  1 
ATOM   272  C  C   . LEU A 1 118 ? -10.298 5.829   -9.512  1.00 38.59 ? 118 LEU A C   1 
ATOM   273  O  O   . LEU A 1 118 ? -10.364 4.838   -10.255 1.00 32.09 ? 118 LEU A O   1 
ATOM   274  C  CB  . LEU A 1 118 ? -9.938  8.043   -10.616 1.00 27.70 ? 118 LEU A CB  1 
ATOM   275  C  CG  . LEU A 1 118 ? -10.479 9.180   -11.479 1.00 30.22 ? 118 LEU A CG  1 
ATOM   276  C  CD1 . LEU A 1 118 ? -9.346  10.145  -11.818 1.00 22.24 ? 118 LEU A CD1 1 
ATOM   277  C  CD2 . LEU A 1 118 ? -11.137 8.635   -12.755 1.00 25.98 ? 118 LEU A CD2 1 
ATOM   278  N  N   . GLY A 1 119 ? -9.677  5.834   -8.326  1.00 37.27 ? 119 GLY A N   1 
ATOM   279  C  CA  . GLY A 1 119 ? -9.036  4.656   -7.767  1.00 35.70 ? 119 GLY A CA  1 
ATOM   280  C  C   . GLY A 1 119 ? -10.013 3.510   -7.584  1.00 44.13 ? 119 GLY A C   1 
ATOM   281  O  O   . GLY A 1 119 ? -9.825  2.434   -8.158  1.00 42.46 ? 119 GLY A O   1 
ATOM   282  N  N   . LYS A 1 120 ? -11.065 3.753   -6.798  1.00 44.82 ? 120 LYS A N   1 
ATOM   283  C  CA  . LYS A 1 120 ? -12.075 2.736   -6.481  1.00 42.76 ? 120 LYS A CA  1 
ATOM   284  C  C   . LYS A 1 120 ? -12.755 2.199   -7.723  1.00 46.20 ? 120 LYS A C   1 
ATOM   285  O  O   . LYS A 1 120 ? -13.191 1.044   -7.757  1.00 54.96 ? 120 LYS A O   1 
ATOM   286  C  CB  . LYS A 1 120 ? -13.144 3.305   -5.557  1.00 39.11 ? 120 LYS A CB  1 
ATOM   287  C  CG  . LYS A 1 120 ? -12.582 3.834   -4.264  1.00 54.30 ? 120 LYS A CG  1 
ATOM   288  C  CD  . LYS A 1 120 ? -13.667 4.338   -3.326  1.00 56.95 ? 120 LYS A CD  1 
ATOM   289  C  CE  . LYS A 1 120 ? -13.028 5.126   -2.180  1.00 60.78 ? 120 LYS A CE  1 
ATOM   290  N  NZ  . LYS A 1 120 ? -11.828 4.405   -1.639  1.00 63.72 ? 120 LYS A NZ  1 
ATOM   291  N  N   . ALA A 1 121 ? -12.855 3.050   -8.734  1.00 39.39 ? 121 ALA A N   1 
ATOM   292  C  CA  . ALA A 1 121 ? -13.481 2.666   -9.984  1.00 36.63 ? 121 ALA A CA  1 
ATOM   293  C  C   . ALA A 1 121 ? -12.488 1.929   -10.879 1.00 40.54 ? 121 ALA A C   1 
ATOM   294  O  O   . ALA A 1 121 ? -12.813 1.583   -12.019 1.00 38.97 ? 121 ALA A O   1 
ATOM   295  C  CB  . ALA A 1 121 ? -14.024 3.895   -10.692 1.00 33.69 ? 121 ALA A CB  1 
ATOM   296  N  N   . GLY A 1 122 ? -11.270 1.719   -10.376 1.00 34.71 ? 122 GLY A N   1 
ATOM   297  C  CA  . GLY A 1 122 ? -10.248 1.017   -11.137 1.00 33.42 ? 122 GLY A CA  1 
ATOM   298  C  C   . GLY A 1 122 ? -9.590  1.776   -12.280 1.00 35.80 ? 122 GLY A C   1 
ATOM   299  O  O   . GLY A 1 122 ? -8.761  1.209   -12.999 1.00 42.13 ? 122 GLY A O   1 
ATOM   300  N  N   . ARG A 1 123 ? -9.935  3.051   -12.452 1.00 32.50 ? 123 ARG A N   1 
ATOM   301  C  CA  . ARG A 1 123 ? -9.321  3.871   -13.505 1.00 37.84 ? 123 ARG A CA  1 
ATOM   302  C  C   . ARG A 1 123 ? -7.975  4.462   -13.058 1.00 33.24 ? 123 ARG A C   1 
ATOM   303  O  O   . ARG A 1 123 ? -7.800  5.682   -12.971 1.00 28.58 ? 123 ARG A O   1 
ATOM   304  C  CB  . ARG A 1 123 ? -10.284 4.967   -13.959 1.00 37.35 ? 123 ARG A CB  1 
ATOM   305  C  CG  . ARG A 1 123 ? -11.533 4.414   -14.616 1.00 35.39 ? 123 ARG A CG  1 
ATOM   306  C  CD  . ARG A 1 123 ? -12.659 5.419   -14.641 1.00 35.68 ? 123 ARG A CD  1 
ATOM   307  N  NE  . ARG A 1 123 ? -12.349 6.573   -15.475 1.00 41.43 ? 123 ARG A NE  1 
ATOM   308  C  CZ  . ARG A 1 123 ? -13.167 7.605   -15.646 1.00 36.84 ? 123 ARG A CZ  1 
ATOM   309  N  NH1 . ARG A 1 123 ? -14.352 7.620   -15.048 1.00 38.65 ? 123 ARG A NH1 1 
ATOM   310  N  NH2 . ARG A 1 123 ? -12.803 8.621   -16.411 1.00 35.04 ? 123 ARG A NH2 1 
ATOM   311  N  N   . LEU A 1 124 ? -7.034  3.567   -12.794 1.00 26.10 ? 124 LEU A N   1 
ATOM   312  C  CA  . LEU A 1 124 ? -5.758  3.906   -12.201 1.00 23.94 ? 124 LEU A CA  1 
ATOM   313  C  C   . LEU A 1 124 ? -4.920  4.883   -13.025 1.00 25.86 ? 124 LEU A C   1 
ATOM   314  O  O   . LEU A 1 124 ? -4.328  5.816   -12.479 1.00 23.96 ? 124 LEU A O   1 
ATOM   315  C  CB  . LEU A 1 124 ? -4.960  2.636   -11.983 1.00 24.60 ? 124 LEU A CB  1 
ATOM   316  C  CG  . LEU A 1 124 ? -3.738  2.740   -11.096 1.00 24.40 ? 124 LEU A CG  1 
ATOM   317  C  CD1 . LEU A 1 124 ? -4.153  3.293   -9.748  1.00 20.71 ? 124 LEU A CD1 1 
ATOM   318  C  CD2 . LEU A 1 124 ? -3.145  1.362   -10.979 1.00 19.09 ? 124 LEU A CD2 1 
ATOM   319  N  N   . GLU A 1 125 ? -4.847  4.677   -14.328 1.00 20.72 ? 125 GLU A N   1 
ATOM   320  C  CA  . GLU A 1 125 ? -4.023  5.559   -15.127 1.00 22.45 ? 125 GLU A CA  1 
ATOM   321  C  C   . GLU A 1 125 ? -4.515  7.014   -15.075 1.00 25.67 ? 125 GLU A C   1 
ATOM   322  O  O   . GLU A 1 125 ? -3.707  7.954   -15.065 1.00 23.76 ? 125 GLU A O   1 
ATOM   323  C  CB  . GLU A 1 125 ? -3.930  5.055   -16.562 1.00 23.40 ? 125 GLU A CB  1 
ATOM   324  C  CG  . GLU A 1 125 ? -2.653  5.517   -17.295 1.00 40.17 ? 125 GLU A CG  1 
ATOM   325  C  CD  . GLU A 1 125 ? -1.358  4.883   -16.755 1.00 39.45 ? 125 GLU A CD  1 
ATOM   326  O  OE1 . GLU A 1 125 ? -0.279  5.462   -16.993 1.00 33.41 ? 125 GLU A OE1 1 
ATOM   327  O  OE2 . GLU A 1 125 ? -1.413  3.808   -16.103 1.00 33.83 ? 125 GLU A OE2 1 
ATOM   328  N  N   . GLU A 1 126 ? -5.831  7.208   -15.023 1.00 24.59 ? 126 GLU A N   1 
ATOM   329  C  CA  . GLU A 1 126 ? -6.368  8.569   -14.954 1.00 28.18 ? 126 GLU A CA  1 
ATOM   330  C  C   . GLU A 1 126 ? -6.043  9.153   -13.587 1.00 23.17 ? 126 GLU A C   1 
ATOM   331  O  O   . GLU A 1 126 ? -5.707  10.334  -13.478 1.00 21.73 ? 126 GLU A O   1 
ATOM   332  C  CB  . GLU A 1 126 ? -7.880  8.624   -15.238 1.00 25.30 ? 126 GLU A CB  1 
ATOM   333  C  CG  . GLU A 1 126 ? -8.259  8.162   -16.648 1.00 39.29 ? 126 GLU A CG  1 
ATOM   334  C  CD  . GLU A 1 126 ? -9.773  7.991   -16.855 1.00 47.82 ? 126 GLU A CD  1 
ATOM   335  O  OE1 . GLU A 1 126 ? -10.217 6.856   -17.180 1.00 42.18 ? 126 GLU A OE1 1 
ATOM   336  O  OE2 . GLU A 1 126 ? -10.516 8.993   -16.706 1.00 50.25 ? 126 GLU A OE2 1 
ATOM   337  N  N   . ALA A 1 127 ? -6.123  8.313   -12.557 1.00 18.76 ? 127 ALA A N   1 
ATOM   338  C  CA  . ALA A 1 127 ? -5.740  8.721   -11.213 1.00 18.56 ? 127 ALA A CA  1 
ATOM   339  C  C   . ALA A 1 127 ? -4.298  9.228   -11.194 1.00 20.96 ? 127 ALA A C   1 
ATOM   340  O  O   . ALA A 1 127 ? -4.010  10.256  -10.592 1.00 16.58 ? 127 ALA A O   1 
ATOM   341  C  CB  . ALA A 1 127 ? -5.907  7.584   -10.249 1.00 16.60 ? 127 ALA A CB  1 
ATOM   342  N  N   . LEU A 1 128 ? -3.401  8.506   -11.871 1.00 21.68 ? 128 LEU A N   1 
ATOM   343  C  CA  . LEU A 1 128 ? -1.992  8.854   -11.861 1.00 16.04 ? 128 LEU A CA  1 
ATOM   344  C  C   . LEU A 1 128 ? -1.764  10.099  -12.682 1.00 24.47 ? 128 LEU A C   1 
ATOM   345  O  O   . LEU A 1 128 ? -0.867  10.888  -12.340 1.00 22.77 ? 128 LEU A O   1 
ATOM   346  C  CB  . LEU A 1 128 ? -1.112  7.723   -12.378 1.00 15.57 ? 128 LEU A CB  1 
ATOM   347  C  CG  . LEU A 1 128 ? -0.953  6.456   -11.550 1.00 18.56 ? 128 LEU A CG  1 
ATOM   348  C  CD1 . LEU A 1 128 ? -0.289  5.413   -12.397 1.00 18.91 ? 128 LEU A CD1 1 
ATOM   349  C  CD2 . LEU A 1 128 ? -0.168  6.698   -10.286 1.00 11.72 ? 128 LEU A CD2 1 
ATOM   350  N  N   . GLU A 1 129 ? -2.553  10.300  -13.748 1.00 19.17 ? 129 GLU A N   1 
ATOM   351  C  CA  . GLU A 1 129 ? -2.386  11.539  -14.518 1.00 20.34 ? 129 GLU A CA  1 
ATOM   352  C  C   . GLU A 1 129 ? -2.739  12.747  -13.669 1.00 21.68 ? 129 GLU A C   1 
ATOM   353  O  O   . GLU A 1 129 ? -2.032  13.760  -13.702 1.00 22.16 ? 129 GLU A O   1 
ATOM   354  C  CB  . GLU A 1 129 ? -3.173  11.550  -15.818 1.00 18.15 ? 129 GLU A CB  1 
ATOM   355  C  CG  . GLU A 1 129 ? -2.811  10.425  -16.750 1.00 31.70 ? 129 GLU A CG  1 
ATOM   356  C  CD  . GLU A 1 129 ? -3.524  10.515  -18.093 1.00 46.25 ? 129 GLU A CD  1 
ATOM   357  O  OE1 . GLU A 1 129 ? -3.869  9.450   -18.665 1.00 39.40 ? 129 GLU A OE1 1 
ATOM   358  O  OE2 . GLU A 1 129 ? -3.729  11.654  -18.575 1.00 56.33 ? 129 GLU A OE2 1 
ATOM   359  N  N   . LEU A 1 130 ? -3.818  12.618  -12.895 1.00 19.81 ? 130 LEU A N   1 
ATOM   360  C  CA  . LEU A 1 130 ? -4.263  13.665  -11.980 1.00 18.95 ? 130 LEU A CA  1 
ATOM   361  C  C   . LEU A 1 130 ? -3.187  13.967  -10.963 1.00 18.15 ? 130 LEU A C   1 
ATOM   362  O  O   . LEU A 1 130 ? -2.900  15.119  -10.667 1.00 20.97 ? 130 LEU A O   1 
ATOM   363  C  CB  . LEU A 1 130 ? -5.539  13.232  -11.262 1.00 19.91 ? 130 LEU A CB  1 
ATOM   364  C  CG  . LEU A 1 130 ? -6.676  14.237  -11.370 1.00 22.63 ? 130 LEU A CG  1 
ATOM   365  C  CD1 . LEU A 1 130 ? -6.591  14.967  -12.708 1.00 22.80 ? 130 LEU A CD1 1 
ATOM   366  C  CD2 . LEU A 1 130 ? -7.989  13.541  -11.245 1.00 16.53 ? 130 LEU A CD2 1 
ATOM   367  N  N   . PHE A 1 131 ? -2.578  12.910  -10.448 1.00 18.95 ? 131 PHE A N   1 
ATOM   368  C  CA  . PHE A 1 131 ? -1.482  13.024  -9.497  1.00 18.74 ? 131 PHE A CA  1 
ATOM   369  C  C   . PHE A 1 131 ? -0.318  13.858  -10.044 1.00 23.05 ? 131 PHE A C   1 
ATOM   370  O  O   . PHE A 1 131 ? 0.248   14.694  -9.327  1.00 24.51 ? 131 PHE A O   1 
ATOM   371  C  CB  . PHE A 1 131 ? -1.008  11.630  -9.138  1.00 19.53 ? 131 PHE A CB  1 
ATOM   372  C  CG  . PHE A 1 131 ? 0.099   11.604  -8.153  1.00 17.28 ? 131 PHE A CG  1 
ATOM   373  C  CD1 . PHE A 1 131 ? -0.058  12.164  -6.914  1.00 22.47 ? 131 PHE A CD1 1 
ATOM   374  C  CD2 . PHE A 1 131 ? 1.291   10.983  -8.457  1.00 17.80 ? 131 PHE A CD2 1 
ATOM   375  C  CE1 . PHE A 1 131 ? 0.974   12.132  -5.986  1.00 28.21 ? 131 PHE A CE1 1 
ATOM   376  C  CE2 . PHE A 1 131 ? 2.318   10.937  -7.543  1.00 24.31 ? 131 PHE A CE2 1 
ATOM   377  C  CZ  . PHE A 1 131 ? 2.164   11.515  -6.300  1.00 25.28 ? 131 PHE A CZ  1 
ATOM   378  N  N   A GLU A 1 132 ? 0.024   13.626  -11.313 0.52 20.47 ? 132 GLU A N   1 
ATOM   379  N  N   B GLU A 1 132 ? 0.070   13.650  -11.295 0.48 20.48 ? 132 GLU A N   1 
ATOM   380  C  CA  A GLU A 1 132 ? 1.094   14.359  -11.977 0.52 23.28 ? 132 GLU A CA  1 
ATOM   381  C  CA  B GLU A 1 132 ? 1.176   14.437  -11.813 0.48 23.27 ? 132 GLU A CA  1 
ATOM   382  C  C   A GLU A 1 132 ? 0.727   15.840  -12.018 0.52 23.92 ? 132 GLU A C   1 
ATOM   383  C  C   B GLU A 1 132 ? 0.751   15.892  -12.051 0.48 23.93 ? 132 GLU A C   1 
ATOM   384  O  O   A GLU A 1 132 ? 1.532   16.715  -11.678 0.52 23.52 ? 132 GLU A O   1 
ATOM   385  O  O   B GLU A 1 132 ? 1.549   16.815  -11.865 0.48 23.51 ? 132 GLU A O   1 
ATOM   386  C  CB  A GLU A 1 132 ? 1.305   13.856  -13.417 0.52 24.53 ? 132 GLU A CB  1 
ATOM   387  C  CB  B GLU A 1 132 ? 1.800   13.800  -13.061 0.48 23.80 ? 132 GLU A CB  1 
ATOM   388  C  CG  A GLU A 1 132 ? 1.739   12.397  -13.579 0.52 23.42 ? 132 GLU A CG  1 
ATOM   389  C  CG  B GLU A 1 132 ? 2.578   12.525  -12.778 0.48 23.69 ? 132 GLU A CG  1 
ATOM   390  C  CD  A GLU A 1 132 ? 1.744   11.930  -15.043 0.52 26.28 ? 132 GLU A CD  1 
ATOM   391  C  CD  B GLU A 1 132 ? 3.856   12.763  -11.969 0.48 26.54 ? 132 GLU A CD  1 
ATOM   392  O  OE1 A GLU A 1 132 ? 0.818   12.278  -15.806 0.52 22.30 ? 132 GLU A OE1 1 
ATOM   393  O  OE1 B GLU A 1 132 ? 4.304   13.926  -11.869 0.48 26.55 ? 132 GLU A OE1 1 
ATOM   394  O  OE2 A GLU A 1 132 ? 2.679   11.206  -15.437 0.52 24.09 ? 132 GLU A OE2 1 
ATOM   395  O  OE2 B GLU A 1 132 ? 4.418   11.779  -11.441 0.48 25.05 ? 132 GLU A OE2 1 
ATOM   396  N  N   . GLU A 1 133 ? -0.509  16.100  -12.436 1.00 20.74 ? 133 GLU A N   1 
ATOM   397  C  CA  . GLU A 1 133 ? -0.993  17.453  -12.666 1.00 21.31 ? 133 GLU A CA  1 
ATOM   398  C  C   . GLU A 1 133 ? -1.009  18.243  -11.365 1.00 22.68 ? 133 GLU A C   1 
ATOM   399  O  O   . GLU A 1 133 ? -0.484  19.359  -11.278 1.00 22.93 ? 133 GLU A O   1 
ATOM   400  C  CB  . GLU A 1 133 ? -2.379  17.410  -13.281 1.00 17.53 ? 133 GLU A CB  1 
ATOM   401  C  CG  . GLU A 1 133 ? -3.178  18.685  -13.082 1.00 27.29 ? 133 GLU A CG  1 
ATOM   402  C  CD  . GLU A 1 133 ? -4.550  18.622  -13.730 1.00 32.26 ? 133 GLU A CD  1 
ATOM   403  O  OE1 . GLU A 1 133 ? -4.710  17.881  -14.729 1.00 38.19 ? 133 GLU A OE1 1 
ATOM   404  O  OE2 . GLU A 1 133 ? -5.467  19.309  -13.238 1.00 30.84 ? 133 GLU A OE2 1 
HETATM 405  N  N   . MSE A 1 134 ? -1.617  17.646  -10.354 1.00 20.33 ? 134 MSE A N   1 
HETATM 406  C  CA  . MSE A 1 134 ? -1.561  18.162  -8.999  1.00 22.88 ? 134 MSE A CA  1 
HETATM 407  C  C   . MSE A 1 134 ? -0.130  18.618  -8.603  1.00 26.41 ? 134 MSE A C   1 
HETATM 408  O  O   . MSE A 1 134 ? 0.071   19.738  -8.109  1.00 24.81 ? 134 MSE A O   1 
HETATM 409  C  CB  . MSE A 1 134 ? -2.075  17.071  -8.078  1.00 18.90 ? 134 MSE A CB  1 
HETATM 410  C  CG  . MSE A 1 134 ? -1.913  17.319  -6.616  1.00 27.10 ? 134 MSE A CG  1 
HETATM 411  SE SE  . MSE A 1 134 ? -2.420  15.644  -5.746  1.00 51.50 ? 134 MSE A SE  1 
HETATM 412  C  CE  . MSE A 1 134 ? -2.912  16.290  -3.964  1.00 30.91 ? 134 MSE A CE  1 
ATOM   413  N  N   . LYS A 1 135 ? 0.870   17.774  -8.854  1.00 26.44 ? 135 LYS A N   1 
ATOM   414  C  CA  . LYS A 1 135 ? 2.236   18.140  -8.496  1.00 22.02 ? 135 LYS A CA  1 
ATOM   415  C  C   . LYS A 1 135 ? 2.757   19.305  -9.326  1.00 21.93 ? 135 LYS A C   1 
ATOM   416  O  O   . LYS A 1 135 ? 3.420   20.183  -8.791  1.00 25.02 ? 135 LYS A O   1 
ATOM   417  C  CB  . LYS A 1 135 ? 3.170   16.937  -8.545  1.00 21.20 ? 135 LYS A CB  1 
ATOM   418  C  CG  . LYS A 1 135 ? 3.060   16.034  -7.316  1.00 24.39 ? 135 LYS A CG  1 
ATOM   419  C  CD  . LYS A 1 135 ? 4.051   14.883  -7.356  1.00 23.22 ? 135 LYS A CD  1 
ATOM   420  C  CE  . LYS A 1 135 ? 3.723   13.888  -8.452  1.00 22.12 ? 135 LYS A CE  1 
ATOM   421  N  NZ  . LYS A 1 135 ? 4.761   12.820  -8.549  1.00 26.74 ? 135 LYS A NZ  1 
ATOM   422  N  N   . GLU A 1 136 ? 2.426   19.334  -10.613 1.00 21.40 ? 136 GLU A N   1 
ATOM   423  C  CA  . GLU A 1 136 ? 2.800   20.451  -11.484 1.00 21.60 ? 136 GLU A CA  1 
ATOM   424  C  C   . GLU A 1 136 ? 2.266   21.788  -11.035 1.00 27.39 ? 136 GLU A C   1 
ATOM   425  O  O   . GLU A 1 136 ? 2.848   22.821  -11.361 1.00 31.76 ? 136 GLU A O   1 
ATOM   426  C  CB  . GLU A 1 136 ? 2.268   20.230  -12.889 1.00 20.94 ? 136 GLU A CB  1 
ATOM   427  C  CG  . GLU A 1 136 ? 2.994   19.174  -13.663 1.00 26.98 ? 136 GLU A CG  1 
ATOM   428  C  CD  . GLU A 1 136 ? 4.449   19.532  -13.905 1.00 28.03 ? 136 GLU A CD  1 
ATOM   429  O  OE1 . GLU A 1 136 ? 4.792   20.737  -13.843 1.00 29.61 ? 136 GLU A OE1 1 
ATOM   430  O  OE2 . GLU A 1 136 ? 5.254   18.602  -14.128 1.00 24.67 ? 136 GLU A OE2 1 
ATOM   431  N  N   . LYS A 1 137 ? 1.132   21.769  -10.337 1.00 24.68 ? 137 LYS A N   1 
ATOM   432  C  CA  . LYS A 1 137 ? 0.465   22.990  -9.903  1.00 27.52 ? 137 LYS A CA  1 
ATOM   433  C  C   . LYS A 1 137 ? 0.899   23.383  -8.508  1.00 27.92 ? 137 LYS A C   1 
ATOM   434  O  O   . LYS A 1 137 ? 0.389   24.337  -7.947  1.00 32.20 ? 137 LYS A O   1 
ATOM   435  C  CB  . LYS A 1 137 ? -1.049  22.791  -9.855  1.00 29.55 ? 137 LYS A CB  1 
ATOM   436  C  CG  . LYS A 1 137 ? -1.687  22.372  -11.143 1.00 27.79 ? 137 LYS A CG  1 
ATOM   437  C  CD  . LYS A 1 137 ? -1.904  23.556  -12.053 1.00 34.17 ? 137 LYS A CD  1 
ATOM   438  C  CE  . LYS A 1 137 ? -3.002  23.223  -13.053 1.00 41.02 ? 137 LYS A CE  1 
ATOM   439  N  NZ  . LYS A 1 137 ? -4.137  22.588  -12.320 1.00 41.10 ? 137 LYS A NZ  1 
ATOM   440  N  N   . GLY A 1 138 ? 1.796   22.619  -7.914  1.00 27.00 ? 138 GLY A N   1 
ATOM   441  C  CA  . GLY A 1 138 ? 2.255   22.956  -6.586  1.00 21.84 ? 138 GLY A CA  1 
ATOM   442  C  C   . GLY A 1 138 ? 1.330   22.560  -5.455  1.00 32.66 ? 138 GLY A C   1 
ATOM   443  O  O   . GLY A 1 138 ? 1.611   22.886  -4.294  1.00 37.27 ? 138 GLY A O   1 
ATOM   444  N  N   . ILE A 1 139 ? 0.232   21.868  -5.762  1.00 28.80 ? 139 ILE A N   1 
ATOM   445  C  CA  . ILE A 1 139 ? -0.620  21.342  -4.698  1.00 30.07 ? 139 ILE A CA  1 
ATOM   446  C  C   . ILE A 1 139 ? 0.074   20.137  -4.077  1.00 27.85 ? 139 ILE A C   1 
ATOM   447  O  O   . ILE A 1 139 ? 0.353   19.172  -4.763  1.00 35.03 ? 139 ILE A O   1 
ATOM   448  C  CB  . ILE A 1 139 ? -1.990  20.867  -5.211  1.00 32.50 ? 139 ILE A CB  1 
ATOM   449  C  CG1 . ILE A 1 139 ? -2.621  21.878  -6.174  1.00 26.77 ? 139 ILE A CG1 1 
ATOM   450  C  CG2 . ILE A 1 139 ? -2.900  20.544  -4.042  1.00 30.84 ? 139 ILE A CG2 1 
ATOM   451  C  CD1 . ILE A 1 139 ? -2.827  23.209  -5.590  1.00 33.70 ? 139 ILE A CD1 1 
ATOM   452  N  N   . VAL A 1 140 ? 0.346   20.171  -2.785  1.00 30.23 ? 140 VAL A N   1 
ATOM   453  C  CA  . VAL A 1 140 ? 1.147   19.113  -2.181  1.00 35.09 ? 140 VAL A CA  1 
ATOM   454  C  C   . VAL A 1 140 ? 0.319   17.911  -1.770  1.00 32.22 ? 140 VAL A C   1 
ATOM   455  O  O   . VAL A 1 140 ? -0.601  18.045  -0.971  1.00 38.57 ? 140 VAL A O   1 
ATOM   456  C  CB  . VAL A 1 140 ? 1.867   19.619  -0.934  1.00 37.27 ? 140 VAL A CB  1 
ATOM   457  C  CG1 . VAL A 1 140 ? 2.957   18.638  -0.543  1.00 27.25 ? 140 VAL A CG1 1 
ATOM   458  C  CG2 . VAL A 1 140 ? 2.425   21.026  -1.187  1.00 34.58 ? 140 VAL A CG2 1 
ATOM   459  N  N   . PRO A 1 141 ? 0.658   16.722  -2.289  1.00 30.36 ? 141 PRO A N   1 
ATOM   460  C  CA  . PRO A 1 141 ? -0.126  15.529  -1.962  1.00 30.78 ? 141 PRO A CA  1 
ATOM   461  C  C   . PRO A 1 141 ? 0.164   15.096  -0.548  1.00 25.68 ? 141 PRO A C   1 
ATOM   462  O  O   . PRO A 1 141 ? 1.123   15.584  0.038   1.00 33.71 ? 141 PRO A O   1 
ATOM   463  C  CB  . PRO A 1 141 ? 0.388   14.475  -2.958  1.00 28.95 ? 141 PRO A CB  1 
ATOM   464  C  CG  . PRO A 1 141 ? 1.243   15.222  -3.934  1.00 28.60 ? 141 PRO A CG  1 
ATOM   465  C  CD  . PRO A 1 141 ? 1.779   16.398  -3.180  1.00 32.76 ? 141 PRO A CD  1 
ATOM   466  N  N   . ASN A 1 142 ? -0.657  14.204  -0.015  1.00 27.41 ? 142 ASN A N   1 
ATOM   467  C  CA  . ASN A 1 142 ? -0.515  13.739  1.356   1.00 29.58 ? 142 ASN A CA  1 
ATOM   468  C  C   . ASN A 1 142 ? -0.749  12.240  1.448   1.00 33.30 ? 142 ASN A C   1 
ATOM   469  O  O   . ASN A 1 142 ? -1.047  11.582  0.436   1.00 30.56 ? 142 ASN A O   1 
ATOM   470  C  CB  . ASN A 1 142 ? -1.496  14.468  2.276   1.00 29.50 ? 142 ASN A CB  1 
ATOM   471  C  CG  . ASN A 1 142 ? -2.943  14.285  1.847   1.00 33.31 ? 142 ASN A CG  1 
ATOM   472  O  OD1 . ASN A 1 142 ? -3.307  13.273  1.238   1.00 29.48 ? 142 ASN A OD1 1 
ATOM   473  N  ND2 . ASN A 1 142 ? -3.777  15.276  2.150   1.00 32.45 ? 142 ASN A ND2 1 
ATOM   474  N  N   . VAL A 1 143 ? -0.668  11.718  2.668   1.00 28.62 ? 143 VAL A N   1 
ATOM   475  C  CA  . VAL A 1 143 ? -0.631  10.282  2.871   1.00 24.82 ? 143 VAL A CA  1 
ATOM   476  C  C   . VAL A 1 143 ? -1.834  9.574   2.253   1.00 26.54 ? 143 VAL A C   1 
ATOM   477  O  O   . VAL A 1 143 ? -1.703  8.455   1.753   1.00 27.90 ? 143 VAL A O   1 
ATOM   478  C  CB  . VAL A 1 143 ? -0.441  9.920   4.363   1.00 24.91 ? 143 VAL A CB  1 
ATOM   479  C  CG1 . VAL A 1 143 ? -1.408  10.700  5.213   1.00 32.61 ? 143 VAL A CG1 1 
ATOM   480  C  CG2 . VAL A 1 143 ? -0.594  8.417   4.593   1.00 20.64 ? 143 VAL A CG2 1 
ATOM   481  N  N   . VAL A 1 144 ? -2.993  10.226  2.243   1.00 24.64 ? 144 VAL A N   1 
ATOM   482  C  CA  . VAL A 1 144 ? -4.164  9.599   1.629   1.00 27.51 ? 144 VAL A CA  1 
ATOM   483  C  C   . VAL A 1 144 ? -3.976  9.435   0.115   1.00 29.22 ? 144 VAL A C   1 
ATOM   484  O  O   . VAL A 1 144 ? -4.265  8.369   -0.454  1.00 25.69 ? 144 VAL A O   1 
ATOM   485  C  CB  . VAL A 1 144 ? -5.489  10.355  1.942   1.00 26.68 ? 144 VAL A CB  1 
ATOM   486  C  CG1 . VAL A 1 144 ? -6.576  9.944   0.989   1.00 22.81 ? 144 VAL A CG1 1 
ATOM   487  C  CG2 . VAL A 1 144 ? -5.939  10.062  3.338   1.00 20.47 ? 144 VAL A CG2 1 
ATOM   488  N  N   . THR A 1 145 ? -3.477  10.481  -0.536  1.00 27.41 ? 145 THR A N   1 
ATOM   489  C  CA  . THR A 1 145 ? -3.236  10.393  -1.967  1.00 25.13 ? 145 THR A CA  1 
ATOM   490  C  C   . THR A 1 145 ? -2.300  9.238   -2.266  1.00 25.76 ? 145 THR A C   1 
ATOM   491  O  O   . THR A 1 145 ? -2.626  8.373   -3.085  1.00 25.06 ? 145 THR A O   1 
ATOM   492  C  CB  . THR A 1 145 ? -2.625  11.677  -2.536  1.00 32.61 ? 145 THR A CB  1 
ATOM   493  O  OG1 . THR A 1 145 ? -3.267  12.821  -1.954  1.00 38.86 ? 145 THR A OG1 1 
ATOM   494  C  CG2 . THR A 1 145 ? -2.790  11.695  -4.056  1.00 21.76 ? 145 THR A CG2 1 
ATOM   495  N  N   . TYR A 1 146 ? -1.149  9.215   -1.589  1.00 24.11 ? 146 TYR A N   1 
ATOM   496  C  CA  . TYR A 1 146 ? -0.157  8.164   -1.816  1.00 23.85 ? 146 TYR A CA  1 
ATOM   497  C  C   . TYR A 1 146 ? -0.698  6.773   -1.546  1.00 23.87 ? 146 TYR A C   1 
ATOM   498  O  O   . TYR A 1 146 ? -0.436  5.851   -2.314  1.00 28.84 ? 146 TYR A O   1 
ATOM   499  C  CB  . TYR A 1 146 ? 1.117   8.402   -1.008  1.00 22.54 ? 146 TYR A CB  1 
ATOM   500  C  CG  . TYR A 1 146 ? 2.006   9.434   -1.624  1.00 18.93 ? 146 TYR A CG  1 
ATOM   501  C  CD1 . TYR A 1 146 ? 2.775   9.136   -2.732  1.00 20.12 ? 146 TYR A CD1 1 
ATOM   502  C  CD2 . TYR A 1 146 ? 2.056   10.727  -1.121  1.00 26.38 ? 146 TYR A CD2 1 
ATOM   503  C  CE1 . TYR A 1 146 ? 3.593   10.106  -3.323  1.00 22.04 ? 146 TYR A CE1 1 
ATOM   504  C  CE2 . TYR A 1 146 ? 2.872   11.703  -1.704  1.00 21.60 ? 146 TYR A CE2 1 
ATOM   505  C  CZ  . TYR A 1 146 ? 3.633   11.381  -2.802  1.00 21.72 ? 146 TYR A CZ  1 
ATOM   506  O  OH  . TYR A 1 146 ? 4.440   12.334  -3.382  1.00 28.07 ? 146 TYR A OH  1 
ATOM   507  N  N   . ASN A 1 147 ? -1.462  6.618   -0.469  1.00 26.72 ? 147 ASN A N   1 
ATOM   508  C  CA  . ASN A 1 147 ? -2.027  5.313   -0.140  1.00 23.80 ? 147 ASN A CA  1 
ATOM   509  C  C   . ASN A 1 147 ? -2.880  4.780   -1.242  1.00 22.05 ? 147 ASN A C   1 
ATOM   510  O  O   . ASN A 1 147 ? -2.773  3.608   -1.586  1.00 25.98 ? 147 ASN A O   1 
ATOM   511  C  CB  . ASN A 1 147 ? -2.842  5.347   1.142   1.00 23.89 ? 147 ASN A CB  1 
ATOM   512  C  CG  . ASN A 1 147 ? -1.978  5.374   2.354   1.00 32.40 ? 147 ASN A CG  1 
ATOM   513  O  OD1 . ASN A 1 147 ? -0.792  5.039   2.287   1.00 35.64 ? 147 ASN A OD1 1 
ATOM   514  N  ND2 . ASN A 1 147 ? -2.552  5.777   3.482   1.00 39.49 ? 147 ASN A ND2 1 
ATOM   515  N  N   . THR A 1 148 ? -3.732  5.646   -1.785  1.00 24.10 ? 148 THR A N   1 
ATOM   516  C  CA  . THR A 1 148 ? -4.681  5.247   -2.820  1.00 24.55 ? 148 THR A CA  1 
ATOM   517  C  C   . THR A 1 148 ? -3.928  4.701   -4.007  1.00 24.36 ? 148 THR A C   1 
ATOM   518  O  O   . THR A 1 148 ? -4.194  3.583   -4.453  1.00 25.30 ? 148 THR A O   1 
ATOM   519  C  CB  . THR A 1 148 ? -5.531  6.433   -3.302  1.00 27.07 ? 148 THR A CB  1 
ATOM   520  O  OG1 . THR A 1 148 ? -6.041  7.148   -2.171  1.00 35.59 ? 148 THR A OG1 1 
ATOM   521  C  CG2 . THR A 1 148 ? -6.682  5.960   -4.161  1.00 23.20 ? 148 THR A CG2 1 
ATOM   522  N  N   . LEU A 1 149 ? -2.969  5.489   -4.486  1.00 21.85 ? 149 LEU A N   1 
ATOM   523  C  CA  . LEU A 1 149 ? -2.201  5.138   -5.672  1.00 23.06 ? 149 LEU A CA  1 
ATOM   524  C  C   . LEU A 1 149 ? -1.373  3.895   -5.441  1.00 21.15 ? 149 LEU A C   1 
ATOM   525  O  O   . LEU A 1 149 ? -1.350  3.002   -6.289  1.00 22.10 ? 149 LEU A O   1 
ATOM   526  C  CB  . LEU A 1 149 ? -1.299  6.301   -6.099  1.00 19.27 ? 149 LEU A CB  1 
ATOM   527  C  CG  . LEU A 1 149 ? -2.078  7.551   -6.491  1.00 20.05 ? 149 LEU A CG  1 
ATOM   528  C  CD1 . LEU A 1 149 ? -1.168  8.788   -6.527  1.00 17.98 ? 149 LEU A CD1 1 
ATOM   529  C  CD2 . LEU A 1 149 ? -2.837  7.341   -7.814  1.00 13.01 ? 149 LEU A CD2 1 
ATOM   530  N  N   . ILE A 1 150 ? -0.686  3.830   -4.304  1.00 19.89 ? 150 ILE A N   1 
ATOM   531  C  CA  . ILE A 1 150 ? 0.135   2.661   -4.024  1.00 22.65 ? 150 ILE A CA  1 
ATOM   532  C  C   . ILE A 1 150 ? -0.738  1.410   -3.956  1.00 24.84 ? 150 ILE A C   1 
ATOM   533  O  O   . ILE A 1 150 ? -0.401  0.368   -4.517  1.00 25.96 ? 150 ILE A O   1 
ATOM   534  C  CB  . ILE A 1 150 ? 0.955   2.834   -2.752  1.00 20.63 ? 150 ILE A CB  1 
ATOM   535  C  CG1 . ILE A 1 150 ? 2.011   3.907   -2.974  1.00 17.62 ? 150 ILE A CG1 1 
ATOM   536  C  CG2 . ILE A 1 150 ? 1.629   1.532   -2.384  1.00 18.86 ? 150 ILE A CG2 1 
ATOM   537  C  CD1 . ILE A 1 150 ? 2.696   4.344   -1.730  1.00 19.44 ? 150 ILE A CD1 1 
ATOM   538  N  N   . SER A 1 151 ? -1.891  1.535   -3.315  1.00 27.90 ? 151 SER A N   1 
ATOM   539  C  CA  . SER A 1 151 ? -2.833  0.432   -3.243  1.00 26.38 ? 151 SER A CA  1 
ATOM   540  C  C   . SER A 1 151 ? -3.328  -0.003  -4.625  1.00 30.17 ? 151 SER A C   1 
ATOM   541  O  O   . SER A 1 151 ? -3.339  -1.194  -4.940  1.00 30.09 ? 151 SER A O   1 
ATOM   542  C  CB  . SER A 1 151 ? -4.009  0.798   -2.355  1.00 26.97 ? 151 SER A CB  1 
ATOM   543  O  OG  . SER A 1 151 ? -5.051  -0.139  -2.555  1.00 45.56 ? 151 SER A OG  1 
ATOM   544  N  N   . GLY A 1 152 ? -3.736  0.956   -5.451  1.00 26.02 ? 152 GLY A N   1 
ATOM   545  C  CA  . GLY A 1 152 ? -4.139  0.649   -6.815  1.00 21.37 ? 152 GLY A CA  1 
ATOM   546  C  C   . GLY A 1 152 ? -3.050  -0.030  -7.626  1.00 25.68 ? 152 GLY A C   1 
ATOM   547  O  O   . GLY A 1 152 ? -3.286  -1.027  -8.309  1.00 28.59 ? 152 GLY A O   1 
ATOM   548  N  N   . LEU A 1 153 ? -1.841  0.512   -7.544  1.00 29.54 ? 153 LEU A N   1 
ATOM   549  C  CA  . LEU A 1 153 ? -0.694  -0.049  -8.251  1.00 26.05 ? 153 LEU A CA  1 
ATOM   550  C  C   . LEU A 1 153 ? -0.359  -1.435  -7.742  1.00 27.75 ? 153 LEU A C   1 
ATOM   551  O  O   . LEU A 1 153 ? 0.067   -2.303  -8.510  1.00 30.26 ? 153 LEU A O   1 
ATOM   552  C  CB  . LEU A 1 153 ? 0.518   0.853   -8.070  1.00 22.03 ? 153 LEU A CB  1 
ATOM   553  C  CG  . LEU A 1 153 ? 0.529   2.126   -8.905  1.00 23.20 ? 153 LEU A CG  1 
ATOM   554  C  CD1 . LEU A 1 153 ? 1.534   3.131   -8.333  1.00 16.07 ? 153 LEU A CD1 1 
ATOM   555  C  CD2 . LEU A 1 153 ? 0.833   1.786   -10.365 1.00 17.66 ? 153 LEU A CD2 1 
ATOM   556  N  N   . GLY A 1 154 ? -0.540  -1.640  -6.441  1.00 25.03 ? 154 GLY A N   1 
ATOM   557  C  CA  . GLY A 1 154 ? -0.206  -2.915  -5.836  1.00 29.13 ? 154 GLY A CA  1 
ATOM   558  C  C   . GLY A 1 154 ? -1.172  -4.004  -6.253  1.00 32.82 ? 154 GLY A C   1 
ATOM   559  O  O   . GLY A 1 154 ? -0.783  -5.131  -6.556  1.00 36.65 ? 154 GLY A O   1 
ATOM   560  N  N   . LYS A 1 155 ? -2.447  -3.644  -6.275  1.00 35.51 ? 155 LYS A N   1 
ATOM   561  C  CA  . LYS A 1 155 ? -3.509  -4.537  -6.687  1.00 33.01 ? 155 LYS A CA  1 
ATOM   562  C  C   . LYS A 1 155 ? -3.302  -4.921  -8.148  1.00 38.19 ? 155 LYS A C   1 
ATOM   563  O  O   . LYS A 1 155 ? -3.747  -5.980  -8.581  1.00 48.57 ? 155 LYS A O   1 
ATOM   564  C  CB  . LYS A 1 155 ? -4.851  -3.818  -6.517  1.00 43.20 ? 155 LYS A CB  1 
ATOM   565  C  CG  . LYS A 1 155 ? -6.102  -4.689  -6.554  1.00 55.05 ? 155 LYS A CG  1 
ATOM   566  C  CD  . LYS A 1 155 ? -6.550  -5.145  -5.150  1.00 63.83 ? 155 LYS A CD  1 
ATOM   567  C  CE  . LYS A 1 155 ? -6.853  -3.969  -4.205  1.00 52.61 ? 155 LYS A CE  1 
ATOM   568  N  NZ  . LYS A 1 155 ? -5.680  -3.563  -3.378  1.00 45.30 ? 155 LYS A NZ  1 
ATOM   569  N  N   . ALA A 1 156 ? -2.617  -4.072  -8.913  1.00 34.07 ? 156 ALA A N   1 
ATOM   570  C  CA  . ALA A 1 156 ? -2.442  -4.326  -10.349 1.00 29.81 ? 156 ALA A CA  1 
ATOM   571  C  C   . ALA A 1 156 ? -1.109  -4.981  -10.706 1.00 33.84 ? 156 ALA A C   1 
ATOM   572  O  O   . ALA A 1 156 ? -0.768  -5.093  -11.890 1.00 32.68 ? 156 ALA A O   1 
ATOM   573  C  CB  . ALA A 1 156 ? -2.634  -3.044  -11.147 1.00 23.21 ? 156 ALA A CB  1 
ATOM   574  N  N   . GLY A 1 157 ? -0.344  -5.388  -9.694  1.00 28.12 ? 157 GLY A N   1 
ATOM   575  C  CA  . GLY A 1 157 ? 0.926   -6.060  -9.936  1.00 29.18 ? 157 GLY A CA  1 
ATOM   576  C  C   . GLY A 1 157 ? 2.057   -5.133  -10.341 1.00 31.29 ? 157 GLY A C   1 
ATOM   577  O  O   . GLY A 1 157 ? 3.174   -5.575  -10.634 1.00 35.74 ? 157 GLY A O   1 
ATOM   578  N  N   . ARG A 1 158 ? 1.762   -3.837  -10.348 1.00 32.50 ? 158 ARG A N   1 
ATOM   579  C  CA  . ARG A 1 158 ? 2.700   -2.814  -10.781 1.00 27.36 ? 158 ARG A CA  1 
ATOM   580  C  C   . ARG A 1 158 ? 3.557   -2.385  -9.599  1.00 24.56 ? 158 ARG A C   1 
ATOM   581  O  O   . ARG A 1 158 ? 3.507   -1.242  -9.167  1.00 22.42 ? 158 ARG A O   1 
ATOM   582  C  CB  . ARG A 1 158 ? 1.922   -1.639  -11.375 1.00 25.92 ? 158 ARG A CB  1 
ATOM   583  C  CG  . ARG A 1 158 ? 1.088   -2.042  -12.597 1.00 23.70 ? 158 ARG A CG  1 
ATOM   584  C  CD  . ARG A 1 158 ? 0.155   -0.945  -13.134 1.00 21.18 ? 158 ARG A CD  1 
ATOM   585  N  NE  . ARG A 1 158 ? 0.860   0.246   -13.606 1.00 26.70 ? 158 ARG A NE  1 
ATOM   586  C  CZ  . ARG A 1 158 ? 0.256   1.337   -14.074 1.00 25.58 ? 158 ARG A CZ  1 
ATOM   587  N  NH1 . ARG A 1 158 ? -1.068  1.378   -14.152 1.00 25.00 ? 158 ARG A NH1 1 
ATOM   588  N  NH2 . ARG A 1 158 ? 0.970   2.384   -14.458 1.00 23.23 ? 158 ARG A NH2 1 
ATOM   589  N  N   . LEU A 1 159 ? 4.341   -3.330  -9.088  1.00 26.15 ? 159 LEU A N   1 
ATOM   590  C  CA  . LEU A 1 159 ? 5.119   -3.149  -7.869  1.00 22.40 ? 159 LEU A CA  1 
ATOM   591  C  C   . LEU A 1 159 ? 6.257   -2.154  -8.001  1.00 25.08 ? 159 LEU A C   1 
ATOM   592  O  O   . LEU A 1 159 ? 6.552   -1.430  -7.050  1.00 28.77 ? 159 LEU A O   1 
ATOM   593  C  CB  . LEU A 1 159 ? 5.695   -4.482  -7.384  1.00 25.18 ? 159 LEU A CB  1 
ATOM   594  C  CG  . LEU A 1 159 ? 4.930   -5.132  -6.241  1.00 31.78 ? 159 LEU A CG  1 
ATOM   595  C  CD1 . LEU A 1 159 ? 4.790   -4.168  -5.069  1.00 29.82 ? 159 LEU A CD1 1 
ATOM   596  C  CD2 . LEU A 1 159 ? 3.559   -5.567  -6.708  1.00 36.10 ? 159 LEU A CD2 1 
ATOM   597  N  N   A GLU A 1 160 ? 6.906   -2.120  -9.155  0.53 22.88 ? 160 GLU A N   1 
ATOM   598  N  N   B GLU A 1 160 ? 6.912   -2.118  -9.155  0.47 22.88 ? 160 GLU A N   1 
ATOM   599  C  CA  A GLU A 1 160 ? 8.019   -1.201  -9.330  0.53 23.90 ? 160 GLU A CA  1 
ATOM   600  C  CA  B GLU A 1 160 ? 8.031   -1.198  -9.343  0.47 23.90 ? 160 GLU A CA  1 
ATOM   601  C  C   A GLU A 1 160 ? 7.560   0.250   -9.232  0.53 23.46 ? 160 GLU A C   1 
ATOM   602  C  C   B GLU A 1 160 ? 7.568   0.256   -9.246  0.47 23.47 ? 160 GLU A C   1 
ATOM   603  O  O   A GLU A 1 160 ? 8.221   1.075   -8.601  0.53 22.68 ? 160 GLU A O   1 
ATOM   604  O  O   B GLU A 1 160 ? 8.234   1.090   -8.634  0.47 22.73 ? 160 GLU A O   1 
ATOM   605  C  CB  A GLU A 1 160 ? 8.773   -1.470  -10.633 0.53 22.65 ? 160 GLU A CB  1 
ATOM   606  C  CB  B GLU A 1 160 ? 8.791   -1.492  -10.652 0.47 22.65 ? 160 GLU A CB  1 
ATOM   607  C  CG  A GLU A 1 160 ? 9.506   -2.799  -10.634 0.53 26.91 ? 160 GLU A CG  1 
ATOM   608  C  CG  B GLU A 1 160 ? 8.759   -0.388  -11.714 0.47 24.21 ? 160 GLU A CG  1 
ATOM   609  C  CD  A GLU A 1 160 ? 10.327  -3.026  -9.368  0.53 24.36 ? 160 GLU A CD  1 
ATOM   610  C  CD  B GLU A 1 160 ? 9.717   0.758   -11.422 0.47 26.30 ? 160 GLU A CD  1 
ATOM   611  O  OE1 A GLU A 1 160 ? 10.041  -3.988  -8.636  0.53 21.12 ? 160 GLU A OE1 1 
ATOM   612  O  OE1 B GLU A 1 160 ? 10.839  0.501   -10.923 0.47 26.66 ? 160 GLU A OE1 1 
ATOM   613  O  OE2 A GLU A 1 160 ? 11.262  -2.250  -9.100  0.53 22.73 ? 160 GLU A OE2 1 
ATOM   614  O  OE2 B GLU A 1 160 ? 9.342   1.919   -11.702 0.47 22.81 ? 160 GLU A OE2 1 
ATOM   615  N  N   . GLU A 1 161 ? 6.409   0.552   -9.830  1.00 22.11 ? 161 GLU A N   1 
ATOM   616  C  CA  . GLU A 1 161 ? 5.876   1.898   -9.773  1.00 22.43 ? 161 GLU A CA  1 
ATOM   617  C  C   . GLU A 1 161 ? 5.381   2.206   -8.353  1.00 23.41 ? 161 GLU A C   1 
ATOM   618  O  O   . GLU A 1 161 ? 5.683   3.274   -7.815  1.00 23.49 ? 161 GLU A O   1 
ATOM   619  C  CB  . GLU A 1 161 ? 4.797   2.122   -10.830 1.00 19.99 ? 161 GLU A CB  1 
ATOM   620  C  CG  . GLU A 1 161 ? 4.454   3.584   -11.045 1.00 22.98 ? 161 GLU A CG  1 
ATOM   621  C  CD  . GLU A 1 161 ? 3.790   3.856   -12.390 1.00 35.12 ? 161 GLU A CD  1 
ATOM   622  O  OE1 . GLU A 1 161 ? 3.644   2.904   -13.199 1.00 33.42 ? 161 GLU A OE1 1 
ATOM   623  O  OE2 . GLU A 1 161 ? 3.414   5.027   -12.638 1.00 34.10 ? 161 GLU A OE2 1 
ATOM   624  N  N   . ALA A 1 162 ? 4.657   1.269   -7.746  1.00 16.30 ? 162 ALA A N   1 
ATOM   625  C  CA  . ALA A 1 162 ? 4.296   1.388   -6.341  1.00 17.46 ? 162 ALA A CA  1 
ATOM   626  C  C   . ALA A 1 162 ? 5.504   1.755   -5.477  1.00 20.14 ? 162 ALA A C   1 
ATOM   627  O  O   . ALA A 1 162 ? 5.466   2.742   -4.732  1.00 16.79 ? 162 ALA A O   1 
ATOM   628  C  CB  . ALA A 1 162 ? 3.634   0.109   -5.830  1.00 13.15 ? 162 ALA A CB  1 
ATOM   629  N  N   . LEU A 1 163 ? 6.581   0.978   -5.593  1.00 23.20 ? 163 LEU A N   1 
ATOM   630  C  CA  . LEU A 1 163 ? 7.818   1.242   -4.846  1.00 18.78 ? 163 LEU A CA  1 
ATOM   631  C  C   . LEU A 1 163 ? 8.422   2.614   -5.126  1.00 19.06 ? 163 LEU A C   1 
ATOM   632  O  O   . LEU A 1 163 ? 8.941   3.262   -4.229  1.00 19.70 ? 163 LEU A O   1 
ATOM   633  C  CB  . LEU A 1 163 ? 8.839   0.125   -5.062  1.00 13.77 ? 163 LEU A CB  1 
ATOM   634  C  CG  . LEU A 1 163 ? 8.467   -1.150  -4.303  1.00 16.85 ? 163 LEU A CG  1 
ATOM   635  C  CD1 . LEU A 1 163 ? 9.279   -2.340  -4.748  1.00 17.10 ? 163 LEU A CD1 1 
ATOM   636  C  CD2 . LEU A 1 163 ? 8.591   -0.961  -2.791  1.00 13.91 ? 163 LEU A CD2 1 
ATOM   637  N  N   A GLU A 1 164 ? 8.329   3.064   -6.381  0.59 22.22 ? 164 GLU A N   1 
ATOM   638  N  N   B GLU A 1 164 ? 8.347   3.080   -6.378  0.41 22.23 ? 164 GLU A N   1 
ATOM   639  C  CA  A GLU A 1 164 ? 8.803   4.392   -6.749  0.59 23.76 ? 164 GLU A CA  1 
ATOM   640  C  CA  B GLU A 1 164 ? 8.835   4.422   -6.695  0.41 23.75 ? 164 GLU A CA  1 
ATOM   641  C  C   A GLU A 1 164 ? 8.053   5.467   -5.981  0.59 23.37 ? 164 GLU A C   1 
ATOM   642  C  C   B GLU A 1 164 ? 8.057   5.462   -5.915  0.41 23.40 ? 164 GLU A C   1 
ATOM   643  O  O   A GLU A 1 164 ? 8.658   6.432   -5.513  0.59 27.48 ? 164 GLU A O   1 
ATOM   644  O  O   B GLU A 1 164 ? 8.641   6.402   -5.371  0.41 27.48 ? 164 GLU A O   1 
ATOM   645  C  CB  A GLU A 1 164 ? 8.649   4.642   -8.253  0.59 24.83 ? 164 GLU A CB  1 
ATOM   646  C  CB  B GLU A 1 164 ? 8.759   4.733   -8.198  0.41 24.81 ? 164 GLU A CB  1 
ATOM   647  C  CG  A GLU A 1 164 ? 9.698   3.990   -9.132  0.59 22.87 ? 164 GLU A CG  1 
ATOM   648  C  CG  B GLU A 1 164 ? 9.398   6.080   -8.606  0.41 26.57 ? 164 GLU A CG  1 
ATOM   649  C  CD  A GLU A 1 164 ? 9.448   4.259   -10.604 0.59 25.43 ? 164 GLU A CD  1 
ATOM   650  C  CD  B GLU A 1 164 ? 8.491   7.305   -8.402  0.41 30.87 ? 164 GLU A CD  1 
ATOM   651  O  OE1 A GLU A 1 164 ? 8.487   4.996   -10.908 0.59 23.66 ? 164 GLU A OE1 1 
ATOM   652  O  OE1 B GLU A 1 164 ? 7.258   7.157   -8.444  0.41 31.47 ? 164 GLU A OE1 1 
ATOM   653  O  OE2 A GLU A 1 164 ? 10.208  3.741   -11.451 0.59 23.60 ? 164 GLU A OE2 1 
ATOM   654  O  OE2 B GLU A 1 164 ? 9.010   8.424   -8.205  0.41 30.42 ? 164 GLU A OE2 1 
ATOM   655  N  N   . LEU A 1 165 ? 6.744   5.299   -5.865  1.00 20.02 ? 165 LEU A N   1 
ATOM   656  C  CA  . LEU A 1 165 ? 5.899   6.247   -5.163  1.00 17.77 ? 165 LEU A CA  1 
ATOM   657  C  C   . LEU A 1 165 ? 6.202   6.210   -3.669  1.00 20.48 ? 165 LEU A C   1 
ATOM   658  O  O   . LEU A 1 165 ? 6.295   7.253   -3.021  1.00 22.56 ? 165 LEU A O   1 
ATOM   659  C  CB  . LEU A 1 165 ? 4.432   5.941   -5.438  1.00 19.29 ? 165 LEU A CB  1 
ATOM   660  C  CG  . LEU A 1 165 ? 3.603   6.885   -6.324  1.00 22.57 ? 165 LEU A CG  1 
ATOM   661  C  CD1 . LEU A 1 165 ? 4.263   7.207   -7.618  1.00 21.79 ? 165 LEU A CD1 1 
ATOM   662  C  CD2 . LEU A 1 165 ? 2.268   6.257   -6.626  1.00 23.19 ? 165 LEU A CD2 1 
ATOM   663  N  N   . PHE A 1 166 ? 6.390   5.005   -3.139  1.00 20.19 ? 166 PHE A N   1 
ATOM   664  C  CA  . PHE A 1 166 ? 6.743   4.796   -1.739  1.00 18.94 ? 166 PHE A CA  1 
ATOM   665  C  C   . PHE A 1 166 ? 7.987   5.572   -1.371  1.00 24.00 ? 166 PHE A C   1 
ATOM   666  O  O   . PHE A 1 166 ? 7.994   6.275   -0.359  1.00 25.72 ? 166 PHE A O   1 
ATOM   667  C  CB  . PHE A 1 166 ? 6.949   3.306   -1.463  1.00 23.43 ? 166 PHE A CB  1 
ATOM   668  C  CG  . PHE A 1 166 ? 7.299   2.974   -0.027  1.00 25.22 ? 166 PHE A CG  1 
ATOM   669  C  CD1 . PHE A 1 166 ? 6.414   3.257   1.014   1.00 26.42 ? 166 PHE A CD1 1 
ATOM   670  C  CD2 . PHE A 1 166 ? 8.493   2.326   0.278   1.00 17.43 ? 166 PHE A CD2 1 
ATOM   671  C  CE1 . PHE A 1 166 ? 6.735   2.914   2.348   1.00 24.22 ? 166 PHE A CE1 1 
ATOM   672  C  CE2 . PHE A 1 166 ? 8.812   1.995   1.588   1.00 17.98 ? 166 PHE A CE2 1 
ATOM   673  C  CZ  . PHE A 1 166 ? 7.931   2.287   2.626   1.00 19.31 ? 166 PHE A CZ  1 
ATOM   674  N  N   A GLU A 1 167 ? 9.034   5.463   -2.184  0.52 22.18 ? 167 GLU A N   1 
ATOM   675  N  N   B GLU A 1 167 ? 9.027   5.453   -2.192  0.48 22.21 ? 167 GLU A N   1 
ATOM   676  C  CA  A GLU A 1 167 ? 10.267  6.197   -1.915  0.52 24.13 ? 167 GLU A CA  1 
ATOM   677  C  CA  B GLU A 1 167 ? 10.269  6.196   -1.996  0.48 24.13 ? 167 GLU A CA  1 
ATOM   678  C  C   A GLU A 1 167 ? 10.100  7.705   -2.107  0.52 26.07 ? 167 GLU A C   1 
ATOM   679  C  C   B GLU A 1 167 ? 10.050  7.703   -2.076  0.48 26.07 ? 167 GLU A C   1 
ATOM   680  O  O   A GLU A 1 167 ? 10.744  8.496   -1.422  0.52 27.70 ? 167 GLU A O   1 
ATOM   681  O  O   B GLU A 1 167 ? 10.598  8.488   -1.300  0.48 27.57 ? 167 GLU A O   1 
ATOM   682  C  CB  A GLU A 1 167 ? 11.444  5.637   -2.725  0.52 25.49 ? 167 GLU A CB  1 
ATOM   683  C  CB  B GLU A 1 167 ? 11.305  5.768   -3.041  0.48 25.51 ? 167 GLU A CB  1 
ATOM   684  C  CG  A GLU A 1 167 ? 11.882  4.243   -2.277  0.52 28.54 ? 167 GLU A CG  1 
ATOM   685  C  CG  B GLU A 1 167 ? 12.283  6.873   -3.420  0.48 28.80 ? 167 GLU A CG  1 
ATOM   686  C  CD  A GLU A 1 167 ? 12.489  4.233   -0.872  0.52 28.55 ? 167 GLU A CD  1 
ATOM   687  C  CD  B GLU A 1 167 ? 13.562  6.397   -4.078  0.48 35.91 ? 167 GLU A CD  1 
ATOM   688  O  OE1 A GLU A 1 167 ? 13.414  5.034   -0.620  0.52 25.39 ? 167 GLU A OE1 1 
ATOM   689  O  OE1 B GLU A 1 167 ? 13.589  6.126   -5.295  0.48 32.80 ? 167 GLU A OE1 1 
ATOM   690  O  OE2 A GLU A 1 167 ? 12.046  3.426   -0.026  0.52 19.58 ? 167 GLU A OE2 1 
ATOM   691  O  OE2 B GLU A 1 167 ? 14.579  6.355   -3.368  0.48 42.71 ? 167 GLU A OE2 1 
ATOM   692  N  N   . GLU A 1 168 ? 9.208   8.103   -3.017  1.00 22.35 ? 168 GLU A N   1 
ATOM   693  C  CA  . GLU A 1 168 ? 8.941   9.511   -3.224  1.00 24.35 ? 168 GLU A CA  1 
ATOM   694  C  C   . GLU A 1 168 ? 8.265   10.155  -2.020  1.00 26.22 ? 168 GLU A C   1 
ATOM   695  O  O   . GLU A 1 168 ? 8.668   11.230  -1.576  1.00 23.66 ? 168 GLU A O   1 
ATOM   696  C  CB  . GLU A 1 168 ? 8.078   9.691   -4.460  1.00 24.03 ? 168 GLU A CB  1 
ATOM   697  C  CG  . GLU A 1 168 ? 7.767   11.111  -4.804  1.00 16.79 ? 168 GLU A CG  1 
ATOM   698  C  CD  . GLU A 1 168 ? 6.904   11.190  -6.040  1.00 28.40 ? 168 GLU A CD  1 
ATOM   699  O  OE1 . GLU A 1 168 ? 7.389   10.787  -7.122  1.00 29.74 ? 168 GLU A OE1 1 
ATOM   700  O  OE2 . GLU A 1 168 ? 5.731   11.620  -5.926  1.00 27.71 ? 168 GLU A OE2 1 
HETATM 701  N  N   . MSE A 1 169 ? 7.238   9.505   -1.482  1.00 23.77 ? 169 MSE A N   1 
HETATM 702  C  CA  . MSE A 1 169 ? 6.532   10.117  -0.371  1.00 26.75 ? 169 MSE A CA  1 
HETATM 703  C  C   . MSE A 1 169 ? 7.466   10.299  0.826   1.00 27.86 ? 169 MSE A C   1 
HETATM 704  O  O   . MSE A 1 169 ? 7.341   11.268  1.582   1.00 26.26 ? 169 MSE A O   1 
HETATM 705  C  CB  . MSE A 1 169 ? 5.286   9.331   0.000   1.00 25.56 ? 169 MSE A CB  1 
HETATM 706  C  CG  . MSE A 1 169 ? 5.574   8.063   0.747   1.00 31.10 ? 169 MSE A CG  1 
HETATM 707  SE SE  . MSE A 1 169 ? 3.948   7.031   1.053   1.00 49.05 ? 169 MSE A SE  1 
HETATM 708  C  CE  . MSE A 1 169 ? 3.026   8.159   2.364   1.00 26.20 ? 169 MSE A CE  1 
ATOM   709  N  N   . LYS A 1 170 ? 8.430   9.396   0.971   1.00 27.21 ? 170 LYS A N   1 
ATOM   710  C  CA  . LYS A 1 170 ? 9.420   9.548   2.023   1.00 23.20 ? 170 LYS A CA  1 
ATOM   711  C  C   . LYS A 1 170 ? 10.392  10.709  1.758   1.00 27.54 ? 170 LYS A C   1 
ATOM   712  O  O   . LYS A 1 170 ? 10.754  11.440  2.683   1.00 32.45 ? 170 LYS A O   1 
ATOM   713  C  CB  . LYS A 1 170 ? 10.127  8.228   2.302   1.00 20.37 ? 170 LYS A CB  1 
ATOM   714  C  CG  . LYS A 1 170 ? 9.177   7.176   2.893   1.00 28.63 ? 170 LYS A CG  1 
ATOM   715  C  CD  . LYS A 1 170 ? 9.907   5.965   3.461   1.00 25.56 ? 170 LYS A CD  1 
ATOM   716  C  CE  . LYS A 1 170 ? 10.462  5.082   2.368   1.00 27.70 ? 170 LYS A CE  1 
ATOM   717  N  NZ  . LYS A 1 170 ? 11.343  4.035   2.942   1.00 31.78 ? 170 LYS A NZ  1 
ATOM   718  N  N   . GLU A 1 171 ? 10.777  10.918  0.503   1.00 26.28 ? 171 GLU A N   1 
ATOM   719  C  CA  . GLU A 1 171 ? 11.641  12.051  0.174   1.00 25.27 ? 171 GLU A CA  1 
ATOM   720  C  C   . GLU A 1 171 ? 10.965  13.373  0.458   1.00 27.75 ? 171 GLU A C   1 
ATOM   721  O  O   . GLU A 1 171 ? 11.631  14.395  0.598   1.00 36.09 ? 171 GLU A O   1 
ATOM   722  C  CB  . GLU A 1 171 ? 12.057  12.027  -1.290  1.00 29.75 ? 171 GLU A CB  1 
ATOM   723  C  CG  . GLU A 1 171 ? 13.158  11.057  -1.606  1.00 34.30 ? 171 GLU A CG  1 
ATOM   724  C  CD  . GLU A 1 171 ? 13.176  10.685  -3.077  1.00 50.91 ? 171 GLU A CD  1 
ATOM   725  O  OE1 . GLU A 1 171 ? 12.453  11.350  -3.865  1.00 54.50 ? 171 GLU A OE1 1 
ATOM   726  O  OE2 . GLU A 1 171 ? 13.891  9.720   -3.442  1.00 50.63 ? 171 GLU A OE2 1 
ATOM   727  N  N   . LYS A 1 172 ? 9.640   13.359  0.524   1.00 30.20 ? 172 LYS A N   1 
ATOM   728  C  CA  . LYS A 1 172 ? 8.874   14.578  0.724   1.00 25.00 ? 172 LYS A CA  1 
ATOM   729  C  C   . LYS A 1 172 ? 8.405   14.711  2.170   1.00 31.04 ? 172 LYS A C   1 
ATOM   730  O  O   . LYS A 1 172 ? 7.690   15.652  2.522   1.00 28.89 ? 172 LYS A O   1 
ATOM   731  C  CB  . LYS A 1 172 ? 7.693   14.623  -0.240  1.00 26.80 ? 172 LYS A CB  1 
ATOM   732  C  CG  . LYS A 1 172 ? 8.104   14.783  -1.700  1.00 23.65 ? 172 LYS A CG  1 
ATOM   733  C  CD  . LYS A 1 172 ? 6.881   14.720  -2.612  1.00 32.78 ? 172 LYS A CD  1 
ATOM   734  C  CE  . LYS A 1 172 ? 7.225   15.085  -4.059  1.00 37.06 ? 172 LYS A CE  1 
ATOM   735  N  NZ  . LYS A 1 172 ? 6.139   15.944  -4.663  1.00 40.59 ? 172 LYS A NZ  1 
ATOM   736  N  N   . GLY A 1 173 ? 8.824   13.773  3.014   1.00 29.36 ? 173 GLY A N   1 
ATOM   737  C  CA  . GLY A 1 173 ? 8.497   13.849  4.424   1.00 27.77 ? 173 GLY A CA  1 
ATOM   738  C  C   . GLY A 1 173 ? 7.072   13.444  4.748   1.00 33.56 ? 173 GLY A C   1 
ATOM   739  O  O   . GLY A 1 173 ? 6.588   13.654  5.865   1.00 39.50 ? 173 GLY A O   1 
ATOM   740  N  N   . ILE A 1 174 ? 6.392   12.863  3.771   1.00 27.68 ? 174 ILE A N   1 
ATOM   741  C  CA  . ILE A 1 174 ? 5.058   12.355  3.999   1.00 29.46 ? 174 ILE A CA  1 
ATOM   742  C  C   . ILE A 1 174 ? 5.152   10.950  4.568   1.00 31.81 ? 174 ILE A C   1 
ATOM   743  O  O   . ILE A 1 174 ? 5.417   9.994   3.850   1.00 32.07 ? 174 ILE A O   1 
ATOM   744  C  CB  . ILE A 1 174 ? 4.260   12.371  2.713   1.00 28.14 ? 174 ILE A CB  1 
ATOM   745  C  CG1 . ILE A 1 174 ? 4.137   13.809  2.252   1.00 24.84 ? 174 ILE A CG1 1 
ATOM   746  C  CG2 . ILE A 1 174 ? 2.884   11.753  2.919   1.00 29.87 ? 174 ILE A CG2 1 
ATOM   747  C  CD1 . ILE A 1 174 ? 3.602   13.927  0.894   1.00 33.24 ? 174 ILE A CD1 1 
ATOM   748  N  N   . VAL A 1 175 ? 4.941   10.840  5.874   1.00 36.00 ? 175 VAL A N   1 
ATOM   749  C  CA  . VAL A 1 175 ? 5.160   9.589   6.593   1.00 34.56 ? 175 VAL A CA  1 
ATOM   750  C  C   . VAL A 1 175 ? 4.184   8.492   6.198   1.00 31.15 ? 175 VAL A C   1 
ATOM   751  O  O   . VAL A 1 175 ? 2.973   8.669   6.322   1.00 31.50 ? 175 VAL A O   1 
ATOM   752  C  CB  . VAL A 1 175 ? 5.029   9.819   8.104   1.00 35.84 ? 175 VAL A CB  1 
ATOM   753  C  CG1 . VAL A 1 175 ? 5.354   8.545   8.854   1.00 30.23 ? 175 VAL A CG1 1 
ATOM   754  C  CG2 . VAL A 1 175 ? 5.932   10.973  8.534   1.00 32.25 ? 175 VAL A CG2 1 
ATOM   755  N  N   . PRO A 1 176 ? 4.710   7.351   5.727   1.00 29.67 ? 176 PRO A N   1 
ATOM   756  C  CA  . PRO A 1 176 ? 3.906   6.180   5.365   1.00 30.27 ? 176 PRO A CA  1 
ATOM   757  C  C   . PRO A 1 176 ? 3.153   5.647   6.567   1.00 27.99 ? 176 PRO A C   1 
ATOM   758  O  O   . PRO A 1 176 ? 3.551   5.904   7.700   1.00 36.62 ? 176 PRO A O   1 
ATOM   759  C  CB  . PRO A 1 176 ? 4.956   5.151   4.922   1.00 25.98 ? 176 PRO A CB  1 
ATOM   760  C  CG  . PRO A 1 176 ? 6.100   5.954   4.494   1.00 29.31 ? 176 PRO A CG  1 
ATOM   761  C  CD  . PRO A 1 176 ? 6.136   7.142   5.422   1.00 34.04 ? 176 PRO A CD  1 
ATOM   762  N  N   . ASP A 1 177 ? 2.082   4.906   6.332   1.00 30.47 ? 177 ASP A N   1 
ATOM   763  C  CA  . ASP A 1 177 ? 1.314   4.353   7.439   1.00 32.97 ? 177 ASP A CA  1 
ATOM   764  C  C   . ASP A 1 177 ? 1.142   2.845   7.288   1.00 31.24 ? 177 ASP A C   1 
ATOM   765  O  O   . ASP A 1 177 ? 1.627   2.253   6.314   1.00 26.36 ? 177 ASP A O   1 
ATOM   766  C  CB  . ASP A 1 177 ? -0.038  5.075   7.585   1.00 26.26 ? 177 ASP A CB  1 
ATOM   767  C  CG  . ASP A 1 177 ? -0.969  4.865   6.385   1.00 34.50 ? 177 ASP A CG  1 
ATOM   768  O  OD1 . ASP A 1 177 ? -0.787  3.904   5.602   1.00 33.29 ? 177 ASP A OD1 1 
ATOM   769  O  OD2 . ASP A 1 177 ? -1.920  5.665   6.235   1.00 37.26 ? 177 ASP A OD2 1 
ATOM   770  N  N   . VAL A 1 178 ? 0.427   2.234   8.228   1.00 29.72 ? 178 VAL A N   1 
ATOM   771  C  CA  . VAL A 1 178 ? 0.281   0.787   8.236   1.00 27.86 ? 178 VAL A CA  1 
ATOM   772  C  C   . VAL A 1 178 ? -0.337  0.279   6.935   1.00 28.34 ? 178 VAL A C   1 
ATOM   773  O  O   . VAL A 1 178 ? 0.030   -0.793  6.440   1.00 25.15 ? 178 VAL A O   1 
ATOM   774  C  CB  . VAL A 1 178 ? -0.540  0.309   9.453   1.00 34.21 ? 178 VAL A CB  1 
ATOM   775  C  CG1 . VAL A 1 178 ? -1.812  1.151   9.598   1.00 43.22 ? 178 VAL A CG1 1 
ATOM   776  C  CG2 . VAL A 1 178 ? -0.876  -1.186  9.338   1.00 27.76 ? 178 VAL A CG2 1 
ATOM   777  N  N   . VAL A 1 179 ? -1.257  1.056   6.363   1.00 25.01 ? 179 VAL A N   1 
ATOM   778  C  CA  . VAL A 1 179 ? -1.884  0.636   5.108   1.00 28.49 ? 179 VAL A CA  1 
ATOM   779  C  C   . VAL A 1 179 ? -0.872  0.584   3.957   1.00 30.99 ? 179 VAL A C   1 
ATOM   780  O  O   . VAL A 1 179 ? -0.867  -0.372  3.157   1.00 25.42 ? 179 VAL A O   1 
ATOM   781  C  CB  . VAL A 1 179 ? -3.074  1.531   4.704   1.00 28.43 ? 179 VAL A CB  1 
ATOM   782  C  CG1 . VAL A 1 179 ? -3.811  0.902   3.550   1.00 26.44 ? 179 VAL A CG1 1 
ATOM   783  C  CG2 . VAL A 1 179 ? -4.008  1.717   5.865   1.00 31.03 ? 179 VAL A CG2 1 
ATOM   784  N  N   . THR A 1 180 ? -0.022  1.614   3.886   1.00 24.71 ? 180 THR A N   1 
ATOM   785  C  CA  . THR A 1 180 ? 1.044   1.658   2.904   1.00 25.11 ? 180 THR A CA  1 
ATOM   786  C  C   . THR A 1 180 ? 1.908   0.404   2.972   1.00 23.57 ? 180 THR A C   1 
ATOM   787  O  O   . THR A 1 180 ? 2.033   -0.327  1.991   1.00 26.42 ? 180 THR A O   1 
ATOM   788  C  CB  . THR A 1 180 ? 1.979   2.864   3.118   1.00 36.27 ? 180 THR A CB  1 
ATOM   789  O  OG1 . THR A 1 180 ? 1.239   4.010   3.583   1.00 36.56 ? 180 THR A OG1 1 
ATOM   790  C  CG2 . THR A 1 180 ? 2.705   3.187   1.816   1.00 26.62 ? 180 THR A CG2 1 
ATOM   791  N  N   . TYR A 1 181 ? 2.502   0.153   4.134   1.00 27.20 ? 181 TYR A N   1 
ATOM   792  C  CA  . TYR A 1 181 ? 3.383   -1.011  4.300   1.00 26.73 ? 181 TYR A CA  1 
ATOM   793  C  C   . TYR A 1 181 ? 2.651   -2.324  4.027   1.00 25.74 ? 181 TYR A C   1 
ATOM   794  O  O   . TYR A 1 181 ? 3.180   -3.217  3.347   1.00 25.99 ? 181 TYR A O   1 
ATOM   795  C  CB  . TYR A 1 181 ? 4.009   -1.044  5.699   1.00 22.61 ? 181 TYR A CB  1 
ATOM   796  C  CG  . TYR A 1 181 ? 5.188   -0.126  5.865   1.00 18.76 ? 181 TYR A CG  1 
ATOM   797  C  CD1 . TYR A 1 181 ? 6.440   -0.492  5.409   1.00 20.78 ? 181 TYR A CD1 1 
ATOM   798  C  CD2 . TYR A 1 181 ? 5.053   1.104   6.487   1.00 21.10 ? 181 TYR A CD2 1 
ATOM   799  C  CE1 . TYR A 1 181 ? 7.530   0.352   5.562   1.00 21.93 ? 181 TYR A CE1 1 
ATOM   800  C  CE2 . TYR A 1 181 ? 6.129   1.954   6.649   1.00 20.41 ? 181 TYR A CE2 1 
ATOM   801  C  CZ  . TYR A 1 181 ? 7.367   1.569   6.184   1.00 22.77 ? 181 TYR A CZ  1 
ATOM   802  O  OH  . TYR A 1 181 ? 8.451   2.400   6.332   1.00 26.51 ? 181 TYR A OH  1 
ATOM   803  N  N   . THR A 1 182 ? 1.436   -2.437  4.558   1.00 24.93 ? 182 THR A N   1 
ATOM   804  C  CA  . THR A 1 182 ? 0.660   -3.665  4.414   1.00 25.06 ? 182 THR A CA  1 
ATOM   805  C  C   . THR A 1 182 ? 0.446   -3.973  2.939   1.00 24.55 ? 182 THR A C   1 
ATOM   806  O  O   . THR A 1 182 ? 0.649   -5.104  2.501   1.00 28.21 ? 182 THR A O   1 
ATOM   807  C  CB  . THR A 1 182 ? -0.682  -3.579  5.182   1.00 36.56 ? 182 THR A CB  1 
ATOM   808  O  OG1 . THR A 1 182 ? -0.476  -3.940  6.555   1.00 36.38 ? 182 THR A OG1 1 
ATOM   809  C  CG2 . THR A 1 182 ? -1.719  -4.509  4.574   1.00 39.49 ? 182 THR A CG2 1 
ATOM   810  N  N   . THR A 1 183 ? 0.085   -2.952  2.168   1.00 27.61 ? 183 THR A N   1 
ATOM   811  C  CA  . THR A 1 183 ? -0.056  -3.099  0.719   1.00 26.27 ? 183 THR A CA  1 
ATOM   812  C  C   . THR A 1 183 ? 1.224   -3.593  0.046   1.00 34.03 ? 183 THR A C   1 
ATOM   813  O  O   . THR A 1 183 ? 1.199   -4.568  -0.723  1.00 36.71 ? 183 THR A O   1 
ATOM   814  C  CB  . THR A 1 183 ? -0.403  -1.774  0.045   1.00 30.95 ? 183 THR A CB  1 
ATOM   815  O  OG1 . THR A 1 183 ? -1.658  -1.280  0.531   1.00 37.56 ? 183 THR A OG1 1 
ATOM   816  C  CG2 . THR A 1 183 ? -0.486  -1.974  -1.454  1.00 31.79 ? 183 THR A CG2 1 
ATOM   817  N  N   . LEU A 1 184 ? 2.342   -2.923  0.315   1.00 23.20 ? 184 LEU A N   1 
ATOM   818  C  CA  . LEU A 1 184 ? 3.583   -3.273  -0.369  1.00 24.95 ? 184 LEU A CA  1 
ATOM   819  C  C   . LEU A 1 184 ? 4.038   -4.676  -0.018  1.00 27.38 ? 184 LEU A C   1 
ATOM   820  O  O   . LEU A 1 184 ? 4.451   -5.443  -0.899  1.00 24.33 ? 184 LEU A O   1 
ATOM   821  C  CB  . LEU A 1 184 ? 4.680   -2.257  -0.048  1.00 22.04 ? 184 LEU A CB  1 
ATOM   822  C  CG  . LEU A 1 184 ? 4.387   -0.856  -0.583  1.00 19.96 ? 184 LEU A CG  1 
ATOM   823  C  CD1 . LEU A 1 184 ? 5.268   0.161   0.104   1.00 18.95 ? 184 LEU A CD1 1 
ATOM   824  C  CD2 . LEU A 1 184 ? 4.568   -0.822  -2.096  1.00 11.25 ? 184 LEU A CD2 1 
ATOM   825  N  N   . ILE A 1 185 ? 3.962   -5.009  1.274   1.00 27.62 ? 185 ILE A N   1 
ATOM   826  C  CA  . ILE A 1 185 ? 4.357   -6.335  1.742   1.00 23.91 ? 185 ILE A CA  1 
ATOM   827  C  C   . ILE A 1 185 ? 3.466   -7.397  1.090   1.00 29.31 ? 185 ILE A C   1 
ATOM   828  O  O   . ILE A 1 185 ? 3.960   -8.413  0.587   1.00 24.27 ? 185 ILE A O   1 
ATOM   829  C  CB  . ILE A 1 185 ? 4.340   -6.410  3.271   1.00 19.90 ? 185 ILE A CB  1 
ATOM   830  C  CG1 . ILE A 1 185 ? 5.575   -5.691  3.825   1.00 25.18 ? 185 ILE A CG1 1 
ATOM   831  C  CG2 . ILE A 1 185 ? 4.342   -7.854  3.739   1.00 13.82 ? 185 ILE A CG2 1 
ATOM   832  C  CD1 . ILE A 1 185 ? 5.378   -4.981  5.141   1.00 17.89 ? 185 ILE A CD1 1 
ATOM   833  N  N   . SER A 1 186 ? 2.158   -7.131  1.063   1.00 25.89 ? 186 SER A N   1 
ATOM   834  C  CA  . SER A 1 186 ? 1.234   -7.955  0.288   1.00 30.37 ? 186 SER A CA  1 
ATOM   835  C  C   . SER A 1 186 ? 1.685   -8.102  -1.162  1.00 34.62 ? 186 SER A C   1 
ATOM   836  O  O   . SER A 1 186 ? 1.928   -9.216  -1.632  1.00 34.01 ? 186 SER A O   1 
ATOM   837  C  CB  . SER A 1 186 ? -0.169  -7.375  0.337   1.00 29.35 ? 186 SER A CB  1 
ATOM   838  O  OG  . SER A 1 186 ? -0.738  -7.595  1.618   1.00 44.00 ? 186 SER A OG  1 
ATOM   839  N  N   . GLY A 1 187 ? 1.819   -6.976  -1.857  1.00 30.26 ? 187 GLY A N   1 
ATOM   840  C  CA  . GLY A 1 187 ? 2.210   -6.989  -3.251  1.00 27.15 ? 187 GLY A CA  1 
ATOM   841  C  C   . GLY A 1 187 ? 3.501   -7.739  -3.475  1.00 29.58 ? 187 GLY A C   1 
ATOM   842  O  O   . GLY A 1 187 ? 3.583   -8.586  -4.355  1.00 38.16 ? 187 GLY A O   1 
ATOM   843  N  N   . LEU A 1 188 ? 4.514   -7.440  -2.669  1.00 30.35 ? 188 LEU A N   1 
ATOM   844  C  CA  . LEU A 1 188 ? 5.809   -8.093  -2.819  1.00 31.90 ? 188 LEU A CA  1 
ATOM   845  C  C   . LEU A 1 188 ? 5.700   -9.581  -2.498  1.00 36.61 ? 188 LEU A C   1 
ATOM   846  O  O   . LEU A 1 188 ? 6.427   -10.407 -3.056  1.00 36.43 ? 188 LEU A O   1 
ATOM   847  C  CB  . LEU A 1 188 ? 6.851   -7.425  -1.915  1.00 30.72 ? 188 LEU A CB  1 
ATOM   848  C  CG  . LEU A 1 188 ? 7.315   -6.028  -2.338  1.00 31.08 ? 188 LEU A CG  1 
ATOM   849  C  CD1 . LEU A 1 188 ? 7.909   -5.268  -1.164  1.00 26.02 ? 188 LEU A CD1 1 
ATOM   850  C  CD2 . LEU A 1 188 ? 8.339   -6.152  -3.447  1.00 32.71 ? 188 LEU A CD2 1 
ATOM   851  N  N   . GLY A 1 189 ? 4.788   -9.915  -1.587  1.00 37.51 ? 189 GLY A N   1 
ATOM   852  C  CA  . GLY A 1 189 ? 4.579   -11.295 -1.205  1.00 37.87 ? 189 GLY A CA  1 
ATOM   853  C  C   . GLY A 1 189 ? 3.979   -12.047 -2.369  1.00 41.98 ? 189 GLY A C   1 
ATOM   854  O  O   . GLY A 1 189 ? 4.555   -13.018 -2.861  1.00 43.00 ? 189 GLY A O   1 
ATOM   855  N  N   . LYS A 1 190 ? 2.820   -11.565 -2.813  1.00 38.53 ? 190 LYS A N   1 
ATOM   856  C  CA  . LYS A 1 190 ? 2.118   -12.084 -3.985  1.00 41.81 ? 190 LYS A CA  1 
ATOM   857  C  C   . LYS A 1 190 ? 3.054   -12.283 -5.179  1.00 41.73 ? 190 LYS A C   1 
ATOM   858  O  O   . LYS A 1 190 ? 2.886   -13.214 -5.968  1.00 47.14 ? 190 LYS A O   1 
ATOM   859  C  CB  . LYS A 1 190 ? 0.985   -11.126 -4.360  1.00 37.28 ? 190 LYS A CB  1 
ATOM   860  C  CG  . LYS A 1 190 ? -0.273  -11.787 -4.889  1.00 53.69 ? 190 LYS A CG  1 
ATOM   861  C  CD  . LYS A 1 190 ? -0.265  -11.865 -6.415  1.00 57.89 ? 190 LYS A CD  1 
ATOM   862  C  CE  . LYS A 1 190 ? -1.675  -12.044 -6.970  1.00 53.87 ? 190 LYS A CE  1 
ATOM   863  N  NZ  . LYS A 1 190 ? -1.670  -12.086 -8.462  1.00 63.95 ? 190 LYS A NZ  1 
ATOM   864  N  N   . ALA A 1 191 ? 4.048   -11.412 -5.300  1.00 41.25 ? 191 ALA A N   1 
ATOM   865  C  CA  . ALA A 1 191 ? 4.993   -11.486 -6.404  1.00 40.82 ? 191 ALA A CA  1 
ATOM   866  C  C   . ALA A 1 191 ? 6.182   -12.367 -6.039  1.00 40.29 ? 191 ALA A C   1 
ATOM   867  O  O   . ALA A 1 191 ? 7.175   -12.430 -6.772  1.00 33.31 ? 191 ALA A O   1 
ATOM   868  C  CB  . ALA A 1 191 ? 5.455   -10.089 -6.787  1.00 33.82 ? 191 ALA A CB  1 
ATOM   869  N  N   . GLY A 1 192 ? 6.086   -13.026 -4.885  1.00 34.55 ? 192 GLY A N   1 
ATOM   870  C  CA  . GLY A 1 192 ? 7.144   -13.909 -4.419  1.00 39.92 ? 192 GLY A CA  1 
ATOM   871  C  C   . GLY A 1 192 ? 8.461   -13.230 -4.073  1.00 41.14 ? 192 GLY A C   1 
ATOM   872  O  O   . GLY A 1 192 ? 9.467   -13.894 -3.813  1.00 38.54 ? 192 GLY A O   1 
ATOM   873  N  N   . ARG A 1 193 ? 8.466   -11.903 -4.087  1.00 38.28 ? 193 ARG A N   1 
ATOM   874  C  CA  . ARG A 1 193 ? 9.638   -11.148 -3.681  1.00 38.03 ? 193 ARG A CA  1 
ATOM   875  C  C   . ARG A 1 193 ? 9.662   -11.082 -2.153  1.00 40.55 ? 193 ARG A C   1 
ATOM   876  O  O   . ARG A 1 193 ? 9.460   -10.020 -1.546  1.00 35.77 ? 193 ARG A O   1 
ATOM   877  C  CB  . ARG A 1 193 ? 9.590   -9.767  -4.318  1.00 38.66 ? 193 ARG A CB  1 
ATOM   878  C  CG  . ARG A 1 193 ? 9.538   -9.849  -5.835  1.00 41.58 ? 193 ARG A CG  1 
ATOM   879  C  CD  . ARG A 1 193 ? 9.313   -8.498  -6.498  1.00 40.72 ? 193 ARG A CD  1 
ATOM   880  N  NE  . ARG A 1 193 ? 10.353  -7.523  -6.171  1.00 40.44 ? 193 ARG A NE  1 
ATOM   881  C  CZ  . ARG A 1 193 ? 10.350  -6.270  -6.614  1.00 33.66 ? 193 ARG A CZ  1 
ATOM   882  N  NH1 . ARG A 1 193 ? 9.373   -5.858  -7.412  1.00 33.63 ? 193 ARG A NH1 1 
ATOM   883  N  NH2 . ARG A 1 193 ? 11.311  -5.427  -6.262  1.00 28.64 ? 193 ARG A NH2 1 
ATOM   884  N  N   . LEU A 1 194 ? 9.909   -12.243 -1.543  1.00 38.16 ? 194 LEU A N   1 
ATOM   885  C  CA  . LEU A 1 194 ? 9.713   -12.423 -0.115  1.00 30.34 ? 194 LEU A CA  1 
ATOM   886  C  C   . LEU A 1 194 ? 10.771  -11.697 0.704   1.00 25.54 ? 194 LEU A C   1 
ATOM   887  O  O   . LEU A 1 194 ? 10.439  -10.985 1.647   1.00 30.52 ? 194 LEU A O   1 
ATOM   888  C  CB  . LEU A 1 194 ? 9.665   -13.905 0.246   1.00 25.49 ? 194 LEU A CB  1 
ATOM   889  C  CG  . LEU A 1 194 ? 9.483   -14.225 1.734   1.00 22.56 ? 194 LEU A CG  1 
ATOM   890  C  CD1 . LEU A 1 194 ? 8.157   -13.680 2.252   1.00 17.55 ? 194 LEU A CD1 1 
ATOM   891  C  CD2 . LEU A 1 194 ? 9.599   -15.704 2.004   1.00 16.71 ? 194 LEU A CD2 1 
ATOM   892  N  N   . GLU A 1 195 ? 12.033  -11.852 0.346   1.00 23.74 ? 195 GLU A N   1 
ATOM   893  C  CA  . GLU A 1 195 ? 13.107  -11.170 1.071   1.00 26.08 ? 195 GLU A CA  1 
ATOM   894  C  C   . GLU A 1 195 ? 12.932  -9.634  1.143   1.00 27.35 ? 195 GLU A C   1 
ATOM   895  O  O   . GLU A 1 195 ? 13.230  -9.006  2.169   1.00 22.93 ? 195 GLU A O   1 
ATOM   896  C  CB  . GLU A 1 195 ? 14.472  -11.550 0.485   1.00 25.47 ? 195 GLU A CB  1 
ATOM   897  C  CG  . GLU A 1 195 ? 15.654  -11.291 1.438   1.00 33.77 ? 195 GLU A CG  1 
ATOM   898  C  CD  . GLU A 1 195 ? 15.615  -12.151 2.704   1.00 37.70 ? 195 GLU A CD  1 
ATOM   899  O  OE1 . GLU A 1 195 ? 14.882  -13.181 2.741   1.00 36.28 ? 195 GLU A OE1 1 
ATOM   900  O  OE2 . GLU A 1 195 ? 16.321  -11.791 3.673   1.00 38.58 ? 195 GLU A OE2 1 
ATOM   901  N  N   . GLU A 1 196 ? 12.433  -9.033  0.067   1.00 26.73 ? 196 GLU A N   1 
ATOM   902  C  CA  . GLU A 1 196 ? 12.110  -7.609  0.089   1.00 27.29 ? 196 GLU A CA  1 
ATOM   903  C  C   . GLU A 1 196 ? 10.941  -7.314  1.039   1.00 26.55 ? 196 GLU A C   1 
ATOM   904  O  O   . GLU A 1 196 ? 10.967  -6.326  1.782   1.00 22.06 ? 196 GLU A O   1 
ATOM   905  C  CB  . GLU A 1 196 ? 11.792  -7.096  -1.320  1.00 33.92 ? 196 GLU A CB  1 
ATOM   906  C  CG  . GLU A 1 196 ? 12.991  -7.088  -2.277  1.00 44.34 ? 196 GLU A CG  1 
ATOM   907  C  CD  . GLU A 1 196 ? 12.583  -6.853  -3.739  1.00 53.73 ? 196 GLU A CD  1 
ATOM   908  O  OE1 . GLU A 1 196 ? 12.381  -7.843  -4.499  1.00 43.65 ? 196 GLU A OE1 1 
ATOM   909  O  OE2 . GLU A 1 196 ? 12.472  -5.664  -4.126  1.00 56.49 ? 196 GLU A OE2 1 
ATOM   910  N  N   . ALA A 1 197 ? 9.919   -8.170  1.022   1.00 24.54 ? 197 ALA A N   1 
ATOM   911  C  CA  . ALA A 1 197 ? 8.800   -8.006  1.946   1.00 21.89 ? 197 ALA A CA  1 
ATOM   912  C  C   . ALA A 1 197 ? 9.299   -7.965  3.382   1.00 22.48 ? 197 ALA A C   1 
ATOM   913  O  O   . ALA A 1 197 ? 8.857   -7.129  4.169   1.00 22.10 ? 197 ALA A O   1 
ATOM   914  C  CB  . ALA A 1 197 ? 7.770   -9.108  1.770   1.00 20.70 ? 197 ALA A CB  1 
ATOM   915  N  N   . LEU A 1 198 ? 10.242  -8.845  3.713   1.00 22.58 ? 198 LEU A N   1 
ATOM   916  C  CA  . LEU A 1 198 ? 10.759  -8.918  5.068   1.00 18.60 ? 198 LEU A CA  1 
ATOM   917  C  C   . LEU A 1 198 ? 11.590  -7.688  5.400   1.00 22.58 ? 198 LEU A C   1 
ATOM   918  O  O   . LEU A 1 198 ? 11.632  -7.261  6.551   1.00 21.81 ? 198 LEU A O   1 
ATOM   919  C  CB  . LEU A 1 198 ? 11.564  -10.189 5.287   1.00 17.13 ? 198 LEU A CB  1 
ATOM   920  C  CG  . LEU A 1 198 ? 10.802  -11.505 5.382   1.00 23.13 ? 198 LEU A CG  1 
ATOM   921  C  CD1 . LEU A 1 198 ? 11.758  -12.691 5.333   1.00 24.46 ? 198 LEU A CD1 1 
ATOM   922  C  CD2 . LEU A 1 198 ? 9.997   -11.550 6.660   1.00 19.80 ? 198 LEU A CD2 1 
ATOM   923  N  N   . GLU A 1 199 ? 12.241  -7.096  4.404   1.00 23.36 ? 199 GLU A N   1 
ATOM   924  C  CA  . GLU A 1 199 ? 13.027  -5.903  4.703   1.00 23.00 ? 199 GLU A CA  1 
ATOM   925  C  C   . GLU A 1 199 ? 12.125  -4.724  5.019   1.00 21.02 ? 199 GLU A C   1 
ATOM   926  O  O   . GLU A 1 199 ? 12.425  -3.933  5.908   1.00 22.20 ? 199 GLU A O   1 
ATOM   927  C  CB  . GLU A 1 199 ? 14.000  -5.564  3.583   1.00 28.06 ? 199 GLU A CB  1 
ATOM   928  C  CG  . GLU A 1 199 ? 15.003  -6.657  3.287   1.00 34.73 ? 199 GLU A CG  1 
ATOM   929  C  CD  . GLU A 1 199 ? 16.047  -6.216  2.266   1.00 44.97 ? 199 GLU A CD  1 
ATOM   930  O  OE1 . GLU A 1 199 ? 16.351  -5.002  2.229   1.00 46.77 ? 199 GLU A OE1 1 
ATOM   931  O  OE2 . GLU A 1 199 ? 16.552  -7.077  1.504   1.00 43.86 ? 199 GLU A OE2 1 
ATOM   932  N  N   . LEU A 1 200 ? 10.999  -4.628  4.310   1.00 23.37 ? 200 LEU A N   1 
ATOM   933  C  CA  . LEU A 1 200 ? 10.032  -3.573  4.581   1.00 19.20 ? 200 LEU A CA  1 
ATOM   934  C  C   . LEU A 1 200 ? 9.471   -3.741  5.970   1.00 20.82 ? 200 LEU A C   1 
ATOM   935  O  O   . LEU A 1 200 ? 9.277   -2.760  6.698   1.00 22.00 ? 200 LEU A O   1 
ATOM   936  C  CB  . LEU A 1 200 ? 8.899   -3.607  3.576   1.00 20.99 ? 200 LEU A CB  1 
ATOM   937  C  CG  . LEU A 1 200 ? 9.128   -2.821  2.295   1.00 21.95 ? 200 LEU A CG  1 
ATOM   938  C  CD1 . LEU A 1 200 ? 7.835   -2.789  1.528   1.00 26.88 ? 200 LEU A CD1 1 
ATOM   939  C  CD2 . LEU A 1 200 ? 9.588   -1.418  2.623   1.00 21.89 ? 200 LEU A CD2 1 
ATOM   940  N  N   . PHE A 1 201 ? 9.238   -4.996  6.335   1.00 16.25 ? 201 PHE A N   1 
ATOM   941  C  CA  . PHE A 1 201 ? 8.732   -5.337  7.660   1.00 19.83 ? 201 PHE A CA  1 
ATOM   942  C  C   . PHE A 1 201 ? 9.661   -4.836  8.767   1.00 21.25 ? 201 PHE A C   1 
ATOM   943  O  O   . PHE A 1 201 ? 9.202   -4.178  9.719   1.00 19.54 ? 201 PHE A O   1 
ATOM   944  C  CB  . PHE A 1 201 ? 8.551   -6.849  7.751   1.00 19.12 ? 201 PHE A CB  1 
ATOM   945  C  CG  . PHE A 1 201 ? 8.031   -7.312  9.061   1.00 17.93 ? 201 PHE A CG  1 
ATOM   946  C  CD1 . PHE A 1 201 ? 6.805   -6.888  9.517   1.00 19.72 ? 201 PHE A CD1 1 
ATOM   947  C  CD2 . PHE A 1 201 ? 8.765   -8.204  9.832   1.00 22.89 ? 201 PHE A CD2 1 
ATOM   948  C  CE1 . PHE A 1 201 ? 6.302   -7.338  10.740  1.00 21.62 ? 201 PHE A CE1 1 
ATOM   949  C  CE2 . PHE A 1 201 ? 8.275   -8.661  11.050  1.00 25.65 ? 201 PHE A CE2 1 
ATOM   950  C  CZ  . PHE A 1 201 ? 7.035   -8.227  11.504  1.00 22.70 ? 201 PHE A CZ  1 
ATOM   951  N  N   A GLU A 1 202 ? 10.952  -5.132  8.621   0.52 21.03 ? 202 GLU A N   1 
ATOM   952  N  N   B GLU A 1 202 ? 10.946  -5.132  8.686   0.48 21.14 ? 202 GLU A N   1 
ATOM   953  C  CA  A GLU A 1 202 ? 12.003  -4.662  9.522   0.52 23.21 ? 202 GLU A CA  1 
ATOM   954  C  CA  B GLU A 1 202 ? 11.845  -4.634  9.710   0.48 23.22 ? 202 GLU A CA  1 
ATOM   955  C  C   A GLU A 1 202 ? 11.937  -3.146  9.613   0.52 23.36 ? 202 GLU A C   1 
ATOM   956  C  C   B GLU A 1 202 ? 11.903  -3.097  9.650   0.48 23.34 ? 202 GLU A C   1 
ATOM   957  O  O   A GLU A 1 202 ? 11.977  -2.558  10.701  0.52 24.43 ? 202 GLU A O   1 
ATOM   958  O  O   B GLU A 1 202 ? 11.981  -2.440  10.691  0.48 24.39 ? 202 GLU A O   1 
ATOM   959  C  CB  A GLU A 1 202 ? 13.398  -5.074  9.018   0.52 23.18 ? 202 GLU A CB  1 
ATOM   960  C  CB  B GLU A 1 202 ? 13.226  -5.301  9.637   0.48 22.96 ? 202 GLU A CB  1 
ATOM   961  C  CG  A GLU A 1 202 ? 13.653  -6.580  8.939   0.52 24.12 ? 202 GLU A CG  1 
ATOM   962  C  CG  B GLU A 1 202 ? 13.202  -6.823  9.870   0.48 25.81 ? 202 GLU A CG  1 
ATOM   963  C  CD  A GLU A 1 202 ? 15.050  -6.950  8.412   0.52 26.28 ? 202 GLU A CD  1 
ATOM   964  C  CD  B GLU A 1 202 ? 12.847  -7.237  11.313  0.48 28.37 ? 202 GLU A CD  1 
ATOM   965  O  OE1 A GLU A 1 202 ? 15.506  -8.075  8.690   0.52 27.66 ? 202 GLU A OE1 1 
ATOM   966  O  OE1 B GLU A 1 202 ? 12.939  -6.395  12.229  0.48 23.09 ? 202 GLU A OE1 1 
ATOM   967  O  OE2 A GLU A 1 202 ? 15.686  -6.141  7.708   0.52 22.74 ? 202 GLU A OE2 1 
ATOM   968  O  OE2 B GLU A 1 202 ? 12.476  -8.415  11.528  0.48 28.15 ? 202 GLU A OE2 1 
ATOM   969  N  N   . GLU A 1 203 ? 11.822  -2.520  8.447   1.00 19.02 ? 203 GLU A N   1 
ATOM   970  C  CA  . GLU A 1 203 ? 11.821  -1.060  8.341   1.00 23.21 ? 203 GLU A CA  1 
ATOM   971  C  C   . GLU A 1 203 ? 10.626  -0.430  9.056   1.00 24.18 ? 203 GLU A C   1 
ATOM   972  O  O   . GLU A 1 203 ? 10.799  0.477   9.875   1.00 25.28 ? 203 GLU A O   1 
ATOM   973  C  CB  . GLU A 1 203 ? 11.906  -0.609  6.883   1.00 21.62 ? 203 GLU A CB  1 
ATOM   974  C  CG  . GLU A 1 203 ? 11.515  0.837   6.636   1.00 25.18 ? 203 GLU A CG  1 
ATOM   975  C  CD  . GLU A 1 203 ? 11.625  1.249   5.154   1.00 36.41 ? 203 GLU A CD  1 
ATOM   976  O  OE1 . GLU A 1 203 ? 12.421  0.631   4.395   1.00 30.82 ? 203 GLU A OE1 1 
ATOM   977  O  OE2 . GLU A 1 203 ? 10.906  2.196   4.749   1.00 34.65 ? 203 GLU A OE2 1 
HETATM 978  N  N   . MSE A 1 204 ? 9.424   -0.921  8.768   1.00 21.69 ? 204 MSE A N   1 
HETATM 979  C  CA  . MSE A 1 204 ? 8.223   -0.390  9.425   1.00 25.73 ? 204 MSE A CA  1 
HETATM 980  C  C   . MSE A 1 204 ? 8.280   -0.440  10.972  1.00 25.70 ? 204 MSE A C   1 
HETATM 981  O  O   . MSE A 1 204 ? 7.815   0.479   11.648  1.00 21.00 ? 204 MSE A O   1 
HETATM 982  C  CB  . MSE A 1 204 ? 6.953   -1.040  8.864   1.00 18.32 ? 204 MSE A CB  1 
HETATM 983  C  CG  . MSE A 1 204 ? 6.249   -1.991  9.786   1.00 25.60 ? 204 MSE A CG  1 
HETATM 984  SE SE  . MSE A 1 204 ? 4.948   -3.106  8.805   1.00 51.92 ? 204 MSE A SE  1 
HETATM 985  C  CE  . MSE A 1 204 ? 3.246   -2.338  9.450   1.00 24.56 ? 204 MSE A CE  1 
ATOM   986  N  N   . LYS A 1 205 ? 8.885   -1.487  11.522  1.00 23.67 ? 205 LYS A N   1 
ATOM   987  C  CA  . LYS A 1 205 ? 9.035   -1.567  12.964  1.00 20.06 ? 205 LYS A CA  1 
ATOM   988  C  C   . LYS A 1 205 ? 10.041  -0.556  13.483  1.00 22.64 ? 205 LYS A C   1 
ATOM   989  O  O   . LYS A 1 205 ? 9.867   -0.031  14.579  1.00 21.99 ? 205 LYS A O   1 
ATOM   990  C  CB  . LYS A 1 205 ? 9.384   -2.987  13.403  1.00 20.08 ? 205 LYS A CB  1 
ATOM   991  C  CG  . LYS A 1 205 ? 8.242   -3.971  13.146  1.00 19.80 ? 205 LYS A CG  1 
ATOM   992  C  CD  . LYS A 1 205 ? 8.509   -5.310  13.744  1.00 14.44 ? 205 LYS A CD  1 
ATOM   993  C  CE  . LYS A 1 205 ? 9.548   -6.079  12.963  1.00 21.09 ? 205 LYS A CE  1 
ATOM   994  N  NZ  . LYS A 1 205 ? 9.857   -7.360  13.658  1.00 25.67 ? 205 LYS A NZ  1 
ATOM   995  N  N   . GLU A 1 206 ? 11.082  -0.262  12.701  1.00 24.64 ? 206 GLU A N   1 
ATOM   996  C  CA  . GLU A 1 206 ? 12.057  0.752   13.112  1.00 25.12 ? 206 GLU A CA  1 
ATOM   997  C  C   . GLU A 1 206 ? 11.404  2.109   13.233  1.00 27.48 ? 206 GLU A C   1 
ATOM   998  O  O   . GLU A 1 206 ? 11.716  2.890   14.136  1.00 33.12 ? 206 GLU A O   1 
ATOM   999  C  CB  . GLU A 1 206 ? 13.218  0.861   12.129  1.00 23.32 ? 206 GLU A CB  1 
ATOM   1000 C  CG  . GLU A 1 206 ? 14.255  -0.221  12.262  1.00 27.52 ? 206 GLU A CG  1 
ATOM   1001 C  CD  . GLU A 1 206 ? 14.875  -0.295  13.654  1.00 32.30 ? 206 GLU A CD  1 
ATOM   1002 O  OE1 . GLU A 1 206 ? 14.797  0.695   14.428  1.00 34.40 ? 206 GLU A OE1 1 
ATOM   1003 O  OE2 . GLU A 1 206 ? 15.450  -1.357  13.972  1.00 29.79 ? 206 GLU A OE2 1 
ATOM   1004 N  N   . LYS A 1 207 ? 10.493  2.380   12.309  1.00 27.58 ? 207 LYS A N   1 
ATOM   1005 C  CA  . LYS A 1 207 ? 9.800   3.659   12.265  1.00 31.69 ? 207 LYS A CA  1 
ATOM   1006 C  C   . LYS A 1 207 ? 8.630   3.716   13.230  1.00 23.97 ? 207 LYS A C   1 
ATOM   1007 O  O   . LYS A 1 207 ? 7.977   4.734   13.342  1.00 32.52 ? 207 LYS A O   1 
ATOM   1008 C  CB  . LYS A 1 207 ? 9.329   3.965   10.837  1.00 29.71 ? 207 LYS A CB  1 
ATOM   1009 C  CG  . LYS A 1 207 ? 10.473  4.313   9.877   1.00 29.31 ? 207 LYS A CG  1 
ATOM   1010 C  CD  . LYS A 1 207 ? 9.997   4.352   8.436   1.00 29.83 ? 207 LYS A CD  1 
ATOM   1011 C  CE  . LYS A 1 207 ? 11.148  4.591   7.480   1.00 34.27 ? 207 LYS A CE  1 
ATOM   1012 N  NZ  . LYS A 1 207 ? 11.632  6.006   7.529   1.00 37.66 ? 207 LYS A NZ  1 
ATOM   1013 N  N   . GLY A 1 208 ? 8.365   2.619   13.924  1.00 29.11 ? 208 GLY A N   1 
ATOM   1014 C  CA  . GLY A 1 208 ? 7.256   2.558   14.860  1.00 22.74 ? 208 GLY A CA  1 
ATOM   1015 C  C   . GLY A 1 208 ? 5.864   2.417   14.262  1.00 27.04 ? 208 GLY A C   1 
ATOM   1016 O  O   . GLY A 1 208 ? 4.886   2.704   14.938  1.00 37.38 ? 208 GLY A O   1 
ATOM   1017 N  N   . ILE A 1 209 ? 5.748   1.992   13.007  1.00 27.70 ? 209 ILE A N   1 
ATOM   1018 C  CA  . ILE A 1 209 ? 4.433   1.625   12.470  1.00 32.63 ? 209 ILE A CA  1 
ATOM   1019 C  C   . ILE A 1 209 ? 4.103   0.214   12.970  1.00 29.58 ? 209 ILE A C   1 
ATOM   1020 O  O   . ILE A 1 209 ? 4.884   -0.711  12.762  1.00 34.34 ? 209 ILE A O   1 
ATOM   1021 C  CB  . ILE A 1 209 ? 4.405   1.595   10.918  1.00 31.62 ? 209 ILE A CB  1 
ATOM   1022 C  CG1 . ILE A 1 209 ? 5.029   2.852   10.318  1.00 26.12 ? 209 ILE A CG1 1 
ATOM   1023 C  CG2 . ILE A 1 209 ? 2.996   1.416   10.429  1.00 32.78 ? 209 ILE A CG2 1 
ATOM   1024 C  CD1 . ILE A 1 209 ? 4.578   4.107   10.968  1.00 33.84 ? 209 ILE A CD1 1 
ATOM   1025 N  N   . VAL A 1 210 ? 2.968   0.031   13.627  1.00 28.51 ? 210 VAL A N   1 
ATOM   1026 C  CA  . VAL A 1 210 ? 2.665   -1.280  14.204  1.00 27.77 ? 210 VAL A CA  1 
ATOM   1027 C  C   . VAL A 1 210 ? 2.034   -2.258  13.218  1.00 28.27 ? 210 VAL A C   1 
ATOM   1028 O  O   . VAL A 1 210 ? 0.973   -1.983  12.654  1.00 28.66 ? 210 VAL A O   1 
ATOM   1029 C  CB  . VAL A 1 210 ? 1.720   -1.181  15.395  1.00 27.43 ? 210 VAL A CB  1 
ATOM   1030 C  CG1 . VAL A 1 210 ? 1.566   -2.545  16.010  1.00 30.15 ? 210 VAL A CG1 1 
ATOM   1031 C  CG2 . VAL A 1 210 ? 2.249   -0.198  16.404  1.00 31.38 ? 210 VAL A CG2 1 
ATOM   1032 N  N   . PRO A 1 211 ? 2.676   -3.418  13.020  1.00 27.96 ? 211 PRO A N   1 
ATOM   1033 C  CA  . PRO A 1 211 ? 2.150   -4.468  12.146  1.00 29.69 ? 211 PRO A CA  1 
ATOM   1034 C  C   . PRO A 1 211 ? 0.858   -5.055  12.702  1.00 29.54 ? 211 PRO A C   1 
ATOM   1035 O  O   . PRO A 1 211 ? 0.646   -5.072  13.916  1.00 31.06 ? 211 PRO A O   1 
ATOM   1036 C  CB  . PRO A 1 211 ? 3.252   -5.526  12.178  1.00 27.52 ? 211 PRO A CB  1 
ATOM   1037 C  CG  . PRO A 1 211 ? 4.460   -4.796  12.600  1.00 25.56 ? 211 PRO A CG  1 
ATOM   1038 C  CD  . PRO A 1 211 ? 3.992   -3.778  13.559  1.00 25.60 ? 211 PRO A CD  1 
ATOM   1039 N  N   . ASN A 1 212 ? 0.005   -5.533  11.807  1.00 26.39 ? 212 ASN A N   1 
ATOM   1040 C  CA  . ASN A 1 212 ? -1.255  -6.127  12.197  1.00 24.69 ? 212 ASN A CA  1 
ATOM   1041 C  C   . ASN A 1 212 ? -1.367  -7.513  11.592  1.00 26.43 ? 212 ASN A C   1 
ATOM   1042 O  O   . ASN A 1 212 ? -0.458  -7.950  10.890  1.00 31.04 ? 212 ASN A O   1 
ATOM   1043 C  CB  . ASN A 1 212 ? -2.404  -5.236  11.747  1.00 28.34 ? 212 ASN A CB  1 
ATOM   1044 C  CG  . ASN A 1 212 ? -2.369  -4.943  10.264  1.00 33.03 ? 212 ASN A CG  1 
ATOM   1045 O  OD1 . ASN A 1 212 ? -1.856  -5.731  9.454   1.00 32.21 ? 212 ASN A OD1 1 
ATOM   1046 N  ND2 . ASN A 1 212 ? -2.927  -3.802  9.892   1.00 35.10 ? 212 ASN A ND2 1 
ATOM   1047 N  N   . VAL A 1 213 ? -2.472  -8.202  11.841  1.00 22.65 ? 213 VAL A N   1 
ATOM   1048 C  CA  . VAL A 1 213 ? -2.563  -9.608  11.462  1.00 22.74 ? 213 VAL A CA  1 
ATOM   1049 C  C   . VAL A 1 213 ? -2.378  -9.860  9.958   1.00 24.95 ? 213 VAL A C   1 
ATOM   1050 O  O   . VAL A 1 213 ? -1.790  -10.868 9.569   1.00 29.03 ? 213 VAL A O   1 
ATOM   1051 C  CB  . VAL A 1 213 ? -3.872  -10.257 11.999  1.00 26.69 ? 213 VAL A CB  1 
ATOM   1052 C  CG1 . VAL A 1 213 ? -5.025  -9.305  11.843  1.00 26.65 ? 213 VAL A CG1 1 
ATOM   1053 C  CG2 . VAL A 1 213 ? -4.167  -11.588 11.307  1.00 24.43 ? 213 VAL A CG2 1 
ATOM   1054 N  N   . VAL A 1 214 ? -2.847  -8.954  9.108   1.00 23.47 ? 214 VAL A N   1 
ATOM   1055 C  CA  . VAL A 1 214 ? -2.623  -9.118  7.666   1.00 27.52 ? 214 VAL A CA  1 
ATOM   1056 C  C   . VAL A 1 214 ? -1.120  -9.154  7.298   1.00 25.85 ? 214 VAL A C   1 
ATOM   1057 O  O   . VAL A 1 214 ? -0.669  -9.969  6.482   1.00 22.78 ? 214 VAL A O   1 
ATOM   1058 C  CB  . VAL A 1 214 ? -3.336  -8.020  6.844   1.00 22.60 ? 214 VAL A CB  1 
ATOM   1059 C  CG1 . VAL A 1 214 ? -2.602  -7.741  5.537   1.00 21.80 ? 214 VAL A CG1 1 
ATOM   1060 C  CG2 . VAL A 1 214 ? -4.721  -8.436  6.565   1.00 15.26 ? 214 VAL A CG2 1 
ATOM   1061 N  N   . THR A 1 215 ? -0.346  -8.270  7.904   1.00 21.65 ? 215 THR A N   1 
ATOM   1062 C  CA  . THR A 1 215 ? 1.077   -8.284  7.673   1.00 22.01 ? 215 THR A CA  1 
ATOM   1063 C  C   . THR A 1 215 ? 1.680   -9.617  8.111   1.00 25.15 ? 215 THR A C   1 
ATOM   1064 O  O   . THR A 1 215 ? 2.320   -10.307 7.310   1.00 24.10 ? 215 THR A O   1 
ATOM   1065 C  CB  . THR A 1 215 ? 1.759   -7.110  8.386   1.00 27.46 ? 215 THR A CB  1 
ATOM   1066 O  OG1 . THR A 1 215 ? 1.016   -5.911  8.119   1.00 28.49 ? 215 THR A OG1 1 
ATOM   1067 C  CG2 . THR A 1 215 ? 3.206   -6.942  7.890   1.00 19.73 ? 215 THR A CG2 1 
ATOM   1068 N  N   . TYR A 1 216 ? 1.463   -9.992  9.371   1.00 22.08 ? 216 TYR A N   1 
ATOM   1069 C  CA  . TYR A 1 216 ? 2.019   -11.242 9.868   1.00 19.89 ? 216 TYR A CA  1 
ATOM   1070 C  C   . TYR A 1 216 ? 1.573   -12.449 9.054   1.00 20.72 ? 216 TYR A C   1 
ATOM   1071 O  O   . TYR A 1 216 ? 2.370   -13.343 8.785   1.00 24.96 ? 216 TYR A O   1 
ATOM   1072 C  CB  . TYR A 1 216 ? 1.693   -11.449 11.339  1.00 20.93 ? 216 TYR A CB  1 
ATOM   1073 C  CG  . TYR A 1 216 ? 2.604   -10.703 12.253  1.00 19.03 ? 216 TYR A CG  1 
ATOM   1074 C  CD1 . TYR A 1 216 ? 3.876   -11.164 12.517  1.00 16.30 ? 216 TYR A CD1 1 
ATOM   1075 C  CD2 . TYR A 1 216 ? 2.200   -9.523  12.841  1.00 24.79 ? 216 TYR A CD2 1 
ATOM   1076 C  CE1 . TYR A 1 216 ? 4.715   -10.470 13.352  1.00 16.86 ? 216 TYR A CE1 1 
ATOM   1077 C  CE2 . TYR A 1 216 ? 3.031   -8.824  13.680  1.00 20.85 ? 216 TYR A CE2 1 
ATOM   1078 C  CZ  . TYR A 1 216 ? 4.282   -9.301  13.932  1.00 19.80 ? 216 TYR A CZ  1 
ATOM   1079 O  OH  . TYR A 1 216 ? 5.102   -8.589  14.777  1.00 29.06 ? 216 TYR A OH  1 
ATOM   1080 N  N   . ASN A 1 217 ? 0.304   -12.474 8.667   1.00 19.40 ? 217 ASN A N   1 
ATOM   1081 C  CA  . ASN A 1 217 ? -0.203  -13.524 7.802   1.00 19.35 ? 217 ASN A CA  1 
ATOM   1082 C  C   . ASN A 1 217 ? 0.548   -13.622 6.485   1.00 19.20 ? 217 ASN A C   1 
ATOM   1083 O  O   . ASN A 1 217 ? 0.947   -14.714 6.080   1.00 21.68 ? 217 ASN A O   1 
ATOM   1084 C  CB  . ASN A 1 217 ? -1.699  -13.340 7.540   1.00 20.37 ? 217 ASN A CB  1 
ATOM   1085 C  CG  . ASN A 1 217 ? -2.548  -13.884 8.663   1.00 34.69 ? 217 ASN A CG  1 
ATOM   1086 O  OD1 . ASN A 1 217 ? -2.018  -14.394 9.652   1.00 43.10 ? 217 ASN A OD1 1 
ATOM   1087 N  ND2 . ASN A 1 217 ? -3.873  -13.774 8.531   1.00 41.61 ? 217 ASN A ND2 1 
ATOM   1088 N  N   . THR A 1 218 ? 0.733   -12.488 5.815   1.00 19.00 ? 218 THR A N   1 
ATOM   1089 C  CA  . THR A 1 218 ? 1.413   -12.470 4.523   1.00 20.42 ? 218 THR A CA  1 
ATOM   1090 C  C   . THR A 1 218 ? 2.814   -13.055 4.639   1.00 21.02 ? 218 THR A C   1 
ATOM   1091 O  O   . THR A 1 218 ? 3.190   -13.925 3.858   1.00 18.25 ? 218 THR A O   1 
ATOM   1092 C  CB  . THR A 1 218 ? 1.521   -11.046 3.956   1.00 22.09 ? 218 THR A CB  1 
ATOM   1093 O  OG1 . THR A 1 218 ? 0.216   -10.541 3.694   1.00 34.58 ? 218 THR A OG1 1 
ATOM   1094 C  CG2 . THR A 1 218 ? 2.309   -11.026 2.664   1.00 25.18 ? 218 THR A CG2 1 
ATOM   1095 N  N   . LEU A 1 219 ? 3.568   -12.579 5.629   1.00 19.66 ? 219 LEU A N   1 
ATOM   1096 C  CA  . LEU A 1 219 ? 4.942   -13.009 5.811   1.00 18.70 ? 219 LEU A CA  1 
ATOM   1097 C  C   . LEU A 1 219 ? 4.997   -14.475 6.197   1.00 21.05 ? 219 LEU A C   1 
ATOM   1098 O  O   . LEU A 1 219 ? 5.840   -15.235 5.689   1.00 18.76 ? 219 LEU A O   1 
ATOM   1099 C  CB  . LEU A 1 219 ? 5.620   -12.165 6.878   1.00 16.58 ? 219 LEU A CB  1 
ATOM   1100 C  CG  . LEU A 1 219 ? 5.758   -10.688 6.514   1.00 23.53 ? 219 LEU A CG  1 
ATOM   1101 C  CD1 . LEU A 1 219 ? 6.249   -9.907  7.733   1.00 17.54 ? 219 LEU A CD1 1 
ATOM   1102 C  CD2 . LEU A 1 219 ? 6.676   -10.459 5.265   1.00 17.76 ? 219 LEU A CD2 1 
ATOM   1103 N  N   . ILE A 1 220 ? 4.105   -14.880 7.098   1.00 17.90 ? 220 ILE A N   1 
ATOM   1104 C  CA  . ILE A 1 220 ? 4.152   -16.249 7.598   1.00 21.58 ? 220 ILE A CA  1 
ATOM   1105 C  C   . ILE A 1 220 ? 3.755   -17.236 6.494   1.00 21.71 ? 220 ILE A C   1 
ATOM   1106 O  O   . ILE A 1 220 ? 4.360   -18.301 6.319   1.00 19.65 ? 220 ILE A O   1 
ATOM   1107 C  CB  . ILE A 1 220 ? 3.311   -16.410 8.859   1.00 19.96 ? 220 ILE A CB  1 
ATOM   1108 C  CG1 . ILE A 1 220 ? 4.016   -15.710 10.030  1.00 16.48 ? 220 ILE A CG1 1 
ATOM   1109 C  CG2 . ILE A 1 220 ? 3.057   -17.891 9.141   1.00 16.31 ? 220 ILE A CG2 1 
ATOM   1110 C  CD1 . ILE A 1 220 ? 3.237   -15.754 11.339  1.00 16.95 ? 220 ILE A CD1 1 
ATOM   1111 N  N   . SER A 1 221 ? 2.772   -16.840 5.707   1.00 19.21 ? 221 SER A N   1 
ATOM   1112 C  CA  . SER A 1 221 ? 2.403   -17.626 4.555   1.00 21.22 ? 221 SER A CA  1 
ATOM   1113 C  C   . SER A 1 221 ? 3.571   -17.744 3.577   1.00 21.29 ? 221 SER A C   1 
ATOM   1114 O  O   . SER A 1 221 ? 3.943   -18.839 3.192   1.00 26.00 ? 221 SER A O   1 
ATOM   1115 C  CB  . SER A 1 221 ? 1.185   -17.015 3.877   1.00 19.90 ? 221 SER A CB  1 
ATOM   1116 O  OG  . SER A 1 221 ? 1.073   -17.518 2.561   1.00 35.97 ? 221 SER A OG  1 
ATOM   1117 N  N   . GLY A 1 222 ? 4.157   -16.614 3.194   1.00 19.47 ? 222 GLY A N   1 
ATOM   1118 C  CA  . GLY A 1 222 ? 5.289   -16.607 2.284   1.00 16.64 ? 222 GLY A CA  1 
ATOM   1119 C  C   . GLY A 1 222 ? 6.455   -17.440 2.775   1.00 21.88 ? 222 GLY A C   1 
ATOM   1120 O  O   . GLY A 1 222 ? 6.995   -18.249 2.026   1.00 25.36 ? 222 GLY A O   1 
ATOM   1121 N  N   . LEU A 1 223 ? 6.837   -17.249 4.037   1.00 23.34 ? 223 LEU A N   1 
ATOM   1122 C  CA  . LEU A 1 223 ? 7.889   -18.055 4.663   1.00 22.76 ? 223 LEU A CA  1 
ATOM   1123 C  C   . LEU A 1 223 ? 7.564   -19.557 4.693   1.00 26.63 ? 223 LEU A C   1 
ATOM   1124 O  O   . LEU A 1 223 ? 8.447   -20.397 4.466   1.00 25.67 ? 223 LEU A O   1 
ATOM   1125 C  CB  . LEU A 1 223 ? 8.152   -17.557 6.084   1.00 20.88 ? 223 LEU A CB  1 
ATOM   1126 C  CG  . LEU A 1 223 ? 8.953   -16.260 6.166   1.00 23.33 ? 223 LEU A CG  1 
ATOM   1127 C  CD1 . LEU A 1 223 ? 8.911   -15.723 7.582   1.00 18.71 ? 223 LEU A CD1 1 
ATOM   1128 C  CD2 . LEU A 1 223 ? 10.404  -16.478 5.683   1.00 20.52 ? 223 LEU A CD2 1 
ATOM   1129 N  N   . GLY A 1 224 ? 6.307   -19.890 4.978   1.00 20.24 ? 224 GLY A N   1 
ATOM   1130 C  CA  . GLY A 1 224 ? 5.910   -21.285 5.070   1.00 26.25 ? 224 GLY A CA  1 
ATOM   1131 C  C   . GLY A 1 224 ? 5.926   -22.008 3.733   1.00 27.48 ? 224 GLY A C   1 
ATOM   1132 O  O   . GLY A 1 224 ? 6.292   -23.178 3.626   1.00 25.30 ? 224 GLY A O   1 
ATOM   1133 N  N   . LYS A 1 225 ? 5.529   -21.283 2.702   1.00 30.57 ? 225 LYS A N   1 
ATOM   1134 C  CA  . LYS A 1 225 ? 5.436   -21.821 1.362   1.00 31.66 ? 225 LYS A CA  1 
ATOM   1135 C  C   . LYS A 1 225 ? 6.850   -22.084 0.848   1.00 38.35 ? 225 LYS A C   1 
ATOM   1136 O  O   . LYS A 1 225 ? 7.044   -22.859 -0.090  1.00 45.60 ? 225 LYS A O   1 
ATOM   1137 C  CB  . LYS A 1 225 ? 4.731   -20.795 0.472   1.00 31.99 ? 225 LYS A CB  1 
ATOM   1138 C  CG  . LYS A 1 225 ? 3.474   -21.275 -0.216  1.00 45.15 ? 225 LYS A CG  1 
ATOM   1139 C  CD  . LYS A 1 225 ? 3.805   -21.830 -1.614  1.00 65.60 ? 225 LYS A CD  1 
ATOM   1140 C  CE  . LYS A 1 225 ? 4.633   -20.833 -2.453  1.00 58.71 ? 225 LYS A CE  1 
ATOM   1141 N  NZ  . LYS A 1 225 ? 5.518   -21.530 -3.449  1.00 55.67 ? 225 LYS A NZ  1 
ATOM   1142 N  N   . ALA A 1 226 ? 7.839   -21.439 1.463   1.00 30.49 ? 226 ALA A N   1 
ATOM   1143 C  CA  . ALA A 1 226 ? 9.211   -21.505 0.960   1.00 27.87 ? 226 ALA A CA  1 
ATOM   1144 C  C   . ALA A 1 226 ? 10.104  -22.389 1.810   1.00 29.90 ? 226 ALA A C   1 
ATOM   1145 O  O   . ALA A 1 226 ? 11.330  -22.333 1.688   1.00 31.52 ? 226 ALA A O   1 
ATOM   1146 C  CB  . ALA A 1 226 ? 9.814   -20.115 0.850   1.00 21.58 ? 226 ALA A CB  1 
ATOM   1147 N  N   . GLY A 1 227 ? 9.506   -23.185 2.688   1.00 22.16 ? 227 GLY A N   1 
ATOM   1148 C  CA  . GLY A 1 227 ? 10.294  -24.091 3.497   1.00 18.48 ? 227 GLY A CA  1 
ATOM   1149 C  C   . GLY A 1 227 ? 10.875  -23.466 4.746   1.00 22.21 ? 227 GLY A C   1 
ATOM   1150 O  O   . GLY A 1 227 ? 11.360  -24.177 5.629   1.00 31.32 ? 227 GLY A O   1 
ATOM   1151 N  N   . ARG A 1 228 ? 10.794  -22.146 4.848   1.00 20.31 ? 228 ARG A N   1 
ATOM   1152 C  CA  . ARG A 1 228 ? 11.488  -21.417 5.903   1.00 20.44 ? 228 ARG A CA  1 
ATOM   1153 C  C   . ARG A 1 228 ? 10.722  -21.425 7.219   1.00 20.19 ? 228 ARG A C   1 
ATOM   1154 O  O   . ARG A 1 228 ? 10.337  -20.396 7.750   1.00 22.69 ? 228 ARG A O   1 
ATOM   1155 C  CB  . ARG A 1 228 ? 11.812  -20.004 5.415   1.00 20.33 ? 228 ARG A CB  1 
ATOM   1156 C  CG  . ARG A 1 228 ? 12.578  -20.041 4.079   1.00 21.65 ? 228 ARG A CG  1 
ATOM   1157 C  CD  . ARG A 1 228 ? 12.828  -18.675 3.433   1.00 17.81 ? 228 ARG A CD  1 
ATOM   1158 N  NE  . ARG A 1 228 ? 13.484  -17.753 4.348   1.00 18.86 ? 228 ARG A NE  1 
ATOM   1159 C  CZ  . ARG A 1 228 ? 13.679  -16.470 4.085   1.00 20.02 ? 228 ARG A CZ  1 
ATOM   1160 N  NH1 . ARG A 1 228 ? 13.291  -15.966 2.921   1.00 22.56 ? 228 ARG A NH1 1 
ATOM   1161 N  NH2 . ARG A 1 228 ? 14.252  -15.695 4.987   1.00 21.38 ? 228 ARG A NH2 1 
ATOM   1162 N  N   . LEU A 1 229 ? 10.532  -22.617 7.756   1.00 20.80 ? 229 LEU A N   1 
ATOM   1163 C  CA  . LEU A 1 229 ? 9.645   -22.820 8.887   1.00 23.73 ? 229 LEU A CA  1 
ATOM   1164 C  C   . LEU A 1 229 ? 10.113  -22.195 10.196  1.00 23.92 ? 229 LEU A C   1 
ATOM   1165 O  O   . LEU A 1 229 ? 9.300   -21.776 11.027  1.00 26.83 ? 229 LEU A O   1 
ATOM   1166 C  CB  . LEU A 1 229 ? 9.493   -24.305 9.124   1.00 25.29 ? 229 LEU A CB  1 
ATOM   1167 C  CG  . LEU A 1 229 ? 8.185   -24.986 8.820   1.00 27.59 ? 229 LEU A CG  1 
ATOM   1168 C  CD1 . LEU A 1 229 ? 8.265   -26.291 9.560   1.00 36.66 ? 229 LEU A CD1 1 
ATOM   1169 C  CD2 . LEU A 1 229 ? 7.035   -24.154 9.306   1.00 26.93 ? 229 LEU A CD2 1 
ATOM   1170 N  N   A GLU A 1 230 ? 11.417  -22.154 10.430  0.57 20.74 ? 230 GLU A N   1 
ATOM   1171 N  N   B GLU A 1 230 ? 11.426  -22.147 10.340  0.43 20.53 ? 230 GLU A N   1 
ATOM   1172 C  CA  A GLU A 1 230 ? 11.885  -21.598 11.697  0.57 22.71 ? 230 GLU A CA  1 
ATOM   1173 C  CA  B GLU A 1 230 ? 12.068  -21.635 11.529  0.43 22.86 ? 230 GLU A CA  1 
ATOM   1174 C  C   A GLU A 1 230 ? 11.658  -20.087 11.767  0.57 22.11 ? 230 GLU A C   1 
ATOM   1175 C  C   B GLU A 1 230 ? 11.711  -20.162 11.726  0.43 22.06 ? 230 GLU A C   1 
ATOM   1176 O  O   A GLU A 1 230 ? 11.350  -19.548 12.828  0.57 22.19 ? 230 GLU A O   1 
ATOM   1177 O  O   B GLU A 1 230 ? 11.373  -19.735 12.830  0.43 22.21 ? 230 GLU A O   1 
ATOM   1178 C  CB  A GLU A 1 230 ? 13.352  -21.965 11.990  0.57 22.05 ? 230 GLU A CB  1 
ATOM   1179 C  CB  B GLU A 1 230 ? 13.579  -21.804 11.368  0.43 22.93 ? 230 GLU A CB  1 
ATOM   1180 C  CG  A GLU A 1 230 ? 13.622  -23.455 12.197  0.57 22.12 ? 230 GLU A CG  1 
ATOM   1181 C  CG  B GLU A 1 230 ? 14.327  -21.991 12.634  0.43 21.44 ? 230 GLU A CG  1 
ATOM   1182 C  CD  A GLU A 1 230 ? 12.642  -24.134 13.150  0.57 23.70 ? 230 GLU A CD  1 
ATOM   1183 C  CD  B GLU A 1 230 ? 14.396  -20.720 13.421  0.43 25.81 ? 230 GLU A CD  1 
ATOM   1184 O  OE1 A GLU A 1 230 ? 12.461  -23.657 14.291  0.57 23.32 ? 230 GLU A OE1 1 
ATOM   1185 O  OE1 B GLU A 1 230 ? 15.067  -19.766 12.969  0.43 23.00 ? 230 GLU A OE1 1 
ATOM   1186 O  OE2 A GLU A 1 230 ? 12.047  -25.153 12.745  0.57 18.32 ? 230 GLU A OE2 1 
ATOM   1187 O  OE2 B GLU A 1 230 ? 13.752  -20.669 14.487  0.43 27.06 ? 230 GLU A OE2 1 
ATOM   1188 N  N   . GLU A 1 231 ? 11.780  -19.394 10.636  1.00 17.29 ? 231 GLU A N   1 
ATOM   1189 C  CA  . GLU A 1 231 ? 11.500  -17.974 10.660  1.00 18.80 ? 231 GLU A CA  1 
ATOM   1190 C  C   . GLU A 1 231 ? 10.000  -17.725 10.786  1.00 19.09 ? 231 GLU A C   1 
ATOM   1191 O  O   . GLU A 1 231 ? 9.567   -16.863 11.551  1.00 18.72 ? 231 GLU A O   1 
ATOM   1192 C  CB  . GLU A 1 231 ? 12.051  -17.287 9.418   1.00 20.54 ? 231 GLU A CB  1 
ATOM   1193 C  CG  . GLU A 1 231 ? 12.247  -15.811 9.610   1.00 20.12 ? 231 GLU A CG  1 
ATOM   1194 C  CD  . GLU A 1 231 ? 13.147  -15.184 8.560   1.00 29.96 ? 231 GLU A CD  1 
ATOM   1195 O  OE1 . GLU A 1 231 ? 13.786  -15.918 7.770   1.00 30.73 ? 231 GLU A OE1 1 
ATOM   1196 O  OE2 . GLU A 1 231 ? 13.219  -13.939 8.525   1.00 33.32 ? 231 GLU A OE2 1 
ATOM   1197 N  N   . ALA A 1 232 ? 9.211   -18.486 10.036  1.00 16.77 ? 232 ALA A N   1 
ATOM   1198 C  CA  . ALA A 1 232 ? 7.767   -18.482 10.217  1.00 18.02 ? 232 ALA A CA  1 
ATOM   1199 C  C   . ALA A 1 232 ? 7.385   -18.617 11.695  1.00 19.83 ? 232 ALA A C   1 
ATOM   1200 O  O   . ALA A 1 232 ? 6.591   -17.820 12.207  1.00 18.55 ? 232 ALA A O   1 
ATOM   1201 C  CB  . ALA A 1 232 ? 7.117   -19.584 9.393   1.00 17.92 ? 232 ALA A CB  1 
ATOM   1202 N  N   . LEU A 1 233 ? 7.957   -19.603 12.384  1.00 15.37 ? 233 LEU A N   1 
ATOM   1203 C  CA  . LEU A 1 233 ? 7.686   -19.768 13.800  1.00 13.63 ? 233 LEU A CA  1 
ATOM   1204 C  C   . LEU A 1 233 ? 8.187   -18.587 14.638  1.00 18.43 ? 233 LEU A C   1 
ATOM   1205 O  O   . LEU A 1 233 ? 7.542   -18.201 15.611  1.00 21.94 ? 233 LEU A O   1 
ATOM   1206 C  CB  . LEU A 1 233 ? 8.233   -21.098 14.317  1.00 17.21 ? 233 LEU A CB  1 
ATOM   1207 C  CG  . LEU A 1 233 ? 7.525   -22.349 13.775  1.00 20.70 ? 233 LEU A CG  1 
ATOM   1208 C  CD1 . LEU A 1 233 ? 8.219   -23.603 14.226  1.00 21.24 ? 233 LEU A CD1 1 
ATOM   1209 C  CD2 . LEU A 1 233 ? 6.081   -22.402 14.188  1.00 14.75 ? 233 LEU A CD2 1 
ATOM   1210 N  N   . GLU A 1 234 ? 9.315   -17.986 14.271  1.00 20.57 ? 234 GLU A N   1 
ATOM   1211 C  CA  . GLU A 1 234 ? 9.760   -16.794 15.004  1.00 21.41 ? 234 GLU A CA  1 
ATOM   1212 C  C   . GLU A 1 234 ? 8.708   -15.696 14.899  1.00 20.96 ? 234 GLU A C   1 
ATOM   1213 O  O   . GLU A 1 234 ? 8.334   -15.075 15.905  1.00 21.21 ? 234 GLU A O   1 
ATOM   1214 C  CB  . GLU A 1 234 ? 11.114  -16.271 14.513  1.00 20.85 ? 234 GLU A CB  1 
ATOM   1215 C  CG  . GLU A 1 234 ? 12.314  -17.122 14.901  1.00 26.18 ? 234 GLU A CG  1 
ATOM   1216 C  CD  . GLU A 1 234 ? 13.631  -16.688 14.211  1.00 39.08 ? 234 GLU A CD  1 
ATOM   1217 O  OE1 . GLU A 1 234 ? 13.668  -15.629 13.526  1.00 37.27 ? 234 GLU A OE1 1 
ATOM   1218 O  OE2 . GLU A 1 234 ? 14.641  -17.416 14.367  1.00 39.14 ? 234 GLU A OE2 1 
ATOM   1219 N  N   . LEU A 1 235 ? 8.216   -15.476 13.682  1.00 15.28 ? 235 LEU A N   1 
ATOM   1220 C  CA  . LEU A 1 235 ? 7.228   -14.441 13.457  1.00 16.40 ? 235 LEU A CA  1 
ATOM   1221 C  C   . LEU A 1 235 ? 5.936   -14.735 14.209  1.00 21.05 ? 235 LEU A C   1 
ATOM   1222 O  O   . LEU A 1 235 ? 5.310   -13.839 14.776  1.00 20.51 ? 235 LEU A O   1 
ATOM   1223 C  CB  . LEU A 1 235 ? 6.974   -14.277 11.966  1.00 16.16 ? 235 LEU A CB  1 
ATOM   1224 C  CG  . LEU A 1 235 ? 7.629   -13.051 11.317  1.00 16.75 ? 235 LEU A CG  1 
ATOM   1225 C  CD1 . LEU A 1 235 ? 8.724   -12.456 12.163  1.00 21.76 ? 235 LEU A CD1 1 
ATOM   1226 C  CD2 . LEU A 1 235 ? 8.208   -13.446 10.035  1.00 15.70 ? 235 LEU A CD2 1 
ATOM   1227 N  N   . PHE A 1 236 ? 5.554   -16.007 14.215  1.00 22.00 ? 236 PHE A N   1 
ATOM   1228 C  CA  . PHE A 1 236 ? 4.392   -16.469 14.943  1.00 19.34 ? 236 PHE A CA  1 
ATOM   1229 C  C   . PHE A 1 236 ? 4.546   -16.146 16.425  1.00 21.99 ? 236 PHE A C   1 
ATOM   1230 O  O   . PHE A 1 236 ? 3.623   -15.598 17.048  1.00 21.92 ? 236 PHE A O   1 
ATOM   1231 C  CB  . PHE A 1 236 ? 4.218   -17.974 14.733  1.00 22.19 ? 236 PHE A CB  1 
ATOM   1232 C  CG  . PHE A 1 236 ? 3.035   -18.558 15.443  1.00 20.72 ? 236 PHE A CG  1 
ATOM   1233 C  CD1 . PHE A 1 236 ? 1.754   -18.114 15.166  1.00 21.05 ? 236 PHE A CD1 1 
ATOM   1234 C  CD2 . PHE A 1 236 ? 3.203   -19.565 16.378  1.00 21.38 ? 236 PHE A CD2 1 
ATOM   1235 C  CE1 . PHE A 1 236 ? 0.646   -18.664 15.817  1.00 28.06 ? 236 PHE A CE1 1 
ATOM   1236 C  CE2 . PHE A 1 236 ? 2.108   -20.125 17.024  1.00 26.85 ? 236 PHE A CE2 1 
ATOM   1237 C  CZ  . PHE A 1 236 ? 0.822   -19.670 16.745  1.00 26.35 ? 236 PHE A CZ  1 
ATOM   1238 N  N   A GLU A 1 237 ? 5.702   -16.463 16.991  0.54 20.04 ? 237 GLU A N   1 
ATOM   1239 N  N   B GLU A 1 237 ? 5.693   -16.472 16.996  0.46 20.00 ? 237 GLU A N   1 
ATOM   1240 C  CA  A GLU A 1 237 ? 5.929   -16.169 18.400  0.54 21.64 ? 237 GLU A CA  1 
ATOM   1241 C  CA  B GLU A 1 237 ? 5.893   -16.176 18.405  0.46 21.69 ? 237 GLU A CA  1 
ATOM   1242 C  C   A GLU A 1 237 ? 5.846   -14.666 18.628  0.54 24.63 ? 237 GLU A C   1 
ATOM   1243 C  C   B GLU A 1 237 ? 5.865   -14.665 18.644  0.46 24.63 ? 237 GLU A C   1 
ATOM   1244 O  O   A GLU A 1 237 ? 5.192   -14.210 19.573  0.54 26.17 ? 237 GLU A O   1 
ATOM   1245 O  O   B GLU A 1 237 ? 5.247   -14.200 19.606  0.46 26.16 ? 237 GLU A O   1 
ATOM   1246 C  CB  A GLU A 1 237 ? 7.277   -16.713 18.864  0.54 21.97 ? 237 GLU A CB  1 
ATOM   1247 C  CB  B GLU A 1 237 ? 7.167   -16.833 18.936  0.46 21.96 ? 237 GLU A CB  1 
ATOM   1248 C  CG  A GLU A 1 237 ? 7.307   -17.148 20.319  0.54 24.99 ? 237 GLU A CG  1 
ATOM   1249 C  CG  B GLU A 1 237 ? 7.128   -18.369 18.895  0.46 24.65 ? 237 GLU A CG  1 
ATOM   1250 C  CD  A GLU A 1 237 ? 7.904   -16.111 21.238  0.54 32.63 ? 237 GLU A CD  1 
ATOM   1251 C  CD  B GLU A 1 237 ? 5.995   -18.960 19.737  0.46 30.35 ? 237 GLU A CD  1 
ATOM   1252 O  OE1 A GLU A 1 237 ? 9.097   -15.768 21.055  0.54 31.09 ? 237 GLU A OE1 1 
ATOM   1253 O  OE1 B GLU A 1 237 ? 5.730   -18.436 20.843  0.46 28.09 ? 237 GLU A OE1 1 
ATOM   1254 O  OE2 A GLU A 1 237 ? 7.174   -15.651 22.146  0.54 34.48 ? 237 GLU A OE2 1 
ATOM   1255 O  OE2 B GLU A 1 237 ? 5.367   -19.943 19.290  0.46 28.17 ? 237 GLU A OE2 1 
ATOM   1256 N  N   . GLU A 1 238 ? 6.480   -13.909 17.746  1.00 21.81 ? 238 GLU A N   1 
ATOM   1257 C  CA  . GLU A 1 238 ? 6.502   -12.448 17.844  1.00 18.28 ? 238 GLU A CA  1 
ATOM   1258 C  C   . GLU A 1 238 ? 5.111   -11.803 17.862  1.00 23.42 ? 238 GLU A C   1 
ATOM   1259 O  O   . GLU A 1 238 ? 4.825   -10.954 18.711  1.00 21.21 ? 238 GLU A O   1 
ATOM   1260 C  CB  . GLU A 1 238 ? 7.330   -11.855 16.716  1.00 22.01 ? 238 GLU A CB  1 
ATOM   1261 C  CG  . GLU A 1 238 ? 7.479   -10.346 16.752  1.00 20.45 ? 238 GLU A CG  1 
ATOM   1262 C  CD  . GLU A 1 238 ? 8.379   -9.836  15.634  1.00 30.61 ? 238 GLU A CD  1 
ATOM   1263 O  OE1 . GLU A 1 238 ? 9.569   -10.246 15.591  1.00 30.86 ? 238 GLU A OE1 1 
ATOM   1264 O  OE2 . GLU A 1 238 ? 7.892   -9.038  14.790  1.00 27.68 ? 238 GLU A OE2 1 
HETATM 1265 N  N   . MSE A 1 239 ? 4.245   -12.188 16.931  1.00 20.85 ? 239 MSE A N   1 
HETATM 1266 C  CA  . MSE A 1 239 ? 2.934   -11.562 16.895  1.00 23.22 ? 239 MSE A CA  1 
HETATM 1267 C  C   . MSE A 1 239 ? 2.139   -11.865 18.173  1.00 25.75 ? 239 MSE A C   1 
HETATM 1268 O  O   . MSE A 1 239 ? 1.426   -11.002 18.671  1.00 25.13 ? 239 MSE A O   1 
HETATM 1269 C  CB  . MSE A 1 239 ? 2.162   -11.948 15.639  1.00 22.45 ? 239 MSE A CB  1 
HETATM 1270 C  CG  . MSE A 1 239 ? 1.492   -13.290 15.714  1.00 27.91 ? 239 MSE A CG  1 
HETATM 1271 SE SE  . MSE A 1 239 ? 0.696   -13.791 14.005  1.00 50.40 ? 239 MSE A SE  1 
HETATM 1272 C  CE  . MSE A 1 239 ? -0.879  -12.629 13.989  1.00 28.28 ? 239 MSE A CE  1 
ATOM   1273 N  N   . LYS A 1 240 ? 2.287   -13.070 18.720  1.00 24.25 ? 240 LYS A N   1 
ATOM   1274 C  CA  . LYS A 1 240 ? 1.625   -13.381 19.986  1.00 26.41 ? 240 LYS A CA  1 
ATOM   1275 C  C   . LYS A 1 240 ? 2.169   -12.523 21.125  1.00 29.84 ? 240 LYS A C   1 
ATOM   1276 O  O   . LYS A 1 240 ? 1.403   -12.063 21.960  1.00 29.76 ? 240 LYS A O   1 
ATOM   1277 C  CB  . LYS A 1 240 ? 1.678   -14.877 20.321  1.00 20.61 ? 240 LYS A CB  1 
ATOM   1278 C  CG  . LYS A 1 240 ? 0.560   -15.676 19.646  1.00 20.08 ? 240 LYS A CG  1 
ATOM   1279 C  CD  . LYS A 1 240 ? 1.017   -17.064 19.237  1.00 22.89 ? 240 LYS A CD  1 
ATOM   1280 C  CE  . LYS A 1 240 ? 1.584   -17.821 20.411  1.00 28.86 ? 240 LYS A CE  1 
ATOM   1281 N  NZ  . LYS A 1 240 ? 2.161   -19.112 19.998  1.00 33.54 ? 240 LYS A NZ  1 
ATOM   1282 N  N   . GLU A 1 241 ? 3.477   -12.274 21.146  1.00 28.59 ? 241 GLU A N   1 
ATOM   1283 C  CA  . GLU A 1 241 ? 4.033   -11.403 22.171  1.00 26.24 ? 241 GLU A CA  1 
ATOM   1284 C  C   . GLU A 1 241 ? 3.456   -10.002 22.086  1.00 29.46 ? 241 GLU A C   1 
ATOM   1285 O  O   . GLU A 1 241 ? 3.201   -9.374  23.106  1.00 39.40 ? 241 GLU A O   1 
ATOM   1286 C  CB  . GLU A 1 241 ? 5.546   -11.317 22.066  1.00 28.44 ? 241 GLU A CB  1 
ATOM   1287 C  CG  . GLU A 1 241 ? 6.265   -12.615 22.273  1.00 33.05 ? 241 GLU A CG  1 
ATOM   1288 C  CD  . GLU A 1 241 ? 7.750   -12.390 22.489  1.00 56.14 ? 241 GLU A CD  1 
ATOM   1289 O  OE1 . GLU A 1 241 ? 8.124   -11.235 22.831  1.00 62.60 ? 241 GLU A OE1 1 
ATOM   1290 O  OE2 . GLU A 1 241 ? 8.540   -13.352 22.314  1.00 51.49 ? 241 GLU A OE2 1 
ATOM   1291 N  N   . LYS A 1 242 ? 3.255   -9.513  20.868  1.00 29.79 ? 242 LYS A N   1 
ATOM   1292 C  CA  . LYS A 1 242 ? 2.714   -8.171  20.659  1.00 27.41 ? 242 LYS A CA  1 
ATOM   1293 C  C   . LYS A 1 242 ? 1.204   -8.103  20.820  1.00 29.17 ? 242 LYS A C   1 
ATOM   1294 O  O   . LYS A 1 242 ? 0.607   -7.051  20.648  1.00 29.68 ? 242 LYS A O   1 
ATOM   1295 C  CB  . LYS A 1 242 ? 3.116   -7.632  19.286  1.00 22.31 ? 242 LYS A CB  1 
ATOM   1296 C  CG  . LYS A 1 242 ? 4.608   -7.464  19.164  1.00 28.66 ? 242 LYS A CG  1 
ATOM   1297 C  CD  . LYS A 1 242 ? 5.015   -6.853  17.841  1.00 37.75 ? 242 LYS A CD  1 
ATOM   1298 C  CE  . LYS A 1 242 ? 6.490   -6.477  17.884  1.00 41.22 ? 242 LYS A CE  1 
ATOM   1299 N  NZ  . LYS A 1 242 ? 6.854   -6.078  19.290  1.00 55.54 ? 242 LYS A NZ  1 
ATOM   1300 N  N   . GLY A 1 243 ? 0.579   -9.227  21.142  1.00 29.49 ? 243 GLY A N   1 
ATOM   1301 C  CA  . GLY A 1 243 ? -0.859  -9.245  21.297  1.00 25.40 ? 243 GLY A CA  1 
ATOM   1302 C  C   . GLY A 1 243 ? -1.627  -9.106  20.001  1.00 33.08 ? 243 GLY A C   1 
ATOM   1303 O  O   . GLY A 1 243 ? -2.834  -8.819  20.023  1.00 38.79 ? 243 GLY A O   1 
ATOM   1304 N  N   . ILE A 1 244 ? -0.945  -9.292  18.873  1.00 27.04 ? 244 ILE A N   1 
ATOM   1305 C  CA  . ILE A 1 244 ? -1.636  -9.401  17.599  1.00 28.06 ? 244 ILE A CA  1 
ATOM   1306 C  C   . ILE A 1 244 ? -2.144  -10.825 17.500  1.00 32.66 ? 244 ILE A C   1 
ATOM   1307 O  O   . ILE A 1 244 ? -1.360  -11.738 17.267  1.00 39.82 ? 244 ILE A O   1 
ATOM   1308 C  CB  . ILE A 1 244 ? -0.703  -9.195  16.422  1.00 30.51 ? 244 ILE A CB  1 
ATOM   1309 C  CG1 . ILE A 1 244 ? 0.095   -7.905  16.575  1.00 25.64 ? 244 ILE A CG1 1 
ATOM   1310 C  CG2 . ILE A 1 244 ? -1.506  -9.211  15.124  1.00 32.46 ? 244 ILE A CG2 1 
ATOM   1311 C  CD1 . ILE A 1 244 ? -0.699  -6.694  16.274  1.00 35.61 ? 244 ILE A CD1 1 
ATOM   1312 N  N   . VAL A 1 245 ? -3.440  -11.036 17.672  1.00 31.51 ? 245 VAL A N   1 
ATOM   1313 C  CA  . VAL A 1 245 ? -3.940  -12.400 17.798  1.00 31.24 ? 245 VAL A CA  1 
ATOM   1314 C  C   . VAL A 1 245 ? -4.063  -13.118 16.450  1.00 29.11 ? 245 VAL A C   1 
ATOM   1315 O  O   . VAL A 1 245 ? -4.721  -12.636 15.531  1.00 29.26 ? 245 VAL A O   1 
ATOM   1316 C  CB  . VAL A 1 245 ? -5.277  -12.426 18.542  1.00 29.38 ? 245 VAL A CB  1 
ATOM   1317 C  CG1 . VAL A 1 245 ? -6.169  -11.328 18.016  1.00 37.10 ? 245 VAL A CG1 1 
ATOM   1318 C  CG2 . VAL A 1 245 ? -5.932  -13.772 18.389  1.00 30.27 ? 245 VAL A CG2 1 
ATOM   1319 N  N   . PRO A 1 246 ? -3.419  -14.283 16.334  1.00 28.17 ? 246 PRO A N   1 
ATOM   1320 C  CA  . PRO A 1 246 ? -3.395  -15.049 15.084  1.00 32.76 ? 246 PRO A CA  1 
ATOM   1321 C  C   . PRO A 1 246 ? -4.782  -15.548 14.690  1.00 33.17 ? 246 PRO A C   1 
ATOM   1322 O  O   . PRO A 1 246 ? -5.671  -15.642 15.528  1.00 37.37 ? 246 PRO A O   1 
ATOM   1323 C  CB  . PRO A 1 246 ? -2.490  -16.239 15.420  1.00 27.14 ? 246 PRO A CB  1 
ATOM   1324 C  CG  . PRO A 1 246 ? -1.723  -15.816 16.605  1.00 29.58 ? 246 PRO A CG  1 
ATOM   1325 C  CD  . PRO A 1 246 ? -2.614  -14.919 17.386  1.00 29.87 ? 246 PRO A CD  1 
ATOM   1326 N  N   . ASP A 1 247 ? -4.965  -15.867 13.418  1.00 31.76 ? 247 ASP A N   1 
ATOM   1327 C  CA  . ASP A 1 247 ? -6.233  -16.408 12.976  1.00 28.52 ? 247 ASP A CA  1 
ATOM   1328 C  C   . ASP A 1 247 ? -6.066  -17.773 12.306  1.00 34.30 ? 247 ASP A C   1 
ATOM   1329 O  O   . ASP A 1 247 ? -4.976  -18.351 12.300  1.00 36.02 ? 247 ASP A O   1 
ATOM   1330 C  CB  . ASP A 1 247 ? -6.958  -15.413 12.064  1.00 32.35 ? 247 ASP A CB  1 
ATOM   1331 C  CG  . ASP A 1 247 ? -6.133  -14.992 10.846  1.00 42.18 ? 247 ASP A CG  1 
ATOM   1332 O  OD1 . ASP A 1 247 ? -5.193  -15.719 10.431  1.00 36.09 ? 247 ASP A OD1 1 
ATOM   1333 O  OD2 . ASP A 1 247 ? -6.449  -13.911 10.289  1.00 51.19 ? 247 ASP A OD2 1 
ATOM   1334 N  N   . VAL A 1 248 ? -7.145  -18.277 11.728  1.00 34.67 ? 248 VAL A N   1 
ATOM   1335 C  CA  . VAL A 1 248 ? -7.171  -19.643 11.240  1.00 26.39 ? 248 VAL A CA  1 
ATOM   1336 C  C   . VAL A 1 248 ? -6.168  -19.842 10.108  1.00 28.08 ? 248 VAL A C   1 
ATOM   1337 O  O   . VAL A 1 248 ? -5.491  -20.880 10.027  1.00 22.92 ? 248 VAL A O   1 
ATOM   1338 C  CB  . VAL A 1 248 ? -8.621  -20.047 10.849  1.00 29.21 ? 248 VAL A CB  1 
ATOM   1339 C  CG1 . VAL A 1 248 ? -9.292  -18.923 10.110  1.00 32.92 ? 248 VAL A CG1 1 
ATOM   1340 C  CG2 . VAL A 1 248 ? -8.650  -21.326 10.031  1.00 28.88 ? 248 VAL A CG2 1 
ATOM   1341 N  N   . VAL A 1 249 ? -6.038  -18.837 9.247   1.00 31.77 ? 249 VAL A N   1 
ATOM   1342 C  CA  . VAL A 1 249 ? -5.067  -18.955 8.153   1.00 32.81 ? 249 VAL A CA  1 
ATOM   1343 C  C   . VAL A 1 249 ? -3.628  -18.993 8.685   1.00 28.99 ? 249 VAL A C   1 
ATOM   1344 O  O   . VAL A 1 249 ? -2.760  -19.694 8.129   1.00 28.26 ? 249 VAL A O   1 
ATOM   1345 C  CB  . VAL A 1 249 ? -5.274  -17.894 6.997   1.00 32.54 ? 249 VAL A CB  1 
ATOM   1346 C  CG1 . VAL A 1 249 ? -6.070  -16.681 7.468   1.00 38.00 ? 249 VAL A CG1 1 
ATOM   1347 C  CG2 . VAL A 1 249 ? -3.955  -17.471 6.395   1.00 22.16 ? 249 VAL A CG2 1 
ATOM   1348 N  N   . THR A 1 250 ? -3.386  -18.277 9.783   1.00 27.94 ? 250 THR A N   1 
ATOM   1349 C  CA  . THR A 1 250 ? -2.064  -18.301 10.398  1.00 28.96 ? 250 THR A CA  1 
ATOM   1350 C  C   . THR A 1 250 ? -1.740  -19.737 10.747  1.00 26.93 ? 250 THR A C   1 
ATOM   1351 O  O   . THR A 1 250 ? -0.811  -20.335 10.189  1.00 26.73 ? 250 THR A O   1 
ATOM   1352 C  CB  . THR A 1 250 ? -1.990  -17.487 11.708  1.00 39.96 ? 250 THR A CB  1 
ATOM   1353 O  OG1 . THR A 1 250 ? -2.749  -16.265 11.602  1.00 36.25 ? 250 THR A OG1 1 
ATOM   1354 C  CG2 . THR A 1 250 ? -0.527  -17.193 12.056  1.00 24.96 ? 250 THR A CG2 1 
ATOM   1355 N  N   . TYR A 1 251 ? -2.545  -20.285 11.655  1.00 24.44 ? 251 TYR A N   1 
ATOM   1356 C  CA  . TYR A 1 251 ? -2.420  -21.667 12.107  1.00 21.92 ? 251 TYR A CA  1 
ATOM   1357 C  C   . TYR A 1 251 ? -2.407  -22.684 10.972  1.00 23.52 ? 251 TYR A C   1 
ATOM   1358 O  O   . TYR A 1 251 ? -1.563  -23.589 10.938  1.00 24.48 ? 251 TYR A O   1 
ATOM   1359 C  CB  . TYR A 1 251 ? -3.548  -21.996 13.082  1.00 22.71 ? 251 TYR A CB  1 
ATOM   1360 C  CG  . TYR A 1 251 ? -3.324  -21.478 14.479  1.00 20.69 ? 251 TYR A CG  1 
ATOM   1361 C  CD1 . TYR A 1 251 ? -2.506  -22.164 15.362  1.00 19.74 ? 251 TYR A CD1 1 
ATOM   1362 C  CD2 . TYR A 1 251 ? -3.937  -20.308 14.920  1.00 26.29 ? 251 TYR A CD2 1 
ATOM   1363 C  CE1 . TYR A 1 251 ? -2.292  -21.704 16.652  1.00 24.54 ? 251 TYR A CE1 1 
ATOM   1364 C  CE2 . TYR A 1 251 ? -3.734  -19.829 16.221  1.00 26.48 ? 251 TYR A CE2 1 
ATOM   1365 C  CZ  . TYR A 1 251 ? -2.904  -20.538 17.079  1.00 28.28 ? 251 TYR A CZ  1 
ATOM   1366 O  OH  . TYR A 1 251 ? -2.682  -20.099 18.365  1.00 30.01 ? 251 TYR A OH  1 
ATOM   1367 N  N   . THR A 1 252 ? -3.342  -22.540 10.041  1.00 25.51 ? 252 THR A N   1 
ATOM   1368 C  CA  . THR A 1 252 ? -3.431  -23.493 8.938   1.00 25.32 ? 252 THR A CA  1 
ATOM   1369 C  C   . THR A 1 252 ? -2.120  -23.557 8.167   1.00 25.73 ? 252 THR A C   1 
ATOM   1370 O  O   . THR A 1 252 ? -1.619  -24.654 7.879   1.00 26.38 ? 252 THR A O   1 
ATOM   1371 C  CB  . THR A 1 252 ? -4.646  -23.210 8.008   1.00 37.62 ? 252 THR A CB  1 
ATOM   1372 O  OG1 . THR A 1 252 ? -5.798  -23.937 8.471   1.00 31.00 ? 252 THR A OG1 1 
ATOM   1373 C  CG2 . THR A 1 252 ? -4.338  -23.634 6.580   1.00 41.18 ? 252 THR A CG2 1 
ATOM   1374 N  N   . THR A 1 253 ? -1.541  -22.384 7.879   1.00 31.15 ? 253 THR A N   1 
ATOM   1375 C  CA  . THR A 1 253 ? -0.228  -22.303 7.213   1.00 26.65 ? 253 THR A CA  1 
ATOM   1376 C  C   . THR A 1 253 ? 0.876   -23.013 7.985   1.00 26.60 ? 253 THR A C   1 
ATOM   1377 O  O   . THR A 1 253 ? 1.573   -23.873 7.451   1.00 27.94 ? 253 THR A O   1 
ATOM   1378 C  CB  . THR A 1 253 ? 0.240   -20.860 7.039   1.00 31.72 ? 253 THR A CB  1 
ATOM   1379 O  OG1 . THR A 1 253 ? -0.800  -20.072 6.444   1.00 38.29 ? 253 THR A OG1 1 
ATOM   1380 C  CG2 . THR A 1 253 ? 1.476   -20.823 6.170   1.00 25.48 ? 253 THR A CG2 1 
ATOM   1381 N  N   . LEU A 1 254 ? 1.043   -22.643 9.249   1.00 24.65 ? 254 LEU A N   1 
ATOM   1382 C  CA  . LEU A 1 254 ? 2.071   -23.263 10.070  1.00 24.27 ? 254 LEU A CA  1 
ATOM   1383 C  C   . LEU A 1 254 ? 1.864   -24.759 10.262  1.00 27.72 ? 254 LEU A C   1 
ATOM   1384 O  O   . LEU A 1 254 ? 2.825   -25.538 10.229  1.00 29.31 ? 254 LEU A O   1 
ATOM   1385 C  CB  . LEU A 1 254 ? 2.130   -22.589 11.432  1.00 23.58 ? 254 LEU A CB  1 
ATOM   1386 C  CG  . LEU A 1 254 ? 2.689   -21.181 11.436  1.00 22.13 ? 254 LEU A CG  1 
ATOM   1387 C  CD1 . LEU A 1 254 ? 2.376   -20.574 12.777  1.00 24.52 ? 254 LEU A CD1 1 
ATOM   1388 C  CD2 . LEU A 1 254 ? 4.195   -21.192 11.159  1.00 13.58 ? 254 LEU A CD2 1 
ATOM   1389 N  N   . ILE A 1 255 ? 0.615   -25.162 10.487  1.00 29.58 ? 255 ILE A N   1 
ATOM   1390 C  CA  . ILE A 1 255 ? 0.327   -26.577 10.695  1.00 28.20 ? 255 ILE A CA  1 
ATOM   1391 C  C   . ILE A 1 255 ? 0.619   -27.335 9.408   1.00 26.14 ? 255 ILE A C   1 
ATOM   1392 O  O   . ILE A 1 255 ? 1.248   -28.384 9.430   1.00 27.27 ? 255 ILE A O   1 
ATOM   1393 C  CB  . ILE A 1 255 ? -1.100  -26.798 11.218  1.00 27.51 ? 255 ILE A CB  1 
ATOM   1394 C  CG1 . ILE A 1 255 ? -1.196  -26.286 12.660  1.00 26.21 ? 255 ILE A CG1 1 
ATOM   1395 C  CG2 . ILE A 1 255 ? -1.477  -28.269 11.150  1.00 25.17 ? 255 ILE A CG2 1 
ATOM   1396 C  CD1 . ILE A 1 255 ? -2.546  -26.467 13.311  1.00 26.01 ? 255 ILE A CD1 1 
ATOM   1397 N  N   . SER A 1 256 ? 0.217   -26.759 8.283   1.00 26.96 ? 256 SER A N   1 
ATOM   1398 C  CA  . SER A 1 256 ? 0.584   -27.313 6.992   1.00 32.26 ? 256 SER A CA  1 
ATOM   1399 C  C   . SER A 1 256 ? 2.099   -27.499 6.843   1.00 37.85 ? 256 SER A C   1 
ATOM   1400 O  O   . SER A 1 256 ? 2.567   -28.605 6.578   1.00 38.63 ? 256 SER A O   1 
ATOM   1401 C  CB  . SER A 1 256 ? 0.064   -26.438 5.867   1.00 34.66 ? 256 SER A CB  1 
ATOM   1402 O  OG  . SER A 1 256 ? 0.656   -26.868 4.657   1.00 47.86 ? 256 SER A OG  1 
ATOM   1403 N  N   . GLY A 1 257 ? 2.851   -26.412 7.020   1.00 38.57 ? 257 GLY A N   1 
ATOM   1404 C  CA  . GLY A 1 257 ? 4.305   -26.452 7.018   1.00 30.99 ? 257 GLY A CA  1 
ATOM   1405 C  C   . GLY A 1 257 ? 4.897   -27.494 7.949   1.00 35.25 ? 257 GLY A C   1 
ATOM   1406 O  O   . GLY A 1 257 ? 5.650   -28.353 7.519   1.00 42.21 ? 257 GLY A O   1 
ATOM   1407 N  N   . LEU A 1 258 ? 4.563   -27.438 9.229   1.00 32.10 ? 258 LEU A N   1 
ATOM   1408 C  CA  . LEU A 1 258 ? 5.056   -28.451 10.158  1.00 38.53 ? 258 LEU A CA  1 
ATOM   1409 C  C   . LEU A 1 258 ? 4.664   -29.874 9.745   1.00 50.68 ? 258 LEU A C   1 
ATOM   1410 O  O   . LEU A 1 258 ? 5.362   -30.849 10.063  1.00 48.80 ? 258 LEU A O   1 
ATOM   1411 C  CB  . LEU A 1 258 ? 4.485   -28.186 11.538  1.00 38.29 ? 258 LEU A CB  1 
ATOM   1412 C  CG  . LEU A 1 258 ? 5.075   -26.995 12.263  1.00 41.47 ? 258 LEU A CG  1 
ATOM   1413 C  CD1 . LEU A 1 258 ? 4.171   -26.636 13.421  1.00 31.96 ? 258 LEU A CD1 1 
ATOM   1414 C  CD2 . LEU A 1 258 ? 6.469   -27.373 12.748  1.00 38.83 ? 258 LEU A CD2 1 
ATOM   1415 N  N   . GLY A 1 259 ? 3.525   -29.988 9.061   1.00 43.27 ? 259 GLY A N   1 
ATOM   1416 C  CA  . GLY A 1 259 ? 2.988   -31.281 8.699   1.00 42.56 ? 259 GLY A CA  1 
ATOM   1417 C  C   . GLY A 1 259 ? 3.822   -31.962 7.637   1.00 50.48 ? 259 GLY A C   1 
ATOM   1418 O  O   . GLY A 1 259 ? 4.240   -33.110 7.798   1.00 53.96 ? 259 GLY A O   1 
ATOM   1419 N  N   . LYS A 1 260 ? 4.052   -31.256 6.537   1.00 40.93 ? 260 LYS A N   1 
ATOM   1420 C  CA  . LYS A 1 260 ? 4.824   -31.811 5.444   1.00 47.04 ? 260 LYS A CA  1 
ATOM   1421 C  C   . LYS A 1 260 ? 6.225   -31.218 5.446   1.00 53.53 ? 260 LYS A C   1 
ATOM   1422 O  O   . LYS A 1 260 ? 6.651   -30.616 4.455   1.00 48.46 ? 260 LYS A O   1 
ATOM   1423 C  CB  . LYS A 1 260 ? 4.117   -31.577 4.102   1.00 52.87 ? 260 LYS A CB  1 
ATOM   1424 C  CG  . LYS A 1 260 ? 3.447   -30.210 3.938   1.00 56.36 ? 260 LYS A CG  1 
ATOM   1425 C  CD  . LYS A 1 260 ? 2.602   -30.145 2.647   1.00 58.36 ? 260 LYS A CD  1 
ATOM   1426 C  CE  . LYS A 1 260 ? 1.343   -29.282 2.819   1.00 63.32 ? 260 LYS A CE  1 
ATOM   1427 N  NZ  . LYS A 1 260 ? 0.421   -29.786 3.911   1.00 54.77 ? 260 LYS A NZ  1 
ATOM   1428 N  N   . ALA A 1 261 ? 6.918   -31.385 6.577   1.00 54.67 ? 261 ALA A N   1 
ATOM   1429 C  CA  . ALA A 1 261 ? 8.282   -30.867 6.781   1.00 58.23 ? 261 ALA A CA  1 
ATOM   1430 C  C   . ALA A 1 261 ? 8.865   -31.288 8.134   1.00 54.30 ? 261 ALA A C   1 
ATOM   1431 O  O   . ALA A 1 261 ? 8.903   -32.478 8.470   1.00 43.28 ? 261 ALA A O   1 
ATOM   1432 C  CB  . ALA A 1 261 ? 8.336   -29.333 6.634   1.00 41.84 ? 261 ALA A CB  1 
HETATM 1433 CA CA  . CA  B 2 .   ? 11.224  9.255   -7.944  1.00 48.56 ? 401 CA  A CA  1 
HETATM 1434 O  O   . HOH C 3 .   ? 14.601  -19.562 16.066  1.00 31.00 ? 501 HOH A O   1 
HETATM 1435 O  O   . HOH C 3 .   ? 3.752   0.557   -13.590 1.00 22.27 ? 502 HOH A O   1 
HETATM 1436 O  O   . HOH C 3 .   ? 13.033  -4.136  13.082  1.00 34.05 ? 503 HOH A O   1 
HETATM 1437 O  O   . HOH C 3 .   ? 14.462  -18.169 7.103   1.00 25.58 ? 504 HOH A O   1 
HETATM 1438 O  O   . HOH C 3 .   ? 10.740  -13.536 21.018  1.00 45.75 ? 505 HOH A O   1 
HETATM 1439 O  O   . HOH C 3 .   ? 3.617   8.840   -15.852 1.00 38.07 ? 506 HOH A O   1 
HETATM 1440 O  O   . HOH C 3 .   ? 10.590  -10.607 17.965  1.00 36.63 ? 507 HOH A O   1 
HETATM 1441 O  O   . HOH C 3 .   ? 5.126   23.320  -13.291 1.00 40.24 ? 508 HOH A O   1 
HETATM 1442 O  O   . HOH C 3 .   ? 17.571  -8.932  3.142   1.00 41.76 ? 509 HOH A O   1 
HETATM 1443 O  O   . HOH C 3 .   ? 4.556   16.595  -11.842 1.00 26.92 ? 510 HOH A O   1 
HETATM 1444 O  O   . HOH C 3 .   ? 12.510  3.810   -6.154  1.00 32.93 ? 511 HOH A O   1 
HETATM 1445 O  O   . HOH C 3 .   ? -2.061  -17.563 19.132  1.00 43.08 ? 512 HOH A O   1 
HETATM 1446 O  O   . HOH C 3 .   ? 13.940  8.013   -1.241  1.00 55.50 ? 513 HOH A O   1 
HETATM 1447 O  O   . HOH C 3 .   ? 12.704  -11.183 11.729  1.00 42.42 ? 514 HOH A O   1 
HETATM 1448 O  O   . HOH C 3 .   ? 10.149  11.161  -7.141  1.00 33.57 ? 515 HOH A O   1 
HETATM 1449 O  O   . HOH C 3 .   ? 14.337  3.299   15.634  1.00 38.43 ? 516 HOH A O   1 
HETATM 1450 O  O   . HOH C 3 .   ? 11.066  -12.786 15.583  1.00 36.69 ? 517 HOH A O   1 
HETATM 1451 O  O   . HOH C 3 .   ? 14.098  -25.237 5.950   1.00 41.71 ? 518 HOH A O   1 
HETATM 1452 O  O   . HOH C 3 .   ? 13.881  -23.871 3.920   1.00 36.29 ? 519 HOH A O   1 
HETATM 1453 O  O   . HOH C 3 .   ? 1.734   -6.176  -13.376 1.00 33.59 ? 520 HOH A O   1 
HETATM 1454 O  O   . HOH C 3 .   ? -9.536  29.638  -5.812  1.00 30.84 ? 521 HOH A O   1 
HETATM 1455 O  O   . HOH C 3 .   ? 6.264   9.698   -10.004 1.00 53.60 ? 522 HOH A O   1 
HETATM 1456 O  O   . HOH C 3 .   ? 4.738   -7.004  -13.004 1.00 36.53 ? 523 HOH A O   1 
HETATM 1457 O  O   . HOH C 3 .   ? 14.390  -10.725 10.474  1.00 37.06 ? 524 HOH A O   1 
HETATM 1458 O  O   . HOH C 3 .   ? -20.538 31.194  -12.243 1.00 40.34 ? 525 HOH A O   1 
HETATM 1459 O  O   . HOH C 3 .   ? 7.643   -7.585  -9.521  1.00 36.12 ? 526 HOH A O   1 
HETATM 1460 O  O   . HOH C 3 .   ? 14.994  -1.508  8.803   1.00 23.17 ? 527 HOH A O   1 
HETATM 1461 O  O   . HOH C 3 .   ? 1.015   16.834  -15.334 1.00 24.62 ? 528 HOH A O   1 
HETATM 1462 O  O   . HOH C 3 .   ? 5.325   8.010   -11.344 1.00 37.16 ? 529 HOH A O   1 
HETATM 1463 O  O   . HOH C 3 .   ? 15.132  1.280   8.985   1.00 26.52 ? 530 HOH A O   1 
HETATM 1464 O  O   . HOH C 3 .   ? -4.297  -6.584  14.110  1.00 20.61 ? 531 HOH A O   1 
HETATM 1465 O  O   . HOH C 3 .   ? 9.612   7.745   6.787   1.00 30.05 ? 532 HOH A O   1 
HETATM 1466 O  O   . HOH C 3 .   ? -5.170  5.664   4.082   1.00 30.79 ? 533 HOH A O   1 
HETATM 1467 O  O   . HOH C 3 .   ? 0.945   9.652   8.132   1.00 30.88 ? 534 HOH A O   1 
HETATM 1468 O  O   . HOH C 3 .   ? -8.416  25.828  -1.221  1.00 27.64 ? 535 HOH A O   1 
HETATM 1469 O  O   . HOH C 3 .   ? -1.251  7.938   8.019   1.00 33.38 ? 536 HOH A O   1 
HETATM 1470 O  O   . HOH C 3 .   ? -4.867  -8.476  17.170  1.00 35.79 ? 537 HOH A O   1 
HETATM 1471 O  O   . HOH C 3 .   ? 11.193  -14.988 -2.848  1.00 41.09 ? 538 HOH A O   1 
HETATM 1472 O  O   . HOH C 3 .   ? -1.393  -1.715  13.106  1.00 27.80 ? 539 HOH A O   1 
HETATM 1473 O  O   . HOH C 3 .   ? -1.441  18.904  1.703   1.00 35.05 ? 540 HOH A O   1 
HETATM 1474 O  O   . HOH C 3 .   ? -7.978  27.050  -3.863  1.00 37.67 ? 541 HOH A O   1 
HETATM 1475 O  O   . HOH C 3 .   ? 3.998   13.548  6.945   1.00 40.41 ? 542 HOH A O   1 
HETATM 1476 O  O   . HOH C 3 .   ? 2.073   -8.557  -6.867  1.00 35.16 ? 543 HOH A O   1 
HETATM 1477 O  O   . HOH C 3 .   ? 12.876  -10.377 -2.887  1.00 34.94 ? 544 HOH A O   1 
HETATM 1478 O  O   . HOH C 3 .   ? 13.202  -13.632 -1.876  1.00 35.09 ? 545 HOH A O   1 
HETATM 1479 O  O   . HOH C 3 .   ? 12.661  5.065   14.139  1.00 41.92 ? 546 HOH A O   1 
HETATM 1480 O  O   . HOH C 3 .   ? -7.086  -0.477  -4.537  1.00 32.37 ? 547 HOH A O   1 
HETATM 1481 O  O   . HOH C 3 .   ? -9.796  31.692  -7.788  1.00 38.26 ? 548 HOH A O   1 
HETATM 1482 O  O   . HOH C 3 .   ? -0.765  22.202  -1.501  1.00 32.74 ? 549 HOH A O   1 
HETATM 1483 O  O   . HOH C 3 .   ? 2.511   4.148   14.381  1.00 30.25 ? 550 HOH A O   1 
HETATM 1484 O  O   . HOH C 3 .   ? 1.266   2.080   13.578  1.00 43.15 ? 551 HOH A O   1 
HETATM 1485 O  O   . HOH C 3 .   ? -3.042  17.841  3.016   1.00 39.11 ? 552 HOH A O   1 
HETATM 1486 O  O   . HOH C 3 .   ? 1.736   12.190  6.786   1.00 37.00 ? 553 HOH A O   1 
HETATM 1487 O  O   . HOH C 3 .   ? -1.110  21.391  1.123   1.00 36.81 ? 554 HOH A O   1 
HETATM 1488 O  O   . HOH C 3 .   ? -0.132  24.526  -2.638  1.00 35.80 ? 555 HOH A O   1 
HETATM 1489 O  O   . HOH C 3 .   ? -15.970 5.763   -14.011 1.00 47.28 ? 556 HOH A O   1 
HETATM 1490 O  O   . HOH C 3 .   ? -5.897  -3.840  12.788  1.00 42.60 ? 557 HOH A O   1 
HETATM 1491 O  O   . HOH C 3 .   ? -3.744  -8.181  -10.564 1.00 48.12 ? 558 HOH A O   1 
HETATM 1492 O  O   . HOH C 3 .   ? 13.627  4.830   5.089   1.00 40.43 ? 559 HOH A O   1 
HETATM 1493 O  O   . HOH C 3 .   ? -9.716  5.284   -1.951  1.00 48.16 ? 560 HOH A O   1 
HETATM 1494 O  O   . HOH C 3 .   ? -5.912  25.114  -12.129 1.00 32.34 ? 561 HOH A O   1 
HETATM 1495 O  O   . HOH C 3 .   ? -5.351  13.817  0.290   1.00 40.04 ? 562 HOH A O   1 
HETATM 1496 O  O   . HOH C 3 .   ? -7.694  4.915   -16.286 1.00 27.17 ? 563 HOH A O   1 
HETATM 1497 O  O   . HOH C 3 .   ? -5.664  2.281   -15.670 1.00 34.34 ? 564 HOH A O   1 
HETATM 1498 O  O   . HOH C 3 .   ? -3.040  -0.895  -14.347 1.00 30.64 ? 565 HOH A O   1 
HETATM 1499 O  O   . HOH C 3 .   ? -0.252  13.760  5.036   1.00 33.95 ? 566 HOH A O   1 
HETATM 1500 O  O   . HOH C 3 .   ? 0.094   3.655   10.930  1.00 35.72 ? 567 HOH A O   1 
HETATM 1501 O  O   . HOH C 3 .   ? -4.012  -1.944  11.667  1.00 35.58 ? 568 HOH A O   1 
HETATM 1502 O  O   . HOH C 3 .   ? 9.644   -13.152 -6.583  1.00 45.58 ? 569 HOH A O   1 
HETATM 1503 O  O   . HOH C 3 .   ? -5.481  -6.224  11.761  1.00 38.52 ? 570 HOH A O   1 
HETATM 1504 O  O   . HOH C 3 .   ? 12.680  -17.527 0.032   1.00 24.85 ? 571 HOH A O   1 
HETATM 1505 O  O   . HOH C 3 .   ? 11.511  -20.734 15.495  1.00 25.86 ? 572 HOH A O   1 
HETATM 1506 O  O   . HOH C 3 .   ? -7.753  -11.904 12.302  1.00 38.55 ? 573 HOH A O   1 
# 
